data_9E3N
#
_entry.id   9E3N
#
_cell.length_a   1.00
_cell.length_b   1.00
_cell.length_c   1.00
_cell.angle_alpha   90.00
_cell.angle_beta   90.00
_cell.angle_gamma   90.00
#
_symmetry.space_group_name_H-M   'P 1'
#
loop_
_entity.id
_entity.type
_entity.pdbx_description
1 polymer 'P2X purinoceptor 7'
2 non-polymer 2-acetamido-2-deoxy-beta-D-glucopyranose
3 non-polymer "GUANOSINE-5'-DIPHOSPHATE"
4 non-polymer 'ZINC ION'
5 non-polymer 'PALMITIC ACID'
6 non-polymer "ADENOSINE-5'-TRIPHOSPHATE"
7 water water
#
_entity_poly.entity_id   1
_entity_poly.type   'polypeptide(L)'
_entity_poly.pdbx_seq_one_letter_code
;MPACCSCSDVFQYETNKVTRIQSMNYGTIKWFFHVIIFSYVCFALVSDKLYQRKEPVISSVHTKVKGIAEVKEEIVENGV
KKLVHSVFDTADYTFPLQGNSFFVMTNFLKTEGQEQRLCPEYPTRRTLCSSDRGCKKGWMDPQSKGIQTGRCVVYEGNQK
TCEVSAWCPIEAVEEAPRPALLNSAENFTVLIKNNIDFPGHNYTTRNILPGLNITCTFHKTQNPQCPIFRLGDIFRETGD
NFSDVAIQGGIMGIEIYWDCNLDRWFHHCRPKYSFRRLDDKTTNVSLYPGYNFRYAKYYKENNVEKRTLIKVFGIRFDIL
VFGTGGKFDIIQLVVYIGSTLSYFGLAAVFIDFLIDTYSSNCCRSHIYPWCKCCQPCVVNEYYYRKKCESIVEPKPTLKY
VSFVDESHIRMVNQQLLGRSLQDVKGQEVPRPAMDFTDLSRLPLALHDTPPIPGQPEEIQLLRKEATPRSRDSPVWCQCG
SCLPSQLPESHRCLEELCCRKKPGACITTSELFRKLVLSRHVLQFLLLYQEPLLALDVDSTNSRLRHCAYRCYATWRFGS
QDMADFAILPSCCRWRIRKEFPKSEGQYSGFKSPY
;
_entity_poly.pdbx_strand_id   A,C,B
#
# COMPACT_ATOMS: atom_id res chain seq x y z
N CYS A 4 -17.81 0.54 -35.68
CA CYS A 4 -17.64 -0.88 -35.25
C CYS A 4 -18.29 -1.07 -33.88
N CYS A 5 -18.48 0.02 -33.13
CA CYS A 5 -19.05 -0.08 -31.76
C CYS A 5 -20.57 -0.20 -31.83
N SER A 6 -21.18 -0.80 -30.81
CA SER A 6 -22.66 -0.95 -30.77
C SER A 6 -23.11 -1.11 -29.33
N CYS A 7 -24.39 -0.88 -29.04
CA CYS A 7 -24.89 -1.12 -27.67
C CYS A 7 -24.61 -2.59 -27.33
N SER A 8 -24.38 -3.42 -28.34
CA SER A 8 -24.03 -4.81 -28.07
C SER A 8 -22.59 -4.93 -27.58
N ASP A 9 -21.67 -4.21 -28.23
CA ASP A 9 -20.29 -4.20 -27.75
C ASP A 9 -20.18 -3.58 -26.37
N VAL A 10 -21.00 -2.57 -26.08
CA VAL A 10 -20.97 -1.95 -24.76
C VAL A 10 -21.39 -2.95 -23.69
N PHE A 11 -22.47 -3.68 -23.93
CA PHE A 11 -23.05 -4.55 -22.91
C PHE A 11 -22.60 -6.00 -23.12
N GLN A 12 -21.34 -6.25 -22.80
CA GLN A 12 -20.74 -7.56 -23.00
C GLN A 12 -19.75 -7.83 -21.87
N TYR A 13 -19.82 -9.02 -21.31
CA TYR A 13 -19.04 -9.38 -20.13
C TYR A 13 -18.02 -10.46 -20.46
N GLU A 14 -16.80 -10.28 -19.96
CA GLU A 14 -15.71 -11.22 -20.19
C GLU A 14 -15.53 -12.08 -18.94
N THR A 15 -15.71 -13.38 -19.06
CA THR A 15 -15.46 -14.30 -17.97
C THR A 15 -14.54 -15.41 -18.45
N ASN A 16 -13.56 -15.77 -17.62
CA ASN A 16 -12.55 -16.73 -18.00
C ASN A 16 -13.13 -18.15 -17.98
N LYS A 17 -12.75 -18.94 -18.98
CA LYS A 17 -13.08 -20.36 -18.96
C LYS A 17 -12.18 -21.06 -17.96
N VAL A 18 -12.80 -21.81 -17.04
CA VAL A 18 -12.07 -22.54 -16.01
C VAL A 18 -12.42 -24.02 -16.13
N THR A 19 -11.49 -24.86 -15.69
CA THR A 19 -11.72 -26.29 -15.58
C THR A 19 -11.60 -26.65 -14.11
N ARG A 20 -12.72 -27.11 -13.54
CA ARG A 20 -12.77 -27.39 -12.08
C ARG A 20 -12.14 -28.75 -11.79
N ILE A 21 -10.90 -28.76 -11.29
CA ILE A 21 -10.20 -30.03 -10.95
C ILE A 21 -10.79 -30.57 -9.64
N GLN A 22 -11.06 -31.87 -9.57
CA GLN A 22 -11.67 -32.48 -8.35
C GLN A 22 -10.55 -33.02 -7.45
N SER A 23 -9.29 -32.73 -7.79
CA SER A 23 -8.15 -33.26 -7.00
C SER A 23 -8.31 -32.89 -5.52
N MET A 24 -8.27 -33.89 -4.63
CA MET A 24 -8.36 -33.63 -3.18
C MET A 24 -7.09 -32.91 -2.73
N ASN A 25 -5.93 -33.34 -3.23
CA ASN A 25 -4.64 -32.73 -2.84
C ASN A 25 -4.68 -31.23 -3.17
N TYR A 26 -5.13 -30.88 -4.38
CA TYR A 26 -5.20 -29.45 -4.80
C TYR A 26 -6.22 -28.73 -3.92
N GLY A 27 -7.31 -29.41 -3.56
CA GLY A 27 -8.27 -28.82 -2.65
C GLY A 27 -7.68 -28.57 -1.27
N THR A 28 -6.90 -29.53 -0.75
CA THR A 28 -6.21 -29.31 0.51
C THR A 28 -5.31 -28.09 0.45
N ILE A 29 -4.49 -28.00 -0.60
CA ILE A 29 -3.54 -26.90 -0.71
C ILE A 29 -4.27 -25.56 -0.81
N LYS A 30 -5.31 -25.51 -1.66
CA LYS A 30 -6.05 -24.27 -1.86
C LYS A 30 -6.74 -23.82 -0.57
N TRP A 31 -7.39 -24.75 0.13
CA TRP A 31 -8.09 -24.38 1.35
C TRP A 31 -7.11 -23.99 2.44
N PHE A 32 -5.96 -24.67 2.53
CA PHE A 32 -4.96 -24.27 3.51
C PHE A 32 -4.48 -22.86 3.25
N PHE A 33 -4.15 -22.55 1.99
CA PHE A 33 -3.69 -21.20 1.66
C PHE A 33 -4.75 -20.16 1.99
N HIS A 34 -5.99 -20.43 1.59
CA HIS A 34 -7.08 -19.44 1.82
C HIS A 34 -7.29 -19.25 3.32
N VAL A 35 -7.29 -20.34 4.08
CA VAL A 35 -7.56 -20.25 5.51
C VAL A 35 -6.45 -19.49 6.22
N ILE A 36 -5.18 -19.77 5.90
CA ILE A 36 -4.10 -19.08 6.59
C ILE A 36 -4.07 -17.60 6.19
N ILE A 37 -4.34 -17.30 4.92
CA ILE A 37 -4.38 -15.86 4.50
C ILE A 37 -5.54 -15.17 5.24
N PHE A 38 -6.73 -15.77 5.25
CA PHE A 38 -7.89 -15.17 5.96
C PHE A 38 -7.60 -15.05 7.45
N SER A 39 -7.05 -16.11 8.05
CA SER A 39 -6.78 -16.08 9.51
C SER A 39 -5.77 -14.98 9.82
N TYR A 40 -4.72 -14.85 9.00
CA TYR A 40 -3.71 -13.79 9.19
C TYR A 40 -4.33 -12.40 8.99
N VAL A 41 -5.01 -12.18 7.86
CA VAL A 41 -5.53 -10.82 7.55
C VAL A 41 -6.62 -10.43 8.56
N CYS A 42 -7.45 -11.37 8.99
CA CYS A 42 -8.46 -11.06 10.05
C CYS A 42 -7.73 -10.61 11.31
N PHE A 43 -6.61 -11.27 11.64
CA PHE A 43 -5.81 -10.86 12.83
C PHE A 43 -5.31 -9.43 12.63
N ALA A 44 -4.57 -9.19 11.55
CA ALA A 44 -4.03 -7.84 11.27
C ALA A 44 -5.14 -6.79 11.47
N LEU A 45 -6.38 -7.14 11.15
CA LEU A 45 -7.50 -6.17 11.25
C LEU A 45 -7.83 -5.97 12.74
N VAL A 46 -7.90 -7.07 13.48
CA VAL A 46 -8.27 -6.96 14.90
C VAL A 46 -7.12 -6.36 15.70
N SER A 47 -5.90 -6.88 15.50
CA SER A 47 -4.77 -6.47 16.32
C SER A 47 -4.34 -5.04 16.02
N ASP A 48 -4.19 -4.71 14.75
CA ASP A 48 -3.67 -3.39 14.36
C ASP A 48 -4.75 -2.35 14.16
N LYS A 49 -6.02 -2.72 14.35
CA LYS A 49 -7.15 -1.80 14.21
C LYS A 49 -7.12 -1.11 12.84
N LEU A 50 -6.90 -1.91 11.80
CA LEU A 50 -6.81 -1.39 10.44
C LEU A 50 -8.15 -0.92 9.90
N TYR A 51 -9.24 -1.18 10.62
CA TYR A 51 -10.57 -0.73 10.24
C TYR A 51 -10.87 0.69 10.74
N GLN A 52 -9.96 1.29 11.51
CA GLN A 52 -10.17 2.61 12.09
C GLN A 52 -9.29 3.64 11.40
N ARG A 53 -9.82 4.85 11.27
CA ARG A 53 -9.00 6.01 10.96
C ARG A 53 -8.32 6.47 12.23
N LYS A 54 -7.01 6.68 12.17
CA LYS A 54 -6.19 6.96 13.34
C LYS A 54 -5.55 8.34 13.20
N GLU A 55 -5.52 9.08 14.30
CA GLU A 55 -4.96 10.42 14.34
C GLU A 55 -3.97 10.53 15.49
N PRO A 56 -2.84 11.22 15.28
CA PRO A 56 -1.89 11.42 16.38
C PRO A 56 -2.39 12.45 17.37
N VAL A 57 -1.86 12.36 18.58
CA VAL A 57 -2.25 13.26 19.66
C VAL A 57 -1.66 14.64 19.43
N ILE A 58 -2.31 15.66 19.98
CA ILE A 58 -1.79 17.01 20.04
C ILE A 58 -1.60 17.33 21.52
N SER A 59 -0.41 17.06 22.04
CA SER A 59 -0.19 17.10 23.48
C SER A 59 0.31 18.47 23.92
N SER A 60 0.21 18.71 25.23
CA SER A 60 0.68 19.95 25.86
C SER A 60 0.95 19.62 27.32
N VAL A 61 2.23 19.61 27.71
CA VAL A 61 2.65 19.15 29.03
C VAL A 61 2.99 20.36 29.90
N HIS A 62 2.53 20.33 31.15
CA HIS A 62 2.94 21.30 32.15
C HIS A 62 3.39 20.55 33.39
N THR A 63 4.60 20.84 33.86
CA THR A 63 5.22 20.11 34.95
C THR A 63 5.50 21.05 36.12
N LYS A 64 5.30 20.57 37.35
CA LYS A 64 5.68 21.30 38.56
C LYS A 64 6.42 20.36 39.47
N VAL A 65 7.62 20.74 39.91
CA VAL A 65 8.41 19.94 40.84
C VAL A 65 8.23 20.50 42.23
N LYS A 66 7.94 19.64 43.20
CA LYS A 66 7.89 19.98 44.62
C LYS A 66 8.95 19.20 45.36
N GLY A 67 9.50 19.81 46.38
CA GLY A 67 10.51 19.22 47.23
C GLY A 67 11.55 20.26 47.53
N ILE A 68 12.19 20.12 48.68
CA ILE A 68 13.23 21.03 49.14
C ILE A 68 14.44 20.22 49.57
N ALA A 69 15.62 20.81 49.45
CA ALA A 69 16.86 20.11 49.75
C ALA A 69 17.69 20.92 50.73
N GLU A 70 18.30 20.23 51.69
CA GLU A 70 19.23 20.85 52.63
C GLU A 70 20.63 20.70 52.06
N VAL A 71 21.17 21.78 51.50
CA VAL A 71 22.48 21.77 50.87
C VAL A 71 23.52 22.20 51.89
N LYS A 72 24.59 21.40 52.03
CA LYS A 72 25.64 21.64 53.00
C LYS A 72 26.89 22.10 52.24
N GLU A 73 26.98 23.41 52.04
CA GLU A 73 28.07 23.99 51.26
C GLU A 73 28.98 24.85 52.12
N VAL A 84 28.23 26.08 56.43
CA VAL A 84 26.98 26.79 56.17
C VAL A 84 25.97 25.86 55.50
N HIS A 85 24.73 25.92 55.97
CA HIS A 85 23.65 25.09 55.45
C HIS A 85 22.59 25.99 54.84
N SER A 86 22.18 25.69 53.62
CA SER A 86 21.15 26.44 52.92
C SER A 86 20.03 25.50 52.49
N VAL A 87 18.90 26.07 52.09
CA VAL A 87 17.71 25.32 51.72
C VAL A 87 17.33 25.70 50.29
N PHE A 88 17.09 24.69 49.47
CA PHE A 88 16.77 24.88 48.06
C PHE A 88 15.31 24.48 47.83
N ASP A 89 14.53 25.42 47.29
CA ASP A 89 13.13 25.25 46.96
C ASP A 89 13.00 25.02 45.46
N THR A 90 11.75 25.00 44.97
CA THR A 90 11.51 24.78 43.55
C THR A 90 12.20 25.86 42.71
N ALA A 91 12.10 27.12 43.14
CA ALA A 91 12.70 28.22 42.40
C ALA A 91 14.22 28.15 42.36
N ASP A 92 14.84 27.29 43.15
CA ASP A 92 16.29 27.22 43.28
C ASP A 92 16.93 26.15 42.40
N TYR A 93 16.32 24.98 42.27
CA TYR A 93 16.91 23.91 41.47
C TYR A 93 16.28 23.75 40.10
N THR A 94 15.03 24.15 39.92
CA THR A 94 14.39 24.06 38.61
C THR A 94 14.69 25.31 37.80
N PHE A 95 14.95 25.10 36.52
CA PHE A 95 15.33 26.16 35.60
C PHE A 95 14.22 26.43 34.60
N PRO A 96 14.17 27.64 34.03
CA PRO A 96 13.00 28.01 33.22
C PRO A 96 12.88 27.21 31.94
N LEU A 97 12.52 25.93 32.06
CA LEU A 97 12.25 25.06 30.93
C LEU A 97 10.76 24.75 30.93
N GLN A 98 10.00 25.51 30.15
CA GLN A 98 8.57 25.29 30.02
C GLN A 98 8.30 24.40 28.82
N GLY A 99 7.45 23.38 29.02
CA GLY A 99 7.12 22.49 27.94
C GLY A 99 7.37 21.03 28.27
N ASN A 100 7.83 20.26 27.29
CA ASN A 100 8.00 18.83 27.46
C ASN A 100 9.11 18.52 28.46
N SER A 101 10.28 19.11 28.28
CA SER A 101 11.41 18.82 29.15
C SER A 101 11.41 19.71 30.38
N PHE A 102 11.99 19.20 31.45
CA PHE A 102 12.26 20.01 32.64
C PHE A 102 13.57 19.54 33.26
N PHE A 103 14.19 20.43 34.02
CA PHE A 103 15.52 20.22 34.57
C PHE A 103 15.48 20.35 36.08
N VAL A 104 16.20 19.47 36.77
CA VAL A 104 16.31 19.48 38.22
C VAL A 104 17.79 19.44 38.57
N MET A 105 18.32 20.54 39.08
CA MET A 105 19.74 20.59 39.44
C MET A 105 20.01 19.73 40.65
N THR A 106 21.02 18.87 40.55
CA THR A 106 21.42 18.00 41.65
C THR A 106 22.84 18.24 42.11
N ASN A 107 23.57 19.19 41.53
CA ASN A 107 24.93 19.48 41.93
C ASN A 107 25.31 20.82 41.32
N PHE A 108 26.29 21.49 41.92
CA PHE A 108 26.73 22.76 41.35
C PHE A 108 28.14 23.08 41.85
N LEU A 109 28.75 24.05 41.16
CA LEU A 109 30.05 24.61 41.53
C LEU A 109 29.98 26.10 41.25
N LYS A 110 29.86 26.91 42.29
CA LYS A 110 29.68 28.35 42.12
C LYS A 110 30.99 29.08 42.41
N THR A 111 31.33 30.03 41.55
CA THR A 111 32.49 30.91 41.70
C THR A 111 31.94 32.31 41.86
N GLU A 112 31.64 32.70 43.09
CA GLU A 112 30.93 33.93 43.36
C GLU A 112 31.88 35.11 43.47
N GLY A 113 31.32 36.31 43.31
CA GLY A 113 32.09 37.54 43.42
C GLY A 113 32.97 37.86 42.24
N GLN A 114 32.73 37.23 41.09
CA GLN A 114 33.56 37.48 39.92
C GLN A 114 33.34 38.90 39.40
N GLU A 115 34.44 39.61 39.18
CA GLU A 115 34.41 40.98 38.69
C GLU A 115 35.30 41.10 37.47
N GLN A 116 34.92 42.00 36.57
CA GLN A 116 35.61 42.14 35.28
C GLN A 116 36.94 42.86 35.51
N ARG A 117 38.04 42.12 35.47
CA ARG A 117 39.35 42.71 35.77
C ARG A 117 40.43 41.77 35.25
N LEU A 118 41.68 42.06 35.60
CA LEU A 118 42.82 41.23 35.23
C LEU A 118 43.22 40.35 36.41
N CYS A 119 43.58 39.10 36.10
CA CYS A 119 43.88 38.12 37.13
C CYS A 119 44.79 37.07 36.54
N PRO A 120 45.55 36.36 37.37
CA PRO A 120 46.33 35.22 36.87
C PRO A 120 45.42 34.05 36.50
N GLU A 121 45.76 33.38 35.41
CA GLU A 121 45.01 32.21 34.99
C GLU A 121 45.16 31.09 36.01
N TYR A 122 44.17 30.22 36.08
CA TYR A 122 44.28 29.02 36.90
C TYR A 122 45.40 28.14 36.35
N PRO A 123 46.20 27.51 37.22
CA PRO A 123 47.37 26.77 36.73
C PRO A 123 47.04 25.49 35.99
N THR A 124 46.36 25.60 34.86
CA THR A 124 46.21 24.47 33.95
C THR A 124 47.54 24.22 33.24
N ARG A 125 47.76 22.97 32.83
CA ARG A 125 49.02 22.60 32.20
C ARG A 125 49.30 23.43 30.96
N ARG A 126 48.26 23.95 30.30
CA ARG A 126 48.43 24.77 29.11
C ARG A 126 48.59 26.25 29.42
N THR A 127 48.64 26.64 30.70
CA THR A 127 48.77 28.04 31.08
C THR A 127 50.02 28.35 31.88
N LEU A 128 50.84 27.36 32.22
CA LEU A 128 52.08 27.62 32.94
C LEU A 128 53.10 28.30 32.04
N CYS A 129 53.86 29.24 32.60
CA CYS A 129 54.92 29.92 31.90
C CYS A 129 56.23 29.81 32.68
N SER A 130 57.33 29.97 31.97
CA SER A 130 58.63 30.18 32.60
C SER A 130 59.03 31.65 32.59
N SER A 131 58.52 32.42 31.65
CA SER A 131 58.75 33.86 31.58
C SER A 131 57.64 34.46 30.73
N ASP A 132 57.65 35.79 30.60
CA ASP A 132 56.63 36.47 29.81
C ASP A 132 56.71 36.10 28.33
N ARG A 133 57.82 35.50 27.90
CA ARG A 133 57.91 35.08 26.49
C ARG A 133 56.98 33.92 26.19
N GLY A 134 56.67 33.09 27.20
CA GLY A 134 55.80 31.95 26.96
C GLY A 134 54.38 32.35 26.63
N CYS A 135 53.87 33.38 27.29
CA CYS A 135 52.47 33.79 27.12
C CYS A 135 52.36 34.87 26.05
N LYS A 136 51.44 34.68 25.13
CA LYS A 136 51.18 35.64 24.06
C LYS A 136 50.10 36.63 24.49
N LYS A 137 50.03 37.75 23.78
CA LYS A 137 49.04 38.78 24.06
C LYS A 137 47.86 38.61 23.11
N GLY A 138 46.66 38.58 23.67
CA GLY A 138 45.46 38.40 22.88
C GLY A 138 45.14 36.97 22.50
N TRP A 139 45.93 36.01 22.96
CA TRP A 139 45.72 34.61 22.59
C TRP A 139 44.45 34.07 23.22
N MET A 140 43.70 33.29 22.44
CA MET A 140 42.48 32.65 22.91
C MET A 140 42.35 31.26 22.31
N ASP A 141 41.95 30.32 23.15
CA ASP A 141 41.66 28.96 22.73
C ASP A 141 40.43 28.48 23.51
N PRO A 142 39.68 27.48 23.01
CA PRO A 142 38.41 27.06 23.62
C PRO A 142 38.49 26.69 25.11
N GLN A 143 39.62 26.21 25.60
CA GLN A 143 39.82 25.93 27.02
C GLN A 143 40.31 27.16 27.82
N SER A 144 40.49 28.33 27.21
CA SER A 144 40.94 29.53 27.91
C SER A 144 39.76 30.30 28.46
N LYS A 145 39.90 30.81 29.68
CA LYS A 145 38.85 31.54 30.36
C LYS A 145 39.09 33.04 30.37
N GLY A 146 40.06 33.53 29.60
CA GLY A 146 40.29 34.96 29.51
C GLY A 146 41.31 35.24 28.43
N ILE A 147 41.22 36.46 27.88
CA ILE A 147 42.20 36.90 26.89
C ILE A 147 43.55 37.09 27.55
N GLN A 148 44.56 36.39 27.04
CA GLN A 148 45.88 36.46 27.66
C GLN A 148 46.50 37.84 27.46
N THR A 149 47.27 38.25 28.46
CA THR A 149 48.07 39.46 28.40
C THR A 149 49.54 39.05 28.37
N GLY A 150 50.37 39.91 27.77
CA GLY A 150 51.78 39.59 27.61
C GLY A 150 52.52 39.34 28.91
N ARG A 151 51.98 39.80 30.04
CA ARG A 151 52.60 39.57 31.34
C ARG A 151 52.20 38.20 31.88
N CYS A 152 53.09 37.65 32.71
CA CYS A 152 52.85 36.37 33.39
C CYS A 152 52.98 36.64 34.88
N VAL A 153 51.83 36.70 35.56
CA VAL A 153 51.80 37.05 36.97
C VAL A 153 51.82 35.80 37.83
N VAL A 154 52.28 35.95 39.07
CA VAL A 154 52.25 34.86 40.03
C VAL A 154 50.82 34.65 40.52
N TYR A 155 50.35 33.40 40.45
CA TYR A 155 49.08 33.04 41.05
C TYR A 155 49.20 32.96 42.57
N GLU A 156 50.07 32.09 43.06
CA GLU A 156 50.22 31.85 44.49
C GLU A 156 51.54 31.15 44.74
N GLY A 157 52.28 31.61 45.75
CA GLY A 157 53.59 31.07 46.01
C GLY A 157 54.55 31.25 44.85
N ASN A 158 55.06 30.14 44.31
CA ASN A 158 55.98 30.17 43.18
C ASN A 158 55.31 29.75 41.88
N GLN A 159 53.98 29.63 41.87
CA GLN A 159 53.24 29.25 40.67
C GLN A 159 53.08 30.50 39.80
N LYS A 160 53.65 30.44 38.59
CA LYS A 160 53.59 31.58 37.64
C LYS A 160 52.64 31.22 36.50
N THR A 161 51.52 31.93 36.38
CA THR A 161 50.52 31.64 35.37
C THR A 161 50.25 32.89 34.54
N CYS A 162 50.01 32.71 33.25
CA CYS A 162 49.80 33.84 32.35
C CYS A 162 48.61 34.67 32.78
N GLU A 163 48.83 35.98 32.90
CA GLU A 163 47.76 36.88 33.31
C GLU A 163 46.78 37.10 32.18
N VAL A 164 45.50 37.24 32.52
CA VAL A 164 44.43 37.41 31.54
C VAL A 164 43.48 38.49 32.04
N SER A 165 42.67 38.99 31.12
CA SER A 165 41.58 39.89 31.44
C SER A 165 40.27 39.12 31.27
N ALA A 166 39.51 38.99 32.35
CA ALA A 166 38.32 38.15 32.35
C ALA A 166 37.52 38.48 33.61
N TRP A 167 36.49 37.67 33.87
CA TRP A 167 35.82 37.69 35.16
C TRP A 167 36.68 36.95 36.17
N CYS A 168 37.14 37.66 37.20
CA CYS A 168 38.09 37.15 38.15
C CYS A 168 37.50 37.12 39.56
N PRO A 169 37.86 36.12 40.38
CA PRO A 169 38.83 35.05 40.12
C PRO A 169 38.33 34.00 39.12
N ILE A 170 39.24 33.53 38.28
CA ILE A 170 38.88 32.52 37.29
C ILE A 170 38.46 31.24 37.99
N GLU A 171 37.36 30.65 37.53
CA GLU A 171 36.82 29.48 38.21
C GLU A 171 37.81 28.32 38.15
N ALA A 172 37.98 27.64 39.27
CA ALA A 172 38.94 26.56 39.36
C ALA A 172 38.47 25.35 38.55
N VAL A 173 39.43 24.66 37.95
CA VAL A 173 39.15 23.38 37.28
C VAL A 173 38.96 22.35 38.39
N GLU A 174 37.70 22.08 38.73
CA GLU A 174 37.36 21.29 39.90
C GLU A 174 36.43 20.15 39.51
N GLU A 175 36.67 18.99 40.10
CA GLU A 175 35.80 17.84 39.87
C GLU A 175 34.42 18.08 40.47
N ALA A 176 33.41 17.44 39.90
CA ALA A 176 32.06 17.58 40.43
C ALA A 176 32.02 17.09 41.86
N PRO A 177 31.46 17.86 42.79
CA PRO A 177 31.52 17.49 44.21
C PRO A 177 30.67 16.26 44.49
N ARG A 178 31.32 15.18 44.92
CA ARG A 178 30.64 13.95 45.29
C ARG A 178 30.76 13.72 46.78
N PRO A 179 29.67 13.37 47.49
CA PRO A 179 28.33 13.12 46.97
C PRO A 179 27.63 14.39 46.49
N ALA A 180 26.61 14.23 45.66
CA ALA A 180 25.91 15.37 45.10
C ALA A 180 25.37 16.26 46.21
N LEU A 181 25.51 17.57 46.02
CA LEU A 181 25.02 18.51 47.03
C LEU A 181 23.52 18.42 47.20
N LEU A 182 22.79 18.11 46.12
CA LEU A 182 21.35 17.97 46.19
C LEU A 182 20.94 16.54 45.90
N ASN A 183 21.62 15.58 46.50
CA ASN A 183 21.24 14.18 46.33
C ASN A 183 19.89 13.87 46.95
N SER A 184 19.34 14.79 47.74
CA SER A 184 17.96 14.69 48.20
C SER A 184 16.96 14.83 47.07
N ALA A 185 17.41 15.15 45.86
CA ALA A 185 16.52 15.34 44.73
C ALA A 185 15.80 14.07 44.32
N GLU A 186 16.23 12.91 44.83
CA GLU A 186 15.46 11.70 44.57
C GLU A 186 14.14 11.68 45.33
N ASN A 187 13.95 12.58 46.28
CA ASN A 187 12.72 12.68 47.05
C ASN A 187 11.76 13.71 46.47
N PHE A 188 12.14 14.40 45.41
CA PHE A 188 11.27 15.40 44.79
C PHE A 188 10.21 14.70 43.96
N THR A 189 9.03 15.30 43.87
CA THR A 189 7.92 14.78 43.09
C THR A 189 7.62 15.75 41.97
N VAL A 190 7.30 15.26 40.77
CA VAL A 190 6.82 16.10 39.67
C VAL A 190 5.37 15.76 39.34
N LEU A 191 4.47 16.74 39.38
CA LEU A 191 3.14 16.65 38.79
C LEU A 191 3.26 16.95 37.30
N ILE A 192 2.77 16.07 36.44
CA ILE A 192 2.73 16.22 34.99
C ILE A 192 1.28 16.30 34.56
N LYS A 193 0.86 17.46 34.06
CA LYS A 193 -0.48 17.70 33.53
C LYS A 193 -0.36 17.57 32.03
N ASN A 194 -1.07 16.65 31.39
CA ASN A 194 -0.98 16.38 29.96
C ASN A 194 -2.37 16.41 29.34
N ASN A 195 -2.56 17.25 28.33
CA ASN A 195 -3.81 17.32 27.60
C ASN A 195 -3.56 16.85 26.17
N ILE A 196 -4.34 15.87 25.72
CA ILE A 196 -4.27 15.46 24.33
C ILE A 196 -5.55 15.91 23.63
N ASP A 197 -5.41 16.16 22.33
CA ASP A 197 -6.51 16.59 21.49
C ASP A 197 -6.42 15.85 20.17
N PHE A 198 -7.55 15.29 19.73
CA PHE A 198 -7.70 14.74 18.39
C PHE A 198 -8.62 15.69 17.63
N PRO A 199 -8.09 16.51 16.72
CA PRO A 199 -8.95 17.49 16.04
C PRO A 199 -9.87 16.85 15.02
N GLY A 200 -9.37 15.90 14.22
CA GLY A 200 -10.24 15.23 13.27
C GLY A 200 -11.33 14.43 13.93
N HIS A 201 -11.01 13.72 15.01
CA HIS A 201 -12.01 13.00 15.77
C HIS A 201 -12.73 13.88 16.78
N ASN A 202 -12.24 15.09 17.03
CA ASN A 202 -12.86 16.04 17.95
C ASN A 202 -13.01 15.42 19.35
N TYR A 203 -11.86 15.08 19.95
CA TYR A 203 -11.86 14.49 21.27
C TYR A 203 -10.69 15.02 22.08
N THR A 204 -10.98 15.70 23.17
CA THR A 204 -9.98 16.28 24.05
C THR A 204 -10.05 15.62 25.42
N THR A 205 -8.91 15.31 26.00
CA THR A 205 -8.91 14.73 27.34
C THR A 205 -7.59 15.02 28.04
N ARG A 206 -7.55 14.78 29.34
CA ARG A 206 -6.40 15.04 30.18
C ARG A 206 -6.08 13.81 31.01
N ASN A 207 -4.81 13.64 31.35
CA ASN A 207 -4.39 12.50 32.15
C ASN A 207 -4.76 12.64 33.63
N ILE A 208 -5.24 13.80 34.05
CA ILE A 208 -5.70 14.01 35.42
C ILE A 208 -7.21 13.85 35.43
N LEU A 209 -7.71 12.97 36.28
CA LEU A 209 -9.12 12.62 36.33
C LEU A 209 -9.80 13.23 37.55
N PRO A 210 -11.11 13.41 37.49
CA PRO A 210 -11.84 13.90 38.68
C PRO A 210 -11.70 12.93 39.84
N GLY A 211 -11.71 13.48 41.05
CA GLY A 211 -11.49 12.68 42.23
C GLY A 211 -10.09 12.11 42.31
N LEU A 212 -9.07 12.92 42.01
CA LEU A 212 -7.68 12.50 42.05
C LEU A 212 -7.05 12.99 43.34
N ASN A 213 -6.71 12.07 44.23
CA ASN A 213 -5.94 12.44 45.41
C ASN A 213 -4.57 12.94 44.99
N ILE A 214 -4.09 13.99 45.66
CA ILE A 214 -2.76 14.50 45.35
C ILE A 214 -1.70 13.95 46.28
N THR A 215 -2.08 13.29 47.36
CA THR A 215 -1.12 12.63 48.24
C THR A 215 -0.53 11.38 47.60
N CYS A 216 -1.09 10.93 46.49
CA CYS A 216 -0.60 9.75 45.77
C CYS A 216 0.76 10.01 45.15
N THR A 217 1.44 8.92 44.85
CA THR A 217 2.66 8.92 44.04
C THR A 217 2.54 7.76 43.07
N PHE A 218 2.96 7.98 41.83
CA PHE A 218 2.81 6.96 40.80
C PHE A 218 3.49 5.67 41.22
N HIS A 219 2.78 4.55 41.06
CA HIS A 219 3.33 3.23 41.23
C HIS A 219 2.95 2.40 40.02
N LYS A 220 3.88 1.54 39.57
CA LYS A 220 3.69 0.81 38.33
C LYS A 220 2.42 -0.05 38.37
N THR A 221 2.07 -0.59 39.54
CA THR A 221 0.90 -1.43 39.68
C THR A 221 -0.13 -0.87 40.66
N GLN A 222 0.31 -0.43 41.85
CA GLN A 222 -0.62 0.00 42.87
C GLN A 222 -1.42 1.23 42.43
N ASN A 223 -0.72 2.25 41.92
CA ASN A 223 -1.34 3.51 41.54
C ASN A 223 -0.79 3.94 40.18
N PRO A 224 -1.20 3.27 39.11
CA PRO A 224 -0.58 3.53 37.80
C PRO A 224 -1.04 4.81 37.13
N GLN A 225 -2.10 5.46 37.61
CA GLN A 225 -2.65 6.63 36.95
C GLN A 225 -2.45 7.91 37.74
N CYS A 226 -1.65 7.87 38.81
CA CYS A 226 -1.35 9.07 39.56
C CYS A 226 -0.20 9.81 38.88
N PRO A 227 -0.39 11.05 38.42
CA PRO A 227 0.63 11.74 37.63
C PRO A 227 1.72 12.42 38.44
N ILE A 228 1.84 12.13 39.72
CA ILE A 228 2.88 12.69 40.57
C ILE A 228 3.97 11.64 40.72
N PHE A 229 5.08 11.85 40.03
CA PHE A 229 6.17 10.89 39.98
C PHE A 229 7.31 11.33 40.89
N ARG A 230 7.73 10.44 41.79
CA ARG A 230 8.93 10.69 42.57
C ARG A 230 10.15 10.40 41.71
N LEU A 231 11.14 11.29 41.74
CA LEU A 231 12.28 11.16 40.85
C LEU A 231 13.11 9.93 41.18
N GLY A 232 13.31 9.66 42.47
CA GLY A 232 14.03 8.44 42.85
C GLY A 232 13.34 7.19 42.37
N ASP A 233 12.01 7.17 42.41
CA ASP A 233 11.26 6.03 41.90
C ASP A 233 11.38 5.94 40.38
N ILE A 234 11.38 7.08 39.69
CA ILE A 234 11.61 7.08 38.25
C ILE A 234 12.95 6.40 37.94
N PHE A 235 13.98 6.70 38.73
CA PHE A 235 15.28 6.13 38.46
C PHE A 235 15.37 4.66 38.86
N ARG A 236 14.71 4.26 39.95
CA ARG A 236 14.77 2.87 40.34
C ARG A 236 13.86 1.99 39.50
N GLU A 237 12.93 2.57 38.74
CA GLU A 237 12.13 1.78 37.82
C GLU A 237 12.86 1.50 36.50
N THR A 238 14.04 2.08 36.29
CA THR A 238 14.87 1.77 35.14
C THR A 238 16.21 1.16 35.54
N GLY A 239 16.35 0.72 36.78
CA GLY A 239 17.59 0.14 37.24
C GLY A 239 18.76 1.10 37.24
N ASP A 240 18.50 2.38 37.50
CA ASP A 240 19.55 3.38 37.59
C ASP A 240 19.82 3.70 39.06
N ASN A 241 21.03 4.19 39.31
CA ASN A 241 21.43 4.63 40.64
C ASN A 241 21.36 6.15 40.65
N PHE A 242 20.36 6.69 41.36
CA PHE A 242 20.20 8.14 41.39
C PHE A 242 21.40 8.84 42.00
N SER A 243 22.01 8.23 43.02
CA SER A 243 23.14 8.86 43.69
C SER A 243 24.32 9.05 42.74
N ASP A 244 24.55 8.08 41.85
CA ASP A 244 25.62 8.24 40.86
C ASP A 244 25.22 9.21 39.77
N VAL A 245 23.97 9.15 39.31
CA VAL A 245 23.52 10.06 38.26
C VAL A 245 23.48 11.50 38.76
N ALA A 246 23.12 11.70 40.03
CA ALA A 246 23.02 13.06 40.55
C ALA A 246 24.35 13.79 40.55
N ILE A 247 25.46 13.06 40.73
CA ILE A 247 26.75 13.69 40.93
C ILE A 247 27.16 14.49 39.69
N GLN A 248 27.04 13.89 38.51
CA GLN A 248 27.45 14.53 37.27
C GLN A 248 26.31 14.85 36.33
N GLY A 249 25.13 14.30 36.56
CA GLY A 249 23.95 14.62 35.77
C GLY A 249 23.55 13.47 34.87
N GLY A 250 22.55 13.75 34.05
CA GLY A 250 22.08 12.76 33.09
C GLY A 250 20.86 13.28 32.39
N ILE A 251 20.35 12.47 31.47
CA ILE A 251 19.11 12.73 30.77
C ILE A 251 18.19 11.55 30.97
N MET A 252 16.96 11.83 31.38
CA MET A 252 15.97 10.77 31.63
C MET A 252 14.75 11.07 30.76
N GLY A 253 13.91 10.08 30.50
CA GLY A 253 12.78 10.27 29.63
C GLY A 253 11.51 9.61 30.14
N ILE A 254 10.43 10.38 30.21
CA ILE A 254 9.14 9.92 30.67
C ILE A 254 8.25 9.81 29.44
N GLU A 255 8.03 8.58 28.96
CA GLU A 255 7.12 8.36 27.86
C GLU A 255 5.70 8.26 28.37
N ILE A 256 4.78 8.94 27.69
CA ILE A 256 3.35 8.84 27.96
C ILE A 256 2.70 8.34 26.69
N TYR A 257 2.16 7.11 26.75
CA TYR A 257 1.57 6.46 25.59
C TYR A 257 0.05 6.57 25.69
N TRP A 258 -0.57 7.17 24.68
CA TRP A 258 -2.02 7.33 24.62
C TRP A 258 -2.54 6.45 23.49
N ASP A 259 -2.88 5.21 23.83
CA ASP A 259 -3.53 4.30 22.88
C ASP A 259 -5.03 4.41 23.10
N CYS A 260 -5.71 5.13 22.22
CA CYS A 260 -7.13 5.40 22.39
C CYS A 260 -7.92 4.89 21.19
N ASN A 261 -9.03 4.21 21.46
CA ASN A 261 -10.05 3.96 20.47
C ASN A 261 -11.32 4.69 20.87
N LEU A 262 -11.81 5.56 19.98
CA LEU A 262 -12.89 6.48 20.31
C LEU A 262 -14.25 5.93 19.90
N ASP A 263 -14.39 4.61 19.86
CA ASP A 263 -15.68 3.98 19.62
C ASP A 263 -16.47 3.92 20.92
N ARG A 264 -17.73 4.38 20.88
CA ARG A 264 -18.52 4.45 22.10
C ARG A 264 -18.74 3.07 22.72
N TRP A 265 -18.78 2.02 21.90
CA TRP A 265 -18.96 0.69 22.43
C TRP A 265 -17.73 0.25 23.23
N PHE A 266 -16.55 0.42 22.65
CA PHE A 266 -15.28 0.03 23.26
C PHE A 266 -14.42 1.28 23.36
N HIS A 267 -14.61 2.04 24.43
CA HIS A 267 -13.96 3.33 24.60
C HIS A 267 -12.95 3.24 25.73
N HIS A 268 -11.70 3.57 25.44
CA HIS A 268 -10.68 3.71 26.48
C HIS A 268 -9.58 4.61 25.94
N CYS A 269 -9.37 5.74 26.62
CA CYS A 269 -8.31 6.68 26.27
C CYS A 269 -7.64 7.11 27.57
N ARG A 270 -6.66 6.34 28.00
CA ARG A 270 -5.92 6.63 29.23
C ARG A 270 -4.43 6.52 28.98
N PRO A 271 -3.62 7.28 29.71
CA PRO A 271 -2.17 7.26 29.47
C PRO A 271 -1.52 6.02 30.07
N LYS A 272 -0.34 5.72 29.54
CA LYS A 272 0.51 4.66 30.05
C LYS A 272 1.92 5.24 30.21
N TYR A 273 2.40 5.27 31.45
CA TYR A 273 3.67 5.91 31.75
C TYR A 273 4.81 4.90 31.74
N SER A 274 5.84 5.20 30.95
CA SER A 274 7.05 4.39 30.88
C SER A 274 8.24 5.30 31.12
N PHE A 275 9.36 4.72 31.56
CA PHE A 275 10.55 5.48 31.85
C PHE A 275 11.75 4.87 31.15
N ARG A 276 12.60 5.72 30.59
CA ARG A 276 13.71 5.27 29.77
C ARG A 276 14.85 6.28 29.90
N ARG A 277 16.04 5.80 30.26
CA ARG A 277 17.18 6.72 30.32
C ARG A 277 17.62 7.06 28.90
N LEU A 278 17.65 8.35 28.59
CA LEU A 278 18.07 8.84 27.27
C LEU A 278 19.54 9.24 27.25
N ASP A 279 20.37 8.62 28.10
CA ASP A 279 21.76 8.98 28.25
C ASP A 279 22.58 7.71 28.42
N ASP A 280 23.88 7.83 28.24
CA ASP A 280 24.76 6.69 28.47
C ASP A 280 24.84 6.38 29.96
N LYS A 281 24.91 5.10 30.29
CA LYS A 281 24.99 4.70 31.69
C LYS A 281 26.25 5.23 32.34
N THR A 282 26.10 5.82 33.52
CA THR A 282 27.21 6.43 34.24
C THR A 282 27.96 5.35 35.01
N THR A 283 29.08 4.91 34.47
CA THR A 283 29.94 3.92 35.08
C THR A 283 31.20 4.59 35.62
N ASN A 284 32.14 3.77 36.12
CA ASN A 284 33.38 4.32 36.65
C ASN A 284 34.32 4.76 35.55
N VAL A 285 34.20 4.20 34.35
CA VAL A 285 35.11 4.50 33.25
C VAL A 285 34.34 5.01 32.04
N SER A 286 33.22 5.68 32.28
CA SER A 286 32.42 6.22 31.19
C SER A 286 33.18 7.33 30.47
N LEU A 287 32.80 7.58 29.22
CA LEU A 287 33.46 8.58 28.39
C LEU A 287 32.60 9.83 28.34
N TYR A 288 33.12 10.92 28.91
CA TYR A 288 32.44 12.21 28.94
C TYR A 288 30.98 12.10 29.41
N PRO A 289 30.76 11.65 30.64
CA PRO A 289 29.40 11.46 31.14
C PRO A 289 28.85 12.74 31.77
N GLY A 290 27.55 12.74 32.00
CA GLY A 290 26.91 13.77 32.77
C GLY A 290 26.11 14.73 31.91
N TYR A 291 25.59 15.76 32.58
CA TYR A 291 24.79 16.80 31.96
C TYR A 291 24.97 18.05 32.79
N ASN A 292 25.86 18.94 32.35
CA ASN A 292 26.11 20.17 33.05
C ASN A 292 26.14 21.36 32.11
N PHE A 293 25.87 22.53 32.65
CA PHE A 293 26.00 23.78 31.90
C PHE A 293 26.48 24.85 32.86
N ARG A 294 26.68 26.08 32.36
CA ARG A 294 27.09 27.23 33.18
C ARG A 294 26.11 28.37 33.02
N TYR A 295 25.78 29.02 34.13
CA TYR A 295 24.98 30.23 34.09
C TYR A 295 25.45 31.16 35.20
N ALA A 296 25.19 32.44 35.03
CA ALA A 296 25.69 33.46 35.94
C ALA A 296 24.56 34.27 36.53
N LYS A 297 24.71 34.64 37.80
CA LYS A 297 23.83 35.60 38.45
C LYS A 297 24.55 36.94 38.51
N TYR A 298 23.97 37.97 37.90
CA TYR A 298 24.60 39.28 37.81
C TYR A 298 23.98 40.21 38.84
N TYR A 299 24.82 40.77 39.72
CA TYR A 299 24.36 41.73 40.71
C TYR A 299 25.32 42.90 40.75
N LYS A 300 24.77 44.09 41.00
CA LYS A 300 25.58 45.29 41.14
C LYS A 300 25.73 45.61 42.61
N GLU A 301 26.98 45.66 43.08
CA GLU A 301 27.28 46.10 44.43
C GLU A 301 28.53 46.98 44.37
N ASN A 302 28.60 47.92 45.31
CA ASN A 302 29.66 48.94 45.32
C ASN A 302 29.73 49.68 43.99
N ASN A 303 28.56 49.85 43.36
CA ASN A 303 28.41 50.51 42.07
C ASN A 303 29.21 49.81 40.96
N VAL A 304 29.57 48.54 41.16
CA VAL A 304 30.25 47.76 40.14
C VAL A 304 29.49 46.46 39.96
N GLU A 305 29.54 45.92 38.74
CA GLU A 305 28.79 44.73 38.40
C GLU A 305 29.66 43.50 38.64
N LYS A 306 29.18 42.59 39.49
CA LYS A 306 29.82 41.32 39.73
C LYS A 306 28.87 40.20 39.32
N ARG A 307 29.43 39.01 39.11
CA ARG A 307 28.65 37.86 38.74
C ARG A 307 29.07 36.64 39.54
N THR A 308 28.11 35.79 39.82
CA THR A 308 28.34 34.48 40.42
C THR A 308 28.18 33.44 39.32
N LEU A 309 29.27 32.78 38.95
CA LEU A 309 29.27 31.81 37.87
C LEU A 309 29.06 30.42 38.47
N ILE A 310 28.00 29.75 38.05
CA ILE A 310 27.60 28.47 38.60
C ILE A 310 27.65 27.43 37.49
N LYS A 311 28.42 26.35 37.67
CA LYS A 311 28.39 25.17 36.82
C LYS A 311 27.37 24.21 37.39
N VAL A 312 26.23 24.04 36.75
CA VAL A 312 25.09 23.26 37.24
C VAL A 312 25.14 21.87 36.62
N PHE A 313 25.12 20.87 37.51
CA PHE A 313 25.06 19.46 37.05
C PHE A 313 23.70 18.94 37.51
N GLY A 314 22.91 18.36 36.60
CA GLY A 314 21.57 17.92 36.97
C GLY A 314 21.02 16.95 35.94
N ILE A 315 19.78 16.55 36.17
CA ILE A 315 19.09 15.58 35.34
C ILE A 315 18.00 16.30 34.57
N ARG A 316 18.03 16.16 33.25
CA ARG A 316 17.02 16.73 32.37
C ARG A 316 16.01 15.64 32.02
N PHE A 317 14.76 15.85 32.39
CA PHE A 317 13.70 14.89 32.12
C PHE A 317 12.94 15.33 30.88
N ASP A 318 13.11 14.60 29.79
CA ASP A 318 12.35 14.85 28.57
C ASP A 318 11.07 14.04 28.61
N ILE A 319 9.93 14.70 28.40
CA ILE A 319 8.64 14.04 28.43
C ILE A 319 8.18 13.81 27.00
N LEU A 320 8.04 12.55 26.63
CA LEU A 320 7.79 12.12 25.26
C LEU A 320 6.36 11.60 25.22
N VAL A 321 5.44 12.42 24.73
CA VAL A 321 4.04 12.04 24.67
C VAL A 321 3.74 11.57 23.26
N PHE A 322 3.43 10.29 23.12
CA PHE A 322 3.09 9.72 21.83
C PHE A 322 1.86 8.85 21.97
N GLY A 323 1.17 8.66 20.86
CA GLY A 323 -0.01 7.83 20.88
C GLY A 323 -0.84 8.07 19.63
N THR A 324 -1.96 7.36 19.58
CA THR A 324 -2.88 7.48 18.46
C THR A 324 -4.29 7.22 18.94
N GLY A 325 -5.24 7.96 18.37
CA GLY A 325 -6.64 7.77 18.64
C GLY A 325 -7.37 7.37 17.38
N GLY A 326 -8.06 6.23 17.43
CA GLY A 326 -8.70 5.64 16.26
C GLY A 326 -10.20 5.60 16.43
N LYS A 327 -10.90 5.85 15.34
CA LYS A 327 -12.36 5.74 15.29
C LYS A 327 -12.76 4.99 14.02
N PHE A 328 -13.84 4.21 14.12
CA PHE A 328 -14.23 3.35 13.01
C PHE A 328 -14.54 4.16 11.76
N ASP A 329 -13.99 3.72 10.63
CA ASP A 329 -14.18 4.39 9.35
C ASP A 329 -14.50 3.33 8.29
N ILE A 330 -15.51 3.61 7.47
CA ILE A 330 -15.91 2.68 6.43
C ILE A 330 -14.85 2.58 5.35
N ILE A 331 -14.29 3.72 4.93
CA ILE A 331 -13.39 3.76 3.79
C ILE A 331 -12.12 2.96 4.09
N GLN A 332 -11.58 3.08 5.30
CA GLN A 332 -10.36 2.35 5.63
C GLN A 332 -10.60 0.84 5.58
N LEU A 333 -11.73 0.38 6.12
CA LEU A 333 -12.06 -1.04 6.06
C LEU A 333 -12.21 -1.49 4.62
N VAL A 334 -12.89 -0.69 3.80
CA VAL A 334 -13.12 -1.07 2.41
C VAL A 334 -11.80 -1.17 1.65
N VAL A 335 -10.83 -0.28 1.90
CA VAL A 335 -9.56 -0.48 1.14
C VAL A 335 -8.81 -1.73 1.63
N TYR A 336 -8.66 -1.92 2.94
CA TYR A 336 -7.96 -3.07 3.54
C TYR A 336 -8.59 -4.33 2.95
N ILE A 337 -9.93 -4.37 2.90
CA ILE A 337 -10.63 -5.55 2.32
C ILE A 337 -9.98 -5.90 0.98
N GLY A 338 -9.97 -4.95 0.03
CA GLY A 338 -9.39 -5.21 -1.31
C GLY A 338 -8.02 -5.85 -1.22
N SER A 339 -7.11 -5.23 -0.46
CA SER A 339 -5.73 -5.77 -0.31
C SER A 339 -5.79 -7.23 0.15
N THR A 340 -6.57 -7.52 1.19
CA THR A 340 -6.60 -8.91 1.75
C THR A 340 -7.26 -9.85 0.74
N LEU A 341 -8.29 -9.39 0.03
CA LEU A 341 -9.00 -10.18 -1.01
C LEU A 341 -8.07 -10.72 -2.08
N SER A 342 -7.03 -10.02 -2.46
CA SER A 342 -6.24 -10.61 -3.57
C SER A 342 -5.26 -11.67 -3.03
N TYR A 343 -4.89 -11.55 -1.77
CA TYR A 343 -3.85 -12.48 -1.24
C TYR A 343 -4.36 -13.91 -1.51
N PHE A 344 -5.65 -14.16 -1.31
CA PHE A 344 -6.22 -15.53 -1.49
C PHE A 344 -5.85 -16.06 -2.88
N GLY A 345 -5.84 -15.21 -3.90
CA GLY A 345 -5.57 -15.64 -5.29
C GLY A 345 -4.20 -16.28 -5.44
N LEU A 346 -3.26 -15.95 -4.55
CA LEU A 346 -1.86 -16.48 -4.67
C LEU A 346 -1.89 -18.01 -4.63
N ALA A 347 -2.88 -18.60 -3.95
CA ALA A 347 -2.99 -20.07 -3.86
C ALA A 347 -3.02 -20.67 -5.27
N ALA A 348 -3.83 -20.08 -6.16
CA ALA A 348 -3.96 -20.60 -7.54
C ALA A 348 -2.59 -20.57 -8.24
N VAL A 349 -1.90 -19.43 -8.18
CA VAL A 349 -0.57 -19.30 -8.83
C VAL A 349 0.29 -20.50 -8.46
N PHE A 350 0.45 -20.76 -7.16
CA PHE A 350 1.28 -21.89 -6.69
C PHE A 350 0.82 -23.19 -7.35
N ILE A 351 -0.46 -23.53 -7.23
CA ILE A 351 -0.91 -24.85 -7.77
C ILE A 351 -0.76 -24.85 -9.28
N ASP A 352 -1.12 -23.76 -9.95
CA ASP A 352 -0.97 -23.68 -11.43
C ASP A 352 0.47 -23.99 -11.80
N PHE A 353 1.43 -23.51 -11.01
CA PHE A 353 2.86 -23.82 -11.24
C PHE A 353 3.09 -25.32 -11.05
N LEU A 354 2.60 -25.87 -9.95
CA LEU A 354 2.78 -27.33 -9.67
C LEU A 354 2.16 -28.10 -10.83
N ILE A 355 1.15 -27.54 -11.48
CA ILE A 355 0.59 -28.23 -12.64
C ILE A 355 1.51 -28.10 -13.84
N ASP A 356 2.01 -26.89 -14.09
CA ASP A 356 2.87 -26.66 -15.24
C ASP A 356 4.21 -27.38 -15.09
N THR A 357 4.78 -27.38 -13.88
CA THR A 357 6.07 -28.04 -13.67
C THR A 357 5.94 -29.55 -13.76
N TYR A 358 4.97 -30.12 -13.06
CA TYR A 358 4.83 -31.57 -13.02
C TYR A 358 4.26 -32.15 -14.31
N SER A 359 4.12 -31.33 -15.35
CA SER A 359 3.61 -31.79 -16.63
C SER A 359 4.76 -32.02 -17.61
N SER A 360 5.90 -31.41 -17.32
CA SER A 360 7.08 -31.51 -18.20
C SER A 360 7.54 -33.02 -18.34
N ASN A 361 8.12 -33.38 -19.48
CA ASN A 361 8.54 -34.75 -19.72
C ASN A 361 9.81 -35.08 -18.94
N CYS A 362 10.49 -34.05 -18.45
CA CYS A 362 11.68 -34.23 -17.67
C CYS A 362 11.41 -34.84 -16.31
N CYS A 363 10.17 -34.66 -15.85
CA CYS A 363 9.74 -35.21 -14.60
C CYS A 363 9.63 -36.74 -14.65
N ARG A 364 9.14 -37.20 -15.80
CA ARG A 364 8.98 -38.63 -16.04
C ARG A 364 10.30 -39.25 -16.50
N SER A 365 11.11 -38.45 -17.18
CA SER A 365 12.36 -38.96 -17.74
C SER A 365 13.38 -39.28 -16.66
N HIS A 366 13.59 -38.35 -15.72
CA HIS A 366 14.64 -38.47 -14.73
C HIS A 366 14.12 -38.61 -13.30
N ILE A 367 13.27 -37.69 -12.86
CA ILE A 367 12.91 -37.63 -11.44
C ILE A 367 12.04 -38.80 -11.04
N TYR A 368 11.09 -39.19 -11.89
CA TYR A 368 10.18 -40.28 -11.53
C TYR A 368 10.88 -41.61 -11.34
N PRO A 369 11.75 -42.08 -12.25
CA PRO A 369 12.43 -43.37 -11.99
C PRO A 369 13.39 -43.35 -10.81
N TRP A 370 13.82 -42.17 -10.37
CA TRP A 370 14.79 -42.09 -9.27
C TRP A 370 14.09 -41.95 -7.91
N CYS A 371 13.29 -40.89 -7.75
CA CYS A 371 12.64 -40.66 -6.46
C CYS A 371 11.58 -41.70 -6.16
N LYS A 372 10.74 -42.01 -7.15
CA LYS A 372 9.68 -43.03 -7.04
C LYS A 372 8.63 -42.67 -5.99
N CYS A 373 8.74 -41.49 -5.39
CA CYS A 373 7.78 -41.08 -4.37
C CYS A 373 6.75 -40.12 -4.96
N CYS A 374 7.14 -39.42 -6.02
CA CYS A 374 6.26 -38.50 -6.69
C CYS A 374 5.63 -39.11 -7.94
N GLN A 375 5.50 -40.42 -7.90
CA GLN A 375 4.91 -41.18 -9.00
C GLN A 375 3.42 -40.89 -9.22
N PRO A 376 2.61 -40.81 -8.14
CA PRO A 376 1.21 -40.49 -8.42
C PRO A 376 0.98 -39.03 -8.80
N CYS A 377 2.05 -38.27 -8.96
CA CYS A 377 1.95 -36.91 -9.45
C CYS A 377 2.10 -36.85 -10.96
N VAL A 378 1.60 -37.90 -11.60
CA VAL A 378 1.67 -38.02 -13.05
C VAL A 378 0.37 -37.50 -13.65
N VAL A 379 -0.64 -37.34 -12.79
CA VAL A 379 -1.92 -36.80 -13.24
C VAL A 379 -1.80 -35.35 -13.67
N ASN A 380 -0.70 -34.69 -13.30
CA ASN A 380 -0.50 -33.31 -13.72
C ASN A 380 -0.36 -33.19 -15.22
N GLU A 381 0.11 -34.25 -15.89
CA GLU A 381 0.10 -34.26 -17.35
C GLU A 381 -1.32 -34.20 -17.89
N TYR A 382 -2.23 -34.96 -17.27
CA TYR A 382 -3.63 -34.91 -17.65
C TYR A 382 -4.23 -33.53 -17.40
N TYR A 383 -3.91 -32.94 -16.25
CA TYR A 383 -4.43 -31.61 -15.94
C TYR A 383 -3.92 -30.58 -16.92
N TYR A 384 -2.64 -30.65 -17.29
CA TYR A 384 -2.07 -29.71 -18.23
C TYR A 384 -2.69 -29.90 -19.61
N ARG A 385 -2.89 -31.14 -20.03
CA ARG A 385 -3.52 -31.41 -21.31
C ARG A 385 -4.94 -30.86 -21.36
N LYS A 386 -5.68 -30.98 -20.26
CA LYS A 386 -7.04 -30.49 -20.21
C LYS A 386 -7.14 -29.02 -19.85
N LYS A 387 -6.03 -28.35 -19.56
CA LYS A 387 -6.04 -26.93 -19.22
C LYS A 387 -5.41 -26.05 -20.29
N CYS A 388 -4.18 -26.33 -20.70
CA CYS A 388 -3.44 -25.47 -21.61
C CYS A 388 -3.48 -26.02 -23.03
N GLU A 389 -3.70 -25.14 -23.99
CA GLU A 389 -3.73 -25.50 -25.40
C GLU A 389 -2.61 -24.77 -26.13
N SER A 390 -1.88 -25.50 -26.97
CA SER A 390 -0.75 -24.93 -27.70
C SER A 390 -1.21 -24.38 -29.04
N ILE A 391 -0.82 -23.14 -29.32
CA ILE A 391 -1.20 -22.48 -30.61
C ILE A 391 0.06 -21.83 -31.20
N VAL A 392 0.31 -22.03 -32.50
CA VAL A 392 1.56 -21.49 -33.13
C VAL A 392 1.18 -20.30 -34.02
N GLU A 393 2.04 -19.28 -34.06
CA GLU A 393 1.79 -18.09 -34.92
C GLU A 393 1.52 -18.56 -36.35
N PRO A 394 0.41 -18.13 -36.98
CA PRO A 394 0.09 -18.54 -38.35
C PRO A 394 0.83 -17.68 -39.38
N LYS A 395 2.16 -17.60 -39.25
CA LYS A 395 2.98 -16.85 -40.24
C LYS A 395 2.90 -17.56 -41.60
N PRO A 396 3.14 -16.89 -42.74
CA PRO A 396 3.14 -17.54 -44.04
C PRO A 396 4.15 -18.69 -44.12
N THR A 397 5.31 -18.54 -43.47
CA THR A 397 6.37 -19.59 -43.54
C THR A 397 5.91 -20.85 -42.79
N LEU A 398 4.89 -20.74 -41.94
CA LEU A 398 4.43 -21.91 -41.15
C LEU A 398 3.89 -22.98 -42.10
N LYS A 399 4.41 -24.21 -42.02
CA LYS A 399 3.96 -25.31 -42.91
C LYS A 399 3.91 -26.61 -42.11
N TYR A 400 3.25 -27.64 -42.63
CA TYR A 400 3.20 -28.94 -41.96
C TYR A 400 3.42 -30.04 -42.98
N VAL A 401 4.22 -31.04 -42.61
CA VAL A 401 4.55 -32.14 -43.49
C VAL A 401 4.38 -33.45 -42.71
N SER A 402 3.65 -34.40 -43.29
CA SER A 402 3.45 -35.69 -42.67
C SER A 402 3.83 -36.81 -43.63
N PHE A 403 4.50 -37.83 -43.10
CA PHE A 403 4.87 -39.01 -43.87
C PHE A 403 4.19 -40.23 -43.28
N VAL A 404 3.88 -41.19 -44.16
CA VAL A 404 3.14 -42.37 -43.73
C VAL A 404 3.93 -43.19 -42.73
N ASP A 405 5.23 -43.38 -42.99
CA ASP A 405 6.05 -44.23 -42.14
C ASP A 405 6.27 -43.66 -40.75
N GLU A 406 5.92 -42.40 -40.54
CA GLU A 406 6.12 -41.74 -39.25
C GLU A 406 4.79 -41.50 -38.54
N SER A 407 4.88 -41.25 -37.24
CA SER A 407 3.70 -41.02 -36.41
C SER A 407 3.62 -39.58 -35.89
N HIS A 408 4.42 -38.67 -36.45
CA HIS A 408 4.43 -37.28 -36.01
C HIS A 408 4.54 -36.38 -37.22
N ILE A 409 4.04 -35.15 -37.07
CA ILE A 409 3.98 -34.18 -38.16
C ILE A 409 5.07 -33.15 -37.95
N ARG A 410 5.88 -32.92 -38.99
CA ARG A 410 6.96 -31.94 -38.93
C ARG A 410 6.41 -30.57 -39.30
N MET A 411 6.39 -29.67 -38.32
CA MET A 411 6.12 -28.26 -38.56
C MET A 411 7.35 -27.65 -39.22
N VAL A 412 7.18 -27.16 -40.45
CA VAL A 412 8.26 -26.54 -41.20
C VAL A 412 8.08 -25.03 -41.01
N ASN A 413 8.73 -24.50 -39.98
CA ASN A 413 8.68 -23.08 -39.69
C ASN A 413 9.73 -22.28 -40.44
N GLN A 414 10.67 -22.96 -41.10
CA GLN A 414 11.78 -22.30 -41.77
C GLN A 414 11.44 -22.07 -43.24
N GLN A 415 11.62 -20.84 -43.69
CA GLN A 415 11.40 -20.51 -45.09
C GLN A 415 12.42 -21.25 -45.95
N LEU A 416 11.94 -21.90 -47.01
CA LEU A 416 12.76 -22.84 -47.77
C LEU A 416 13.89 -22.10 -48.48
N LEU A 417 15.12 -22.55 -48.26
CA LEU A 417 16.30 -21.95 -48.88
C LEU A 417 16.64 -22.66 -50.20
N GLY A 418 15.64 -22.68 -51.10
CA GLY A 418 15.83 -23.34 -52.38
C GLY A 418 16.09 -24.82 -52.27
N ARG A 419 15.48 -25.49 -51.29
CA ARG A 419 15.62 -26.92 -51.10
C ARG A 419 14.26 -27.57 -51.09
N SER A 420 14.18 -28.80 -51.62
CA SER A 420 12.92 -29.52 -51.66
C SER A 420 12.38 -29.73 -50.26
N LEU A 421 11.07 -29.57 -50.10
CA LEU A 421 10.45 -29.67 -48.79
C LEU A 421 10.59 -31.08 -48.22
N GLN A 422 10.81 -32.07 -49.07
CA GLN A 422 11.06 -33.43 -48.59
C GLN A 422 12.31 -33.49 -47.72
N ASP A 423 13.37 -32.80 -48.15
CA ASP A 423 14.61 -32.81 -47.39
C ASP A 423 14.53 -31.92 -46.16
N VAL A 424 13.70 -30.88 -46.20
CA VAL A 424 13.65 -29.90 -45.11
C VAL A 424 13.14 -30.58 -43.84
N LYS A 425 13.84 -30.33 -42.74
CA LYS A 425 13.47 -30.87 -41.44
C LYS A 425 12.72 -29.82 -40.63
N GLY A 426 11.75 -30.28 -39.85
CA GLY A 426 10.95 -29.39 -39.03
C GLY A 426 10.77 -29.95 -37.64
N GLN A 427 10.17 -29.12 -36.77
CA GLN A 427 9.94 -29.53 -35.39
C GLN A 427 8.84 -30.58 -35.32
N GLU A 428 9.08 -31.65 -34.57
CA GLU A 428 8.10 -32.72 -34.48
C GLU A 428 6.89 -32.27 -33.65
N VAL A 429 5.71 -32.74 -34.05
CA VAL A 429 4.48 -32.45 -33.34
C VAL A 429 3.66 -33.74 -33.28
N PRO A 430 3.23 -34.18 -32.09
CA PRO A 430 2.34 -35.35 -32.02
C PRO A 430 1.06 -35.11 -32.79
N ARG A 431 0.55 -36.15 -33.44
CA ARG A 431 -0.70 -36.04 -34.15
C ARG A 431 -1.86 -35.96 -33.16
N PRO A 432 -2.75 -34.96 -33.30
CA PRO A 432 -3.90 -34.80 -32.41
C PRO A 432 -4.87 -35.96 -32.48
N SER A 473 11.61 -41.29 -61.47
CA SER A 473 11.00 -40.57 -60.36
C SER A 473 11.92 -39.45 -59.88
N PRO A 474 11.34 -38.38 -59.33
CA PRO A 474 12.16 -37.29 -58.81
C PRO A 474 13.05 -37.76 -57.67
N VAL A 475 14.16 -37.04 -57.47
CA VAL A 475 15.14 -37.43 -56.45
C VAL A 475 14.51 -37.42 -55.06
N TRP A 476 13.75 -36.36 -54.75
CA TRP A 476 13.11 -36.28 -53.46
C TRP A 476 12.02 -37.34 -53.29
N CYS A 477 11.36 -37.72 -54.39
CA CYS A 477 10.28 -38.70 -54.31
C CYS A 477 10.81 -40.05 -53.84
N GLN A 478 10.06 -40.67 -52.94
CA GLN A 478 10.40 -42.00 -52.42
C GLN A 478 9.29 -43.01 -52.64
N CYS A 479 8.18 -42.61 -53.25
CA CYS A 479 7.06 -43.50 -53.51
C CYS A 479 6.96 -43.96 -54.95
N GLY A 480 7.57 -43.24 -55.90
CA GLY A 480 7.54 -43.61 -57.29
C GLY A 480 6.36 -43.05 -58.07
N SER A 481 5.41 -42.41 -57.40
CA SER A 481 4.24 -41.85 -58.07
C SER A 481 4.25 -40.32 -58.09
N CYS A 482 5.22 -39.68 -57.45
CA CYS A 482 5.26 -38.22 -57.44
C CYS A 482 5.67 -37.68 -58.80
N LEU A 483 4.95 -36.67 -59.26
CA LEU A 483 5.23 -36.02 -60.53
C LEU A 483 6.07 -34.77 -60.31
N PRO A 484 6.88 -34.39 -61.30
CA PRO A 484 7.65 -33.14 -61.19
C PRO A 484 6.75 -31.93 -61.05
N SER A 485 7.21 -30.96 -60.27
CA SER A 485 6.40 -29.77 -60.01
C SER A 485 6.30 -28.88 -61.24
N GLN A 486 5.08 -28.46 -61.56
CA GLN A 486 4.85 -27.51 -62.64
C GLN A 486 5.03 -26.06 -62.20
N LEU A 487 5.20 -25.85 -60.88
CA LEU A 487 5.35 -24.49 -60.32
C LEU A 487 6.69 -23.90 -60.73
N PRO A 488 6.80 -22.58 -61.01
CA PRO A 488 8.05 -21.97 -61.47
C PRO A 488 8.98 -21.48 -60.34
N GLU A 489 10.12 -20.91 -60.70
CA GLU A 489 11.07 -20.36 -59.70
C GLU A 489 11.36 -21.39 -58.60
N SER A 490 11.48 -20.93 -57.35
CA SER A 490 11.77 -21.83 -56.21
C SER A 490 10.45 -22.20 -55.51
N HIS A 491 9.32 -21.72 -56.05
CA HIS A 491 7.99 -22.06 -55.46
C HIS A 491 7.79 -23.57 -55.55
N ARG A 492 8.38 -24.19 -56.58
CA ARG A 492 8.24 -25.67 -56.76
C ARG A 492 8.74 -26.38 -55.51
N CYS A 493 9.82 -25.86 -54.89
CA CYS A 493 10.38 -26.50 -53.67
C CYS A 493 9.25 -26.90 -52.72
N LEU A 494 8.32 -25.98 -52.46
CA LEU A 494 7.22 -26.29 -51.55
C LEU A 494 6.43 -27.50 -52.03
N GLU A 495 6.15 -27.56 -53.33
CA GLU A 495 5.38 -28.67 -53.89
C GLU A 495 6.20 -29.93 -54.09
N GLU A 496 7.53 -29.86 -53.95
CA GLU A 496 8.39 -31.04 -54.09
C GLU A 496 8.39 -31.77 -52.75
N LEU A 497 7.38 -32.61 -52.57
CA LEU A 497 7.19 -33.32 -51.31
C LEU A 497 6.64 -34.71 -51.62
N CYS A 498 7.27 -35.73 -51.06
CA CYS A 498 6.84 -37.11 -51.25
C CYS A 498 6.00 -37.57 -50.07
N CYS A 499 5.19 -38.60 -50.32
CA CYS A 499 4.26 -39.09 -49.31
C CYS A 499 4.97 -39.72 -48.11
N ARG A 500 6.21 -40.15 -48.27
CA ARG A 500 6.92 -40.81 -47.19
C ARG A 500 8.42 -40.49 -47.27
N LYS A 501 9.07 -40.53 -46.11
CA LYS A 501 10.49 -40.21 -46.04
C LYS A 501 11.35 -41.35 -46.60
N LYS A 502 11.02 -42.59 -46.27
CA LYS A 502 11.80 -43.73 -46.70
C LYS A 502 11.16 -44.39 -47.92
N PRO A 503 11.94 -45.04 -48.77
CA PRO A 503 11.36 -45.70 -49.95
C PRO A 503 10.41 -46.82 -49.54
N GLY A 504 9.39 -47.01 -50.36
CA GLY A 504 8.39 -48.04 -50.09
C GLY A 504 7.12 -47.78 -50.89
N ALA A 505 6.04 -48.41 -50.43
CA ALA A 505 4.75 -48.26 -51.10
C ALA A 505 4.17 -46.87 -50.88
N CYS A 506 3.46 -46.37 -51.89
CA CYS A 506 2.84 -45.06 -51.81
C CYS A 506 1.59 -45.12 -50.94
N ILE A 507 0.92 -43.97 -50.79
CA ILE A 507 -0.27 -43.89 -49.95
C ILE A 507 -1.52 -43.82 -50.83
N THR A 508 -1.38 -43.27 -52.04
CA THR A 508 -2.53 -43.17 -52.92
C THR A 508 -3.00 -44.52 -53.42
N THR A 509 -2.17 -45.56 -53.29
CA THR A 509 -2.58 -46.91 -53.68
C THR A 509 -3.56 -47.54 -52.70
N SER A 510 -3.62 -47.04 -51.46
CA SER A 510 -4.58 -47.55 -50.50
C SER A 510 -6.00 -47.19 -50.92
N GLU A 511 -6.91 -48.15 -50.74
CA GLU A 511 -8.30 -47.93 -51.14
C GLU A 511 -8.97 -46.84 -50.31
N LEU A 512 -8.46 -46.57 -49.10
CA LEU A 512 -9.02 -45.50 -48.28
C LEU A 512 -8.86 -44.15 -48.97
N PHE A 513 -7.70 -43.88 -49.55
CA PHE A 513 -7.51 -42.66 -50.31
C PHE A 513 -8.43 -42.62 -51.52
N ARG A 514 -8.74 -43.78 -52.10
CA ARG A 514 -9.61 -43.82 -53.27
C ARG A 514 -11.05 -43.48 -52.90
N LYS A 515 -11.56 -44.10 -51.84
CA LYS A 515 -12.98 -43.99 -51.49
C LYS A 515 -13.25 -42.95 -50.41
N LEU A 516 -12.23 -42.18 -50.01
CA LEU A 516 -12.43 -41.07 -49.08
C LEU A 516 -12.07 -39.74 -49.71
N VAL A 517 -10.87 -39.62 -50.28
CA VAL A 517 -10.43 -38.38 -50.90
C VAL A 517 -10.88 -38.29 -52.35
N LEU A 518 -10.66 -39.35 -53.12
CA LEU A 518 -10.99 -39.36 -54.54
C LEU A 518 -12.46 -39.66 -54.80
N SER A 519 -13.18 -40.18 -53.82
CA SER A 519 -14.58 -40.56 -54.04
C SER A 519 -15.43 -39.35 -54.34
N ARG A 520 -16.00 -39.30 -55.54
CA ARG A 520 -16.84 -38.16 -55.92
C ARG A 520 -18.12 -38.12 -55.11
N HIS A 521 -18.60 -39.27 -54.65
CA HIS A 521 -19.87 -39.31 -53.92
C HIS A 521 -19.76 -38.59 -52.58
N VAL A 522 -18.74 -38.91 -51.78
CA VAL A 522 -18.62 -38.30 -50.46
C VAL A 522 -18.30 -36.82 -50.58
N LEU A 523 -17.44 -36.45 -51.53
CA LEU A 523 -17.14 -35.04 -51.75
C LEU A 523 -18.37 -34.26 -52.17
N GLN A 524 -19.17 -34.85 -53.07
CA GLN A 524 -20.39 -34.19 -53.52
C GLN A 524 -21.39 -34.07 -52.38
N PHE A 525 -21.49 -35.11 -51.54
CA PHE A 525 -22.35 -35.06 -50.37
C PHE A 525 -21.92 -33.96 -49.41
N LEU A 526 -20.62 -33.80 -49.19
CA LEU A 526 -20.16 -32.74 -48.31
C LEU A 526 -20.44 -31.37 -48.91
N LEU A 527 -20.31 -31.23 -50.23
CA LEU A 527 -20.65 -29.97 -50.87
C LEU A 527 -22.13 -29.64 -50.72
N LEU A 528 -22.99 -30.66 -50.88
CA LEU A 528 -24.44 -30.44 -50.71
C LEU A 528 -24.73 -30.03 -49.26
N TYR A 529 -23.97 -30.55 -48.30
CA TYR A 529 -24.21 -30.23 -46.87
C TYR A 529 -24.08 -28.73 -46.66
N GLN A 530 -22.99 -28.13 -47.17
CA GLN A 530 -22.76 -26.68 -47.00
C GLN A 530 -23.78 -25.90 -47.83
N GLU A 531 -23.95 -26.28 -49.10
CA GLU A 531 -24.91 -25.59 -50.01
C GLU A 531 -25.96 -26.60 -50.48
N PRO A 532 -27.17 -26.65 -49.88
CA PRO A 532 -28.16 -27.67 -50.24
C PRO A 532 -28.71 -27.48 -51.65
N LEU A 533 -28.37 -26.37 -52.31
CA LEU A 533 -28.87 -26.08 -53.65
C LEU A 533 -27.74 -25.61 -54.56
N LEU A 534 -26.62 -26.34 -54.54
CA LEU A 534 -25.50 -26.01 -55.40
C LEU A 534 -25.73 -26.57 -56.81
N ALA A 535 -25.28 -25.82 -57.80
CA ALA A 535 -25.35 -26.27 -59.19
C ALA A 535 -24.21 -27.24 -59.47
N LEU A 536 -24.56 -28.49 -59.79
CA LEU A 536 -23.59 -29.55 -59.95
C LEU A 536 -23.17 -29.79 -61.40
N ASP A 537 -23.68 -28.99 -62.33
CA ASP A 537 -23.40 -29.18 -63.75
C ASP A 537 -22.34 -28.24 -64.30
N VAL A 538 -21.70 -27.45 -63.44
CA VAL A 538 -20.71 -26.48 -63.87
C VAL A 538 -19.32 -27.04 -63.57
N ASP A 539 -18.32 -26.57 -64.33
CA ASP A 539 -16.94 -26.94 -64.03
C ASP A 539 -16.48 -26.39 -62.69
N SER A 540 -17.14 -25.35 -62.17
CA SER A 540 -16.86 -24.90 -60.82
C SER A 540 -17.19 -25.98 -59.79
N THR A 541 -18.16 -26.85 -60.10
CA THR A 541 -18.42 -27.99 -59.25
C THR A 541 -17.20 -28.91 -59.19
N ASN A 542 -16.57 -29.17 -60.34
CA ASN A 542 -15.34 -29.94 -60.35
C ASN A 542 -14.23 -29.22 -59.60
N SER A 543 -14.10 -27.89 -59.74
CA SER A 543 -13.08 -27.12 -58.98
C SER A 543 -13.33 -27.20 -57.47
N ARG A 544 -14.60 -27.07 -57.04
CA ARG A 544 -14.92 -27.18 -55.60
C ARG A 544 -14.68 -28.63 -55.19
N LEU A 545 -14.98 -29.60 -56.05
CA LEU A 545 -14.67 -31.01 -55.72
C LEU A 545 -13.17 -31.13 -55.41
N ARG A 546 -12.29 -30.59 -56.26
CA ARG A 546 -10.84 -30.61 -56.10
C ARG A 546 -10.38 -29.91 -54.81
N HIS A 547 -10.91 -28.72 -54.52
CA HIS A 547 -10.62 -28.02 -53.26
C HIS A 547 -11.00 -28.86 -52.04
N CYS A 548 -12.13 -29.56 -52.08
CA CYS A 548 -12.57 -30.38 -50.93
C CYS A 548 -11.64 -31.58 -50.77
N ALA A 549 -11.18 -32.15 -51.90
CA ALA A 549 -10.23 -33.29 -51.83
C ALA A 549 -8.95 -32.83 -51.12
N TYR A 550 -8.45 -31.62 -51.42
CA TYR A 550 -7.25 -31.12 -50.71
C TYR A 550 -7.54 -30.99 -49.21
N ARG A 551 -8.63 -30.31 -48.86
CA ARG A 551 -9.02 -30.07 -47.47
C ARG A 551 -9.33 -31.36 -46.72
N CYS A 552 -9.85 -32.39 -47.38
CA CYS A 552 -10.12 -33.67 -46.69
C CYS A 552 -8.81 -34.45 -46.50
N TYR A 553 -7.95 -34.47 -47.51
CA TYR A 553 -6.64 -35.13 -47.30
C TYR A 553 -5.96 -34.40 -46.14
N ALA A 554 -6.03 -33.06 -46.12
CA ALA A 554 -5.41 -32.28 -45.07
C ALA A 554 -6.02 -32.62 -43.71
N THR A 555 -7.34 -32.77 -43.57
CA THR A 555 -8.02 -33.08 -42.29
C THR A 555 -7.92 -34.57 -41.99
N TRP A 556 -8.08 -35.43 -43.01
CA TRP A 556 -7.89 -36.88 -42.77
C TRP A 556 -6.49 -37.12 -42.22
N ARG A 557 -5.49 -36.48 -42.83
CA ARG A 557 -4.12 -36.72 -42.40
C ARG A 557 -3.77 -35.90 -41.16
N PHE A 558 -4.16 -34.63 -41.13
CA PHE A 558 -3.89 -33.75 -40.00
C PHE A 558 -5.18 -33.58 -39.22
N GLY A 559 -5.18 -34.06 -37.97
CA GLY A 559 -6.42 -34.11 -37.21
C GLY A 559 -7.03 -32.73 -36.99
N SER A 560 -6.20 -31.77 -36.57
CA SER A 560 -6.70 -30.45 -36.23
C SER A 560 -7.08 -29.67 -37.49
N GLN A 561 -8.04 -28.76 -37.33
CA GLN A 561 -8.42 -27.90 -38.44
C GLN A 561 -7.37 -26.81 -38.67
N ASP A 562 -6.84 -26.23 -37.59
CA ASP A 562 -5.82 -25.21 -37.74
C ASP A 562 -4.49 -25.80 -38.21
N MET A 563 -4.25 -27.08 -37.91
CA MET A 563 -3.08 -27.76 -38.45
C MET A 563 -3.28 -28.14 -39.91
N ALA A 564 -4.51 -28.44 -40.32
CA ALA A 564 -4.79 -28.72 -41.72
C ALA A 564 -4.93 -27.45 -42.56
N ASP A 565 -5.05 -26.29 -41.91
CA ASP A 565 -5.09 -25.03 -42.66
C ASP A 565 -3.77 -24.78 -43.38
N PHE A 566 -2.65 -25.18 -42.79
CA PHE A 566 -1.32 -24.98 -43.35
C PHE A 566 -0.74 -26.24 -43.95
N ALA A 567 -1.58 -27.21 -44.27
CA ALA A 567 -1.13 -28.47 -44.84
C ALA A 567 -0.52 -28.25 -46.22
N ILE A 568 0.51 -29.04 -46.53
CA ILE A 568 1.03 -29.16 -47.87
C ILE A 568 0.99 -30.64 -48.26
N LEU A 569 0.23 -30.94 -49.30
CA LEU A 569 -0.02 -32.32 -49.67
C LEU A 569 1.18 -32.90 -50.40
N PRO A 570 1.35 -34.22 -50.37
CA PRO A 570 2.40 -34.84 -51.18
C PRO A 570 2.13 -34.67 -52.66
N SER A 571 3.21 -34.67 -53.44
CA SER A 571 3.08 -34.49 -54.88
C SER A 571 2.24 -35.60 -55.50
N CYS A 572 2.43 -36.83 -55.04
CA CYS A 572 1.66 -37.95 -55.58
C CYS A 572 0.16 -37.75 -55.36
N CYS A 573 -0.24 -37.47 -54.12
CA CYS A 573 -1.65 -37.28 -53.82
C CYS A 573 -2.22 -36.05 -54.52
N ARG A 574 -1.48 -34.93 -54.53
CA ARG A 574 -1.92 -33.68 -55.19
C ARG A 574 -2.14 -33.91 -56.68
N TRP A 575 -1.23 -34.61 -57.34
CA TRP A 575 -1.37 -34.82 -58.78
C TRP A 575 -2.42 -35.87 -59.09
N ARG A 576 -2.59 -36.87 -58.21
CA ARG A 576 -3.70 -37.80 -58.38
C ARG A 576 -5.04 -37.08 -58.27
N ILE A 577 -5.16 -36.17 -57.31
CA ILE A 577 -6.38 -35.37 -57.19
C ILE A 577 -6.60 -34.51 -58.42
N ARG A 578 -5.53 -33.88 -58.92
CA ARG A 578 -5.66 -32.98 -60.09
C ARG A 578 -6.07 -33.81 -61.31
N LYS A 579 -5.54 -35.02 -61.47
CA LYS A 579 -5.97 -35.90 -62.56
C LYS A 579 -7.43 -36.30 -62.40
N GLU A 580 -7.84 -36.65 -61.17
CA GLU A 580 -9.23 -37.06 -60.94
C GLU A 580 -10.20 -35.90 -61.09
N PHE A 581 -9.74 -34.66 -60.86
CA PHE A 581 -10.57 -33.47 -61.00
C PHE A 581 -9.81 -32.46 -61.85
N PRO A 582 -9.77 -32.66 -63.16
CA PRO A 582 -8.93 -31.80 -64.01
C PRO A 582 -9.50 -30.40 -64.17
N LYS A 583 -8.58 -29.44 -64.24
CA LYS A 583 -8.77 -28.06 -64.65
C LYS A 583 -7.95 -27.88 -65.91
N SER A 584 -8.57 -27.53 -67.04
CA SER A 584 -7.80 -27.22 -68.23
C SER A 584 -7.76 -25.73 -68.54
N GLU A 585 -8.35 -24.89 -67.70
CA GLU A 585 -8.37 -23.45 -67.98
C GLU A 585 -6.97 -22.86 -67.98
N GLY A 586 -6.12 -23.27 -67.04
CA GLY A 586 -4.80 -22.73 -66.97
C GLY A 586 -3.92 -23.53 -66.03
N GLN A 587 -2.79 -22.94 -65.63
CA GLN A 587 -1.95 -23.51 -64.58
C GLN A 587 -2.73 -23.66 -63.26
N TYR A 588 -2.48 -24.73 -62.53
CA TYR A 588 -2.96 -24.89 -61.16
C TYR A 588 -2.19 -23.96 -60.21
N SER A 589 -2.84 -23.44 -59.17
CA SER A 589 -2.19 -22.59 -58.16
C SER A 589 -1.44 -23.43 -57.11
N GLY A 590 -0.47 -22.83 -56.42
CA GLY A 590 0.26 -23.48 -55.35
C GLY A 590 -0.54 -23.57 -54.03
N PHE A 591 0.10 -24.10 -52.98
CA PHE A 591 -0.34 -23.81 -51.62
C PHE A 591 -0.15 -22.32 -51.34
N LYS A 592 -1.23 -21.63 -50.94
CA LYS A 592 -1.21 -20.24 -50.47
C LYS A 592 -1.71 -20.16 -49.03
N SER A 593 -0.92 -19.55 -48.17
CA SER A 593 -1.25 -19.43 -46.76
C SER A 593 -2.45 -18.50 -46.57
N PRO A 594 -3.40 -18.84 -45.70
CA PRO A 594 -4.52 -17.94 -45.44
C PRO A 594 -4.11 -16.61 -44.83
N TYR A 595 -2.94 -16.53 -44.20
CA TYR A 595 -2.49 -15.29 -43.58
C TYR A 595 -1.22 -14.77 -44.26
N CYS B 4 15.24 -29.71 -21.78
CA CYS B 4 13.79 -29.57 -22.09
C CYS B 4 13.49 -28.14 -22.54
N CYS B 5 14.36 -27.20 -22.18
CA CYS B 5 14.12 -25.76 -22.51
C CYS B 5 14.54 -25.48 -23.95
N SER B 6 13.95 -24.46 -24.57
CA SER B 6 14.30 -24.10 -25.97
C SER B 6 13.95 -22.63 -26.20
N CYS B 7 14.51 -22.01 -27.24
CA CYS B 7 14.11 -20.62 -27.56
C CYS B 7 12.61 -20.62 -27.81
N SER B 8 12.02 -21.79 -28.08
CA SER B 8 10.57 -21.85 -28.25
C SER B 8 9.86 -21.74 -26.90
N ASP B 9 10.38 -22.45 -25.89
CA ASP B 9 9.80 -22.34 -24.55
C ASP B 9 9.99 -20.94 -23.99
N VAL B 10 11.11 -20.29 -24.31
CA VAL B 10 11.35 -18.94 -23.84
C VAL B 10 10.31 -17.98 -24.41
N PHE B 11 10.06 -18.06 -25.72
CA PHE B 11 9.21 -17.09 -26.41
C PHE B 11 7.80 -17.66 -26.59
N GLN B 12 7.07 -17.71 -25.48
CA GLN B 12 5.72 -18.26 -25.46
C GLN B 12 4.88 -17.47 -24.48
N TYR B 13 3.67 -17.12 -24.90
CA TYR B 13 2.79 -16.23 -24.13
C TYR B 13 1.56 -16.98 -23.68
N GLU B 14 1.19 -16.77 -22.41
CA GLU B 14 0.02 -17.41 -21.80
C GLU B 14 -1.11 -16.39 -21.76
N THR B 15 -2.22 -16.70 -22.43
CA THR B 15 -3.41 -15.87 -22.38
C THR B 15 -4.61 -16.74 -22.05
N ASN B 16 -5.46 -16.23 -21.16
CA ASN B 16 -6.59 -17.01 -20.67
C ASN B 16 -7.68 -17.10 -21.72
N LYS B 17 -8.28 -18.28 -21.83
CA LYS B 17 -9.47 -18.42 -22.67
C LYS B 17 -10.65 -17.79 -21.95
N VAL B 18 -11.37 -16.91 -22.65
CA VAL B 18 -12.52 -16.21 -22.10
C VAL B 18 -13.71 -16.50 -23.00
N THR B 19 -14.89 -16.45 -22.40
CA THR B 19 -16.15 -16.53 -23.12
C THR B 19 -16.88 -15.21 -22.92
N ARG B 20 -17.07 -14.47 -24.02
CA ARG B 20 -17.67 -13.12 -23.93
C ARG B 20 -19.20 -13.22 -23.83
N ILE B 21 -19.73 -13.04 -22.62
CA ILE B 21 -21.21 -13.10 -22.40
C ILE B 21 -21.82 -11.80 -22.94
N GLN B 22 -22.94 -11.90 -23.66
CA GLN B 22 -23.58 -10.68 -24.25
C GLN B 22 -24.67 -10.19 -23.29
N SER B 23 -24.74 -10.75 -22.09
CA SER B 23 -25.80 -10.38 -21.12
C SER B 23 -25.78 -8.86 -20.88
N MET B 24 -26.92 -8.19 -21.08
CA MET B 24 -27.01 -6.73 -20.83
C MET B 24 -26.88 -6.48 -19.32
N ASN B 25 -27.54 -7.32 -18.51
CA ASN B 25 -27.51 -7.16 -17.04
C ASN B 25 -26.06 -7.20 -16.57
N TYR B 26 -25.29 -8.19 -17.04
CA TYR B 26 -23.86 -8.33 -16.63
C TYR B 26 -23.08 -7.12 -17.15
N GLY B 27 -23.43 -6.63 -18.33
CA GLY B 27 -22.79 -5.42 -18.84
C GLY B 27 -23.10 -4.21 -17.98
N THR B 28 -24.35 -4.07 -17.56
CA THR B 28 -24.71 -2.99 -16.64
C THR B 28 -23.88 -3.07 -15.37
N ILE B 29 -23.81 -4.25 -14.76
CA ILE B 29 -23.10 -4.39 -13.49
C ILE B 29 -21.62 -4.09 -13.67
N LYS B 30 -21.01 -4.63 -14.73
CA LYS B 30 -19.59 -4.43 -14.98
C LYS B 30 -19.27 -2.97 -15.22
N TRP B 31 -20.07 -2.30 -16.05
CA TRP B 31 -19.80 -0.90 -16.35
C TRP B 31 -20.04 -0.01 -15.13
N PHE B 32 -21.06 -0.32 -14.33
CA PHE B 32 -21.28 0.43 -13.11
C PHE B 32 -20.09 0.31 -12.17
N PHE B 33 -19.60 -0.92 -11.97
CA PHE B 33 -18.46 -1.12 -11.08
C PHE B 33 -17.23 -0.38 -11.60
N HIS B 34 -16.96 -0.51 -12.90
CA HIS B 34 -15.75 0.14 -13.48
C HIS B 34 -15.89 1.67 -13.36
N VAL B 35 -17.07 2.21 -13.65
CA VAL B 35 -17.24 3.66 -13.63
C VAL B 35 -17.09 4.19 -12.21
N ILE B 36 -17.69 3.53 -11.22
CA ILE B 36 -17.59 4.05 -9.86
C ILE B 36 -16.17 3.91 -9.34
N ILE B 37 -15.48 2.81 -9.67
CA ILE B 37 -14.06 2.68 -9.24
C ILE B 37 -13.22 3.76 -9.91
N PHE B 38 -13.38 3.96 -11.22
CA PHE B 38 -12.61 5.01 -11.94
C PHE B 38 -12.99 6.40 -11.38
N SER B 39 -14.27 6.66 -11.17
CA SER B 39 -14.69 8.00 -10.69
C SER B 39 -14.10 8.24 -9.30
N TYR B 40 -14.14 7.22 -8.44
CA TYR B 40 -13.56 7.35 -7.08
C TYR B 40 -12.04 7.53 -7.15
N VAL B 41 -11.33 6.65 -7.87
CA VAL B 41 -9.84 6.71 -7.88
C VAL B 41 -9.37 8.01 -8.56
N CYS B 42 -10.06 8.47 -9.61
CA CYS B 42 -9.69 9.77 -10.24
C CYS B 42 -9.84 10.88 -9.19
N PHE B 43 -10.89 10.82 -8.37
CA PHE B 43 -11.09 11.83 -7.30
C PHE B 43 -9.90 11.75 -6.33
N ALA B 44 -9.66 10.58 -5.74
CA ALA B 44 -8.54 10.41 -4.78
C ALA B 44 -7.27 11.04 -5.37
N LEU B 45 -7.10 10.99 -6.68
CA LEU B 45 -5.86 11.52 -7.32
C LEU B 45 -5.94 13.05 -7.29
N VAL B 46 -7.10 13.59 -7.66
CA VAL B 46 -7.22 15.05 -7.72
C VAL B 46 -7.27 15.65 -6.32
N SER B 47 -8.09 15.07 -5.43
CA SER B 47 -8.30 15.65 -4.12
C SER B 47 -7.06 15.51 -3.23
N ASP B 48 -6.49 14.31 -3.17
CA ASP B 48 -5.39 14.05 -2.26
C ASP B 48 -4.03 14.29 -2.89
N LYS B 49 -3.98 14.71 -4.16
CA LYS B 49 -2.73 15.00 -4.86
C LYS B 49 -1.78 13.81 -4.79
N LEU B 50 -2.32 12.62 -5.06
CA LEU B 50 -1.53 11.39 -5.00
C LEU B 50 -0.53 11.28 -6.14
N TYR B 51 -0.59 12.18 -7.12
CA TYR B 51 0.36 12.22 -8.21
C TYR B 51 1.63 13.00 -7.87
N GLN B 52 1.69 13.62 -6.69
CA GLN B 52 2.81 14.45 -6.29
C GLN B 52 3.62 13.76 -5.21
N ARG B 53 4.93 13.97 -5.25
CA ARG B 53 5.78 13.68 -4.11
C ARG B 53 5.67 14.81 -3.11
N LYS B 54 5.43 14.46 -1.85
CA LYS B 54 5.14 15.43 -0.81
C LYS B 54 6.20 15.38 0.28
N GLU B 55 6.59 16.56 0.76
CA GLU B 55 7.61 16.69 1.78
C GLU B 55 7.11 17.56 2.91
N PRO B 56 7.41 17.21 4.16
CA PRO B 56 7.00 18.05 5.28
C PRO B 56 7.86 19.31 5.38
N VAL B 57 7.31 20.33 6.03
CA VAL B 57 8.00 21.60 6.19
C VAL B 57 9.10 21.46 7.22
N ILE B 58 10.11 22.32 7.09
CA ILE B 58 11.16 22.49 8.10
C ILE B 58 11.02 23.91 8.62
N SER B 59 10.25 24.08 9.68
CA SER B 59 9.85 25.40 10.14
C SER B 59 10.83 25.94 11.18
N SER B 60 10.76 27.26 11.40
CA SER B 60 11.57 27.95 12.39
C SER B 60 10.82 29.23 12.76
N VAL B 61 10.28 29.29 13.97
CA VAL B 61 9.40 30.37 14.41
C VAL B 61 10.18 31.33 15.31
N HIS B 62 10.00 32.63 15.08
CA HIS B 62 10.50 33.65 15.99
C HIS B 62 9.35 34.60 16.32
N THR B 63 9.11 34.80 17.60
CA THR B 63 7.97 35.57 18.07
C THR B 63 8.43 36.78 18.87
N LYS B 64 7.77 37.92 18.71
CA LYS B 64 8.00 39.11 19.52
C LYS B 64 6.68 39.65 19.98
N VAL B 65 6.51 39.84 21.29
CA VAL B 65 5.29 40.40 21.88
C VAL B 65 5.52 41.88 22.14
N LYS B 66 4.60 42.72 21.71
CA LYS B 66 4.58 44.15 22.02
C LYS B 66 3.33 44.47 22.80
N GLY B 67 3.46 45.41 23.70
CA GLY B 67 2.36 45.88 24.54
C GLY B 67 2.89 46.09 25.94
N ILE B 68 2.27 47.02 26.66
CA ILE B 68 2.63 47.37 28.02
C ILE B 68 1.38 47.35 28.88
N ALA B 69 1.56 47.05 30.17
CA ALA B 69 0.43 46.91 31.08
C ALA B 69 0.65 47.79 32.31
N GLU B 70 -0.42 48.44 32.76
CA GLU B 70 -0.39 49.22 33.98
C GLU B 70 -0.87 48.32 35.12
N VAL B 71 0.08 47.84 35.92
CA VAL B 71 -0.22 46.92 37.01
C VAL B 71 -0.43 47.72 38.29
N LYS B 72 -1.53 47.45 38.97
CA LYS B 72 -1.91 48.16 40.19
C LYS B 72 -1.72 47.21 41.37
N GLU B 73 -0.51 47.22 41.92
CA GLU B 73 -0.16 46.31 43.00
C GLU B 73 0.12 47.06 44.30
N VAL B 84 0.42 51.58 44.77
CA VAL B 84 1.55 51.75 43.87
C VAL B 84 1.21 51.19 42.49
N HIS B 85 1.55 51.94 41.45
CA HIS B 85 1.29 51.57 40.07
C HIS B 85 2.61 51.41 39.34
N SER B 86 2.78 50.27 38.66
CA SER B 86 3.98 50.00 37.89
C SER B 86 3.60 49.69 36.44
N VAL B 87 4.60 49.67 35.58
CA VAL B 87 4.40 49.47 34.14
C VAL B 87 5.22 48.28 33.70
N PHE B 88 4.59 47.37 32.97
CA PHE B 88 5.21 46.13 32.52
C PHE B 88 5.41 46.19 31.01
N ASP B 89 6.65 46.03 30.57
CA ASP B 89 7.04 46.02 29.17
C ASP B 89 7.25 44.58 28.71
N THR B 90 7.76 44.41 27.49
CA THR B 90 8.00 43.07 26.96
C THR B 90 8.95 42.29 27.86
N ALA B 91 10.02 42.93 28.32
CA ALA B 91 11.00 42.27 29.16
C ALA B 91 10.46 41.85 30.52
N ASP B 92 9.26 42.32 30.88
CA ASP B 92 8.69 42.08 32.20
C ASP B 92 7.71 40.91 32.24
N TYR B 93 6.88 40.73 31.21
CA TYR B 93 5.91 39.64 31.21
C TYR B 93 6.32 38.45 30.35
N THR B 94 7.14 38.64 29.34
CA THR B 94 7.59 37.54 28.51
C THR B 94 8.83 36.90 29.12
N PHE B 95 8.87 35.58 29.08
CA PHE B 95 9.93 34.79 29.68
C PHE B 95 10.80 34.15 28.60
N PRO B 96 12.05 33.82 28.92
CA PRO B 96 12.98 33.39 27.86
C PRO B 96 12.60 32.05 27.25
N LEU B 97 11.53 32.05 26.46
CA LEU B 97 11.10 30.88 25.69
C LEU B 97 11.32 31.19 24.22
N GLN B 98 12.46 30.76 23.68
CA GLN B 98 12.77 30.94 22.28
C GLN B 98 12.35 29.71 21.50
N GLY B 99 11.66 29.93 20.39
CA GLY B 99 11.22 28.82 19.57
C GLY B 99 9.73 28.84 19.29
N ASN B 100 9.12 27.64 19.27
CA ASN B 100 7.71 27.54 18.91
C ASN B 100 6.81 28.17 19.95
N SER B 101 7.01 27.82 21.22
CA SER B 101 6.14 28.32 22.28
C SER B 101 6.66 29.65 22.81
N PHE B 102 5.73 30.45 23.32
CA PHE B 102 6.09 31.65 24.07
C PHE B 102 5.07 31.86 25.19
N PHE B 103 5.49 32.58 26.22
CA PHE B 103 4.72 32.75 27.44
C PHE B 103 4.48 34.23 27.70
N VAL B 104 3.26 34.56 28.13
CA VAL B 104 2.88 35.92 28.47
C VAL B 104 2.26 35.90 29.86
N MET B 105 2.96 36.44 30.84
CA MET B 105 2.45 36.45 32.21
C MET B 105 1.27 37.41 32.33
N THR B 106 0.18 36.91 32.91
CA THR B 106 -1.01 37.71 33.12
C THR B 106 -1.40 37.86 34.58
N ASN B 107 -0.62 37.29 35.50
CA ASN B 107 -0.91 37.39 36.93
C ASN B 107 0.32 36.94 37.68
N PHE B 108 0.47 37.40 38.92
CA PHE B 108 1.61 36.96 39.71
C PHE B 108 1.32 37.15 41.19
N LEU B 109 2.15 36.51 42.01
CA LEU B 109 2.14 36.65 43.47
C LEU B 109 3.59 36.65 43.93
N LYS B 110 4.12 37.81 44.28
CA LYS B 110 5.53 37.94 44.65
C LYS B 110 5.68 38.02 46.16
N THR B 111 6.65 37.27 46.69
CA THR B 111 7.01 37.30 48.11
C THR B 111 8.45 37.82 48.17
N GLU B 112 8.59 39.14 48.23
CA GLU B 112 9.89 39.77 48.09
C GLU B 112 10.61 39.85 49.43
N GLY B 113 11.93 40.04 49.35
CA GLY B 113 12.76 40.17 50.52
C GLY B 113 13.05 38.88 51.25
N GLN B 114 12.84 37.72 50.61
CA GLN B 114 13.08 36.45 51.27
C GLN B 114 14.56 36.26 51.54
N GLU B 115 14.90 35.89 52.77
CA GLU B 115 16.28 35.68 53.17
C GLU B 115 16.40 34.31 53.83
N GLN B 116 17.57 33.69 53.68
CA GLN B 116 17.77 32.33 54.15
C GLN B 116 17.93 32.35 55.67
N ARG B 117 16.91 31.93 56.40
CA ARG B 117 16.92 31.99 57.85
C ARG B 117 15.84 31.06 58.40
N LEU B 118 15.60 31.15 59.71
CA LEU B 118 14.56 30.38 60.38
C LEU B 118 13.33 31.26 60.59
N CYS B 119 12.16 30.67 60.41
CA CYS B 119 10.90 31.42 60.47
C CYS B 119 9.78 30.45 60.81
N PRO B 120 8.68 30.94 61.36
CA PRO B 120 7.51 30.08 61.55
C PRO B 120 6.84 29.75 60.23
N GLU B 121 6.39 28.51 60.11
CA GLU B 121 5.66 28.09 58.91
C GLU B 121 4.35 28.84 58.80
N TYR B 122 3.88 28.99 57.57
CA TYR B 122 2.56 29.55 57.36
C TYR B 122 1.51 28.61 57.95
N PRO B 123 0.45 29.14 58.58
CA PRO B 123 -0.49 28.26 59.29
C PRO B 123 -1.38 27.42 58.38
N THR B 124 -0.76 26.51 57.62
CA THR B 124 -1.50 25.49 56.92
C THR B 124 -2.01 24.45 57.91
N ARG B 125 -3.11 23.79 57.56
CA ARG B 125 -3.72 22.82 58.48
C ARG B 125 -2.75 21.71 58.85
N ARG B 126 -1.77 21.43 57.99
CA ARG B 126 -0.79 20.39 58.26
C ARG B 126 0.43 20.90 59.02
N THR B 127 0.44 22.17 59.42
CA THR B 127 1.59 22.74 60.13
C THR B 127 1.26 23.26 61.52
N LEU B 128 0.00 23.21 61.94
CA LEU B 128 -0.36 23.65 63.29
C LEU B 128 0.14 22.66 64.33
N CYS B 129 0.60 23.18 65.47
CA CYS B 129 1.03 22.35 66.58
C CYS B 129 0.31 22.78 67.85
N SER B 130 0.25 21.86 68.80
CA SER B 130 -0.13 22.19 70.17
C SER B 130 1.06 22.33 71.10
N SER B 131 2.17 21.69 70.76
CA SER B 131 3.42 21.81 71.51
C SER B 131 4.55 21.37 70.58
N ASP B 132 5.79 21.46 71.08
CA ASP B 132 6.94 21.07 70.27
C ASP B 132 6.94 19.58 69.96
N ARG B 133 6.14 18.78 70.68
CA ARG B 133 6.06 17.35 70.38
C ARG B 133 5.40 17.09 69.04
N GLY B 134 4.50 17.99 68.61
CA GLY B 134 3.81 17.78 67.35
C GLY B 134 4.73 17.87 66.15
N CYS B 135 5.68 18.80 66.17
CA CYS B 135 6.55 19.05 65.03
C CYS B 135 7.84 18.24 65.17
N LYS B 136 8.20 17.54 64.10
CA LYS B 136 9.42 16.75 64.05
C LYS B 136 10.57 17.59 63.51
N LYS B 137 11.79 17.12 63.77
CA LYS B 137 12.99 17.78 63.30
C LYS B 137 13.47 17.14 62.00
N GLY B 138 13.71 17.96 60.99
CA GLY B 138 14.14 17.47 59.70
C GLY B 138 13.04 16.95 58.81
N TRP B 139 11.78 17.02 59.24
CA TRP B 139 10.68 16.48 58.46
C TRP B 139 10.45 17.29 57.20
N MET B 140 10.18 16.60 56.10
CA MET B 140 9.90 17.23 54.81
C MET B 140 8.81 16.46 54.08
N ASP B 141 7.88 17.19 53.49
CA ASP B 141 6.85 16.63 52.63
C ASP B 141 6.62 17.58 51.47
N PRO B 142 6.10 17.13 50.33
CA PRO B 142 5.99 17.94 49.11
C PRO B 142 5.27 19.28 49.28
N GLN B 143 4.33 19.39 50.22
CA GLN B 143 3.66 20.67 50.52
C GLN B 143 4.41 21.52 51.55
N SER B 144 5.57 21.08 52.07
CA SER B 144 6.33 21.84 53.04
C SER B 144 7.29 22.79 52.34
N LYS B 145 7.40 24.01 52.86
CA LYS B 145 8.26 25.03 52.29
C LYS B 145 9.55 25.25 53.08
N GLY B 146 9.84 24.37 54.02
CA GLY B 146 11.10 24.44 54.76
C GLY B 146 11.28 23.23 55.63
N ILE B 147 12.55 22.94 55.93
CA ILE B 147 12.88 21.82 56.81
C ILE B 147 12.43 22.17 58.21
N GLN B 148 11.58 21.33 58.80
CA GLN B 148 11.05 21.61 60.13
C GLN B 148 12.14 21.50 61.18
N THR B 149 12.02 22.34 62.20
CA THR B 149 12.87 22.29 63.38
C THR B 149 12.02 21.83 64.56
N GLY B 150 12.66 21.22 65.54
CA GLY B 150 11.94 20.67 66.69
C GLY B 150 11.14 21.69 67.47
N ARG B 151 11.47 22.97 67.34
CA ARG B 151 10.74 24.02 68.03
C ARG B 151 9.49 24.41 67.24
N CYS B 152 8.49 24.90 67.96
CA CYS B 152 7.24 25.38 67.37
C CYS B 152 7.06 26.83 67.83
N VAL B 153 7.34 27.75 66.92
CA VAL B 153 7.33 29.17 67.26
C VAL B 153 5.96 29.77 66.95
N VAL B 154 5.64 30.88 67.62
CA VAL B 154 4.42 31.61 67.33
C VAL B 154 4.59 32.39 66.04
N TYR B 155 3.62 32.22 65.13
CA TYR B 155 3.57 33.04 63.92
C TYR B 155 3.09 34.46 64.24
N GLU B 156 1.88 34.57 64.79
CA GLU B 156 1.26 35.86 65.05
C GLU B 156 0.12 35.65 66.05
N GLY B 157 0.05 36.52 67.06
CA GLY B 157 -0.96 36.36 68.09
C GLY B 157 -0.81 35.06 68.84
N ASN B 158 -1.86 34.23 68.80
CA ASN B 158 -1.87 32.93 69.46
C ASN B 158 -1.70 31.78 68.48
N GLN B 159 -1.36 32.07 67.23
CA GLN B 159 -1.16 31.04 66.21
C GLN B 159 0.23 30.45 66.41
N LYS B 160 0.29 29.16 66.70
CA LYS B 160 1.58 28.45 66.92
C LYS B 160 1.85 27.52 65.74
N THR B 161 2.90 27.81 64.97
CA THR B 161 3.22 27.03 63.78
C THR B 161 4.65 26.52 63.87
N CYS B 162 4.88 25.31 63.39
CA CYS B 162 6.20 24.69 63.47
C CYS B 162 7.25 25.53 62.76
N GLU B 163 8.34 25.82 63.48
CA GLU B 163 9.41 26.62 62.91
C GLU B 163 10.22 25.81 61.92
N VAL B 164 10.68 26.47 60.86
CA VAL B 164 11.44 25.84 59.80
C VAL B 164 12.62 26.71 59.43
N SER B 165 13.58 26.11 58.72
CA SER B 165 14.68 26.83 58.11
C SER B 165 14.45 26.86 56.61
N ALA B 166 14.32 28.05 56.05
CA ALA B 166 13.97 28.19 54.63
C ALA B 166 14.22 29.65 54.23
N TRP B 167 13.76 30.00 53.04
CA TRP B 167 13.68 31.40 52.64
C TRP B 167 12.48 32.03 53.32
N CYS B 168 12.73 33.03 54.16
CA CYS B 168 11.70 33.62 54.99
C CYS B 168 11.53 35.10 54.67
N PRO B 169 10.30 35.62 54.76
CA PRO B 169 9.06 34.96 55.19
C PRO B 169 8.52 33.96 54.18
N ILE B 170 7.99 32.84 54.68
CA ILE B 170 7.43 31.82 53.82
C ILE B 170 6.24 32.37 53.06
N GLU B 171 6.18 32.10 51.76
CA GLU B 171 5.13 32.67 50.94
C GLU B 171 3.77 32.17 51.40
N ALA B 172 2.81 33.10 51.47
CA ALA B 172 1.48 32.77 51.95
C ALA B 172 0.75 31.90 50.94
N VAL B 173 -0.07 30.98 51.46
CA VAL B 173 -0.96 30.19 50.61
C VAL B 173 -2.11 31.12 50.22
N GLU B 174 -2.02 31.70 49.02
CA GLU B 174 -2.91 32.77 48.60
C GLU B 174 -3.54 32.43 47.26
N GLU B 175 -4.83 32.73 47.13
CA GLU B 175 -5.53 32.52 45.88
C GLU B 175 -4.99 33.47 44.81
N ALA B 176 -5.10 33.07 43.56
CA ALA B 176 -4.65 33.91 42.46
C ALA B 176 -5.44 35.21 42.46
N PRO B 177 -4.78 36.37 42.41
CA PRO B 177 -5.49 37.65 42.54
C PRO B 177 -6.39 37.91 41.34
N ARG B 178 -7.70 37.97 41.60
CA ARG B 178 -8.67 38.29 40.57
C ARG B 178 -9.30 39.64 40.85
N PRO B 179 -9.42 40.53 39.84
CA PRO B 179 -9.07 40.31 38.43
C PRO B 179 -7.57 40.23 38.20
N ALA B 180 -7.17 39.65 37.07
CA ALA B 180 -5.76 39.48 36.77
C ALA B 180 -5.04 40.82 36.80
N LEU B 181 -3.85 40.83 37.39
CA LEU B 181 -3.08 42.08 37.47
C LEU B 181 -2.70 42.58 36.09
N LEU B 182 -2.48 41.68 35.14
CA LEU B 182 -2.13 42.07 33.78
C LEU B 182 -3.23 41.64 32.81
N ASN B 183 -4.48 41.89 33.18
CA ASN B 183 -5.59 41.57 32.26
C ASN B 183 -5.57 42.44 31.01
N SER B 184 -4.74 43.48 30.99
CA SER B 184 -4.49 44.25 29.78
C SER B 184 -3.75 43.43 28.73
N ALA B 185 -3.31 42.21 29.07
CA ALA B 185 -2.56 41.38 28.15
C ALA B 185 -3.38 40.95 26.95
N GLU B 186 -4.70 41.14 26.97
CA GLU B 186 -5.48 40.87 25.78
C GLU B 186 -5.25 41.90 24.69
N ASN B 187 -4.60 43.02 25.02
CA ASN B 187 -4.28 44.05 24.05
C ASN B 187 -2.88 43.92 23.47
N PHE B 188 -2.12 42.93 23.91
CA PHE B 188 -0.77 42.72 23.40
C PHE B 188 -0.84 42.06 22.02
N THR B 189 0.12 42.36 21.17
CA THR B 189 0.20 41.79 19.83
C THR B 189 1.46 40.96 19.75
N VAL B 190 1.42 39.81 19.09
CA VAL B 190 2.61 39.02 18.77
C VAL B 190 2.87 39.00 17.27
N LEU B 191 4.06 39.41 16.83
CA LEU B 191 4.56 39.15 15.49
C LEU B 191 5.17 37.75 15.47
N ILE B 192 4.74 36.90 14.54
CA ILE B 192 5.25 35.55 14.34
C ILE B 192 5.91 35.50 12.97
N LYS B 193 7.23 35.33 12.94
CA LYS B 193 8.03 35.18 11.72
C LYS B 193 8.24 33.68 11.54
N ASN B 194 7.79 33.10 10.43
CA ASN B 194 7.88 31.67 10.20
C ASN B 194 8.51 31.42 8.85
N ASN B 195 9.59 30.64 8.82
CA ASN B 195 10.26 30.25 7.58
C ASN B 195 10.09 28.75 7.41
N ILE B 196 9.58 28.34 6.26
CA ILE B 196 9.52 26.91 5.94
C ILE B 196 10.52 26.64 4.83
N ASP B 197 11.02 25.40 4.83
CA ASP B 197 11.99 24.94 3.86
C ASP B 197 11.61 23.53 3.45
N PHE B 198 11.59 23.28 2.14
CA PHE B 198 11.48 21.95 1.58
C PHE B 198 12.83 21.60 0.97
N PRO B 199 13.62 20.75 1.62
CA PRO B 199 14.96 20.47 1.09
C PRO B 199 14.95 19.61 -0.15
N GLY B 200 14.11 18.57 -0.19
CA GLY B 200 14.02 17.75 -1.38
C GLY B 200 13.50 18.51 -2.57
N HIS B 201 12.48 19.34 -2.37
CA HIS B 201 11.97 20.19 -3.43
C HIS B 201 12.76 21.47 -3.60
N ASN B 202 13.64 21.79 -2.65
CA ASN B 202 14.49 22.99 -2.71
C ASN B 202 13.63 24.25 -2.84
N TYR B 203 12.79 24.49 -1.84
CA TYR B 203 11.92 25.66 -1.84
C TYR B 203 11.82 26.24 -0.45
N THR B 204 12.27 27.48 -0.28
CA THR B 204 12.24 28.17 1.00
C THR B 204 11.33 29.38 0.90
N THR B 205 10.52 29.61 1.93
CA THR B 205 9.67 30.80 1.92
C THR B 205 9.31 31.18 3.35
N ARG B 206 8.76 32.39 3.50
CA ARG B 206 8.41 32.96 4.78
C ARG B 206 6.98 33.47 4.74
N ASN B 207 6.32 33.45 5.90
CA ASN B 207 4.94 33.92 5.98
C ASN B 207 4.82 35.44 5.94
N ILE B 208 5.94 36.16 6.00
CA ILE B 208 5.95 37.62 5.88
C ILE B 208 6.31 37.96 4.45
N LEU B 209 5.46 38.74 3.80
CA LEU B 209 5.61 39.06 2.39
C LEU B 209 6.08 40.50 2.20
N PRO B 210 6.70 40.79 1.06
CA PRO B 210 7.09 42.18 0.77
C PRO B 210 5.88 43.09 0.72
N GLY B 211 6.08 44.34 1.12
CA GLY B 211 4.98 45.28 1.21
C GLY B 211 3.98 44.94 2.29
N LEU B 212 4.46 44.54 3.47
CA LEU B 212 3.59 44.16 4.58
C LEU B 212 3.52 45.34 5.55
N ASN B 213 2.35 45.95 5.67
CA ASN B 213 2.13 46.96 6.69
C ASN B 213 2.24 46.31 8.06
N ILE B 214 2.86 47.01 9.00
CA ILE B 214 2.97 46.48 10.36
C ILE B 214 1.88 47.02 11.27
N THR B 215 1.13 48.03 10.84
CA THR B 215 0.01 48.52 11.61
C THR B 215 -1.17 47.56 11.58
N CYS B 216 -1.13 46.55 10.70
CA CYS B 216 -2.18 45.56 10.59
C CYS B 216 -2.25 44.67 11.84
N THR B 217 -3.39 44.04 12.00
CA THR B 217 -3.60 42.97 12.97
C THR B 217 -4.38 41.88 12.27
N PHE B 218 -4.01 40.63 12.53
CA PHE B 218 -4.64 39.51 11.84
C PHE B 218 -6.15 39.52 12.04
N HIS B 219 -6.88 39.35 10.94
CA HIS B 219 -8.31 39.16 10.98
C HIS B 219 -8.64 37.95 10.12
N LYS B 220 -9.62 37.15 10.57
CA LYS B 220 -9.91 35.89 9.91
C LYS B 220 -10.29 36.08 8.45
N THR B 221 -10.95 37.19 8.11
CA THR B 221 -11.36 37.47 6.74
C THR B 221 -10.74 38.74 6.18
N GLN B 222 -10.79 39.85 6.94
CA GLN B 222 -10.32 41.13 6.41
C GLN B 222 -8.84 41.10 6.09
N ASN B 223 -8.02 40.62 7.03
CA ASN B 223 -6.57 40.62 6.88
C ASN B 223 -6.03 39.28 7.33
N PRO B 224 -6.24 38.23 6.52
CA PRO B 224 -5.89 36.87 6.96
C PRO B 224 -4.40 36.56 6.93
N GLN B 225 -3.58 37.39 6.28
CA GLN B 225 -2.16 37.09 6.11
C GLN B 225 -1.26 38.02 6.92
N CYS B 226 -1.83 38.83 7.80
CA CYS B 226 -1.02 39.68 8.66
C CYS B 226 -0.56 38.87 9.86
N PRO B 227 0.74 38.71 10.08
CA PRO B 227 1.21 37.81 11.15
C PRO B 227 1.28 38.44 12.53
N ILE B 228 0.65 39.59 12.75
CA ILE B 228 0.61 40.25 14.04
C ILE B 228 -0.75 39.95 14.66
N PHE B 229 -0.75 39.06 15.64
CA PHE B 229 -1.99 38.58 16.26
C PHE B 229 -2.18 39.26 17.61
N ARG B 230 -3.35 39.85 17.81
CA ARG B 230 -3.72 40.35 19.12
C ARG B 230 -4.18 39.19 19.98
N LEU B 231 -3.71 39.14 21.23
CA LEU B 231 -3.99 37.98 22.08
C LEU B 231 -5.47 37.89 22.41
N GLY B 232 -6.11 39.03 22.70
CA GLY B 232 -7.53 39.02 22.97
C GLY B 232 -8.33 38.51 21.78
N ASP B 233 -7.92 38.88 20.57
CA ASP B 233 -8.57 38.35 19.37
C ASP B 233 -8.33 36.87 19.20
N ILE B 234 -7.12 36.40 19.52
CA ILE B 234 -6.85 34.97 19.50
C ILE B 234 -7.82 34.23 20.41
N PHE B 235 -8.09 34.80 21.59
CA PHE B 235 -8.98 34.12 22.52
C PHE B 235 -10.44 34.23 22.11
N ARG B 236 -10.85 35.37 21.54
CA ARG B 236 -12.24 35.50 21.11
C ARG B 236 -12.54 34.76 19.82
N GLU B 237 -11.51 34.35 19.07
CA GLU B 237 -11.72 33.52 17.89
C GLU B 237 -11.90 32.05 18.23
N THR B 238 -11.72 31.66 19.49
CA THR B 238 -11.99 30.31 19.95
C THR B 238 -13.10 30.27 21.00
N GLY B 239 -13.84 31.35 21.17
CA GLY B 239 -14.90 31.39 22.16
C GLY B 239 -14.42 31.26 23.58
N ASP B 240 -13.23 31.79 23.87
CA ASP B 240 -12.70 31.80 25.22
C ASP B 240 -12.85 33.19 25.83
N ASN B 241 -12.88 33.23 27.16
CA ASN B 241 -12.94 34.47 27.91
C ASN B 241 -11.53 34.76 28.41
N PHE B 242 -10.88 35.77 27.83
CA PHE B 242 -9.51 36.08 28.23
C PHE B 242 -9.44 36.49 29.70
N SER B 243 -10.45 37.22 30.18
CA SER B 243 -10.41 37.69 31.55
C SER B 243 -10.40 36.54 32.54
N ASP B 244 -11.13 35.46 32.25
CA ASP B 244 -11.11 34.29 33.11
C ASP B 244 -9.81 33.51 32.95
N VAL B 245 -9.34 33.36 31.71
CA VAL B 245 -8.10 32.62 31.48
C VAL B 245 -6.91 33.35 32.07
N ALA B 246 -6.91 34.68 32.03
CA ALA B 246 -5.77 35.44 32.53
C ALA B 246 -5.56 35.25 34.01
N ILE B 247 -6.64 35.03 34.77
CA ILE B 247 -6.54 35.00 36.24
C ILE B 247 -5.65 33.86 36.70
N GLN B 248 -5.86 32.66 36.17
CA GLN B 248 -5.11 31.48 36.59
C GLN B 248 -4.20 30.92 35.52
N GLY B 249 -4.36 31.33 34.27
CA GLY B 249 -3.49 30.91 33.20
C GLY B 249 -4.18 29.95 32.25
N GLY B 250 -3.40 29.46 31.31
CA GLY B 250 -3.90 28.49 30.35
C GLY B 250 -2.85 28.20 29.32
N ILE B 251 -3.19 27.30 28.41
CA ILE B 251 -2.36 26.97 27.26
C ILE B 251 -3.18 27.19 26.01
N MET B 252 -2.61 27.92 25.05
CA MET B 252 -3.31 28.21 23.78
C MET B 252 -2.41 27.74 22.65
N GLY B 253 -2.97 27.52 21.47
CA GLY B 253 -2.21 27.00 20.36
C GLY B 253 -2.51 27.68 19.05
N ILE B 254 -1.45 28.13 18.37
CA ILE B 254 -1.56 28.81 17.09
C ILE B 254 -1.06 27.83 16.03
N GLU B 255 -1.99 27.21 15.30
CA GLU B 255 -1.62 26.34 14.21
C GLU B 255 -1.36 27.16 12.95
N ILE B 256 -0.27 26.84 12.26
CA ILE B 256 0.06 27.43 10.97
C ILE B 256 0.13 26.28 9.97
N TYR B 257 -0.82 26.26 9.04
CA TYR B 257 -0.93 25.19 8.06
C TYR B 257 -0.35 25.67 6.73
N TRP B 258 0.66 24.96 6.23
CA TRP B 258 1.30 25.26 4.96
C TRP B 258 0.95 24.17 3.96
N ASP B 259 -0.15 24.36 3.24
CA ASP B 259 -0.53 23.46 2.15
C ASP B 259 0.01 24.05 0.87
N CYS B 260 1.12 23.49 0.37
CA CYS B 260 1.80 24.04 -0.79
C CYS B 260 1.90 23.00 -1.89
N ASN B 261 1.58 23.41 -3.12
CA ASN B 261 1.93 22.66 -4.31
C ASN B 261 2.93 23.48 -5.12
N LEU B 262 4.09 22.90 -5.39
CA LEU B 262 5.22 23.62 -5.97
C LEU B 262 5.27 23.47 -7.48
N ASP B 263 4.13 23.24 -8.12
CA ASP B 263 4.04 23.21 -9.57
C ASP B 263 3.94 24.64 -10.09
N ARG B 264 4.78 24.98 -11.08
CA ARG B 264 4.81 26.35 -11.59
C ARG B 264 3.48 26.76 -12.19
N TRP B 265 2.74 25.80 -12.77
CA TRP B 265 1.44 26.13 -13.35
C TRP B 265 0.45 26.52 -12.26
N PHE B 266 0.35 25.71 -11.21
CA PHE B 266 -0.58 25.93 -10.11
C PHE B 266 0.24 26.02 -8.83
N HIS B 267 0.74 27.22 -8.54
CA HIS B 267 1.65 27.45 -7.44
C HIS B 267 0.95 28.27 -6.37
N HIS B 268 0.91 27.75 -5.15
CA HIS B 268 0.44 28.52 -4.01
C HIS B 268 1.02 27.89 -2.75
N CYS B 269 1.82 28.68 -2.02
CA CYS B 269 2.40 28.25 -0.75
C CYS B 269 2.25 29.41 0.23
N ARG B 270 1.12 29.45 0.91
CA ARG B 270 0.82 30.49 1.88
C ARG B 270 0.30 29.87 3.16
N PRO B 271 0.53 30.51 4.31
CA PRO B 271 0.10 29.94 5.58
C PRO B 271 -1.40 30.13 5.81
N LYS B 272 -1.94 29.30 6.68
CA LYS B 272 -3.31 29.40 7.14
C LYS B 272 -3.30 29.31 8.66
N TYR B 273 -3.73 30.39 9.32
CA TYR B 273 -3.64 30.48 10.77
C TYR B 273 -4.94 30.02 11.42
N SER B 274 -4.83 29.07 12.34
CA SER B 274 -5.94 28.58 13.12
C SER B 274 -5.57 28.67 14.60
N PHE B 275 -6.58 28.72 15.45
CA PHE B 275 -6.36 28.84 16.89
C PHE B 275 -7.16 27.78 17.63
N ARG B 276 -6.52 27.18 18.64
CA ARG B 276 -7.09 26.06 19.35
C ARG B 276 -6.60 26.07 20.79
N ARG B 277 -7.51 26.05 21.76
CA ARG B 277 -7.07 25.99 23.14
C ARG B 277 -6.57 24.58 23.45
N LEU B 278 -5.31 24.50 23.91
CA LEU B 278 -4.70 23.22 24.27
C LEU B 278 -4.83 22.92 25.76
N ASP B 279 -5.87 23.42 26.41
CA ASP B 279 -6.03 23.30 27.84
C ASP B 279 -7.51 23.05 28.13
N ASP B 280 -7.80 22.58 29.34
CA ASP B 280 -9.17 22.39 29.75
C ASP B 280 -9.84 23.75 29.95
N LYS B 281 -11.13 23.83 29.58
CA LYS B 281 -11.87 25.08 29.71
C LYS B 281 -11.96 25.49 31.18
N THR B 282 -11.67 26.76 31.45
CA THR B 282 -11.66 27.27 32.82
C THR B 282 -13.08 27.64 33.21
N THR B 283 -13.72 26.77 33.98
CA THR B 283 -15.06 26.99 34.49
C THR B 283 -15.00 27.32 35.98
N ASN B 284 -16.18 27.43 36.60
CA ASN B 284 -16.22 27.74 38.03
C ASN B 284 -15.86 26.53 38.88
N VAL B 285 -16.05 25.32 38.36
CA VAL B 285 -15.80 24.10 39.12
C VAL B 285 -14.79 23.21 38.42
N SER B 286 -13.86 23.83 37.69
CA SER B 286 -12.83 23.06 36.99
C SER B 286 -11.90 22.39 37.99
N LEU B 287 -11.24 21.32 37.53
CA LEU B 287 -10.35 20.54 38.37
C LEU B 287 -8.91 20.91 38.07
N TYR B 288 -8.23 21.52 39.03
CA TYR B 288 -6.83 21.93 38.91
C TYR B 288 -6.57 22.72 37.61
N PRO B 289 -7.21 23.87 37.44
CA PRO B 289 -7.04 24.64 36.21
C PRO B 289 -5.86 25.59 36.30
N GLY B 290 -5.49 26.13 35.15
CA GLY B 290 -4.51 27.19 35.09
C GLY B 290 -3.16 26.72 34.58
N TYR B 291 -2.21 27.68 34.61
CA TYR B 291 -0.85 27.43 34.16
C TYR B 291 0.03 28.40 34.94
N ASN B 292 0.64 27.92 36.01
CA ASN B 292 1.50 28.74 36.82
C ASN B 292 2.81 28.04 37.15
N PHE B 293 3.84 28.81 37.42
CA PHE B 293 5.11 28.28 37.90
C PHE B 293 5.69 29.26 38.90
N ARG B 294 6.86 28.95 39.47
CA ARG B 294 7.57 29.82 40.41
C ARG B 294 8.97 30.10 39.92
N TYR B 295 9.40 31.35 40.04
CA TYR B 295 10.79 31.72 39.77
C TYR B 295 11.20 32.81 40.73
N ALA B 296 12.50 32.95 40.95
CA ALA B 296 13.03 33.86 41.94
C ALA B 296 14.01 34.83 41.30
N LYS B 297 13.97 36.07 41.78
CA LYS B 297 14.98 37.08 41.46
C LYS B 297 15.94 37.18 42.64
N TYR B 298 17.22 36.93 42.39
CA TYR B 298 18.22 36.90 43.45
C TYR B 298 19.02 38.19 43.40
N TYR B 299 19.04 38.93 44.52
CA TYR B 299 19.82 40.14 44.63
C TYR B 299 20.56 40.16 45.95
N LYS B 300 21.77 40.72 45.94
CA LYS B 300 22.56 40.87 47.15
C LYS B 300 22.43 42.30 47.66
N GLU B 301 21.94 42.46 48.88
CA GLU B 301 21.91 43.74 49.55
C GLU B 301 22.31 43.54 51.00
N ASN B 302 22.91 44.59 51.58
CA ASN B 302 23.47 44.50 52.93
C ASN B 302 24.46 43.34 53.05
N ASN B 303 25.16 43.06 51.96
CA ASN B 303 26.12 41.96 51.87
C ASN B 303 25.49 40.59 52.15
N VAL B 304 24.16 40.48 52.03
CA VAL B 304 23.47 39.21 52.19
C VAL B 304 22.59 39.00 50.98
N GLU B 305 22.39 37.73 50.62
CA GLU B 305 21.64 37.38 49.42
C GLU B 305 20.17 37.19 49.79
N LYS B 306 19.30 37.96 49.14
CA LYS B 306 17.87 37.83 49.29
C LYS B 306 17.26 37.48 47.94
N ARG B 307 16.05 36.94 47.96
CA ARG B 307 15.36 36.57 46.75
C ARG B 307 13.91 37.03 46.81
N THR B 308 13.38 37.39 45.64
CA THR B 308 11.97 37.68 45.46
C THR B 308 11.36 36.49 44.74
N LEU B 309 10.48 35.77 45.43
CA LEU B 309 9.86 34.57 44.88
C LEU B 309 8.52 34.94 44.27
N ILE B 310 8.37 34.69 42.98
CA ILE B 310 7.19 35.11 42.22
C ILE B 310 6.51 33.85 41.69
N LYS B 311 5.23 33.65 42.01
CA LYS B 311 4.37 32.63 41.40
C LYS B 311 3.69 33.26 40.20
N VAL B 312 4.07 32.91 38.99
CA VAL B 312 3.63 33.52 37.74
C VAL B 312 2.50 32.67 37.16
N PHE B 313 1.38 33.36 36.91
CA PHE B 313 0.23 32.69 36.24
C PHE B 313 0.09 33.37 34.88
N GLY B 314 0.05 32.59 33.79
CA GLY B 314 0.00 33.19 32.46
C GLY B 314 -0.43 32.18 31.43
N ILE B 315 -0.44 32.63 30.19
CA ILE B 315 -0.89 31.84 29.05
C ILE B 315 0.32 31.47 28.22
N ARG B 316 0.51 30.18 27.97
CA ARG B 316 1.59 29.69 27.12
C ARG B 316 1.02 29.41 25.74
N PHE B 317 1.53 30.11 24.74
CA PHE B 317 1.07 29.95 23.36
C PHE B 317 2.04 29.02 22.63
N ASP B 318 1.60 27.81 22.33
CA ASP B 318 2.37 26.86 21.54
C ASP B 318 2.05 27.07 20.07
N ILE B 319 3.07 27.26 19.25
CA ILE B 319 2.89 27.49 17.83
C ILE B 319 3.21 26.19 17.09
N LEU B 320 2.19 25.66 16.43
CA LEU B 320 2.23 24.34 15.81
C LEU B 320 2.23 24.56 14.31
N VAL B 321 3.40 24.45 13.70
CA VAL B 321 3.55 24.67 12.26
C VAL B 321 3.56 23.31 11.59
N PHE B 322 2.53 23.03 10.80
CA PHE B 322 2.45 21.78 10.07
C PHE B 322 2.03 22.07 8.63
N GLY B 323 2.36 21.14 7.76
CA GLY B 323 2.00 21.29 6.37
C GLY B 323 2.80 20.35 5.50
N THR B 324 2.55 20.44 4.20
CA THR B 324 3.24 19.62 3.24
C THR B 324 3.36 20.38 1.93
N GLY B 325 4.49 20.19 1.26
CA GLY B 325 4.71 20.75 -0.06
C GLY B 325 4.90 19.65 -1.08
N GLY B 326 4.08 19.67 -2.13
CA GLY B 326 4.05 18.61 -3.13
C GLY B 326 4.48 19.13 -4.48
N LYS B 327 5.21 18.29 -5.21
CA LYS B 327 5.60 18.58 -6.58
C LYS B 327 5.36 17.33 -7.43
N PHE B 328 5.00 17.55 -8.69
CA PHE B 328 4.62 16.44 -9.56
C PHE B 328 5.77 15.46 -9.73
N ASP B 329 5.46 14.17 -9.57
CA ASP B 329 6.44 13.10 -9.72
C ASP B 329 5.85 12.00 -10.57
N ILE B 330 6.64 11.50 -11.52
CA ILE B 330 6.19 10.44 -12.41
C ILE B 330 6.00 9.14 -11.65
N ILE B 331 6.96 8.81 -10.78
CA ILE B 331 6.97 7.50 -10.13
C ILE B 331 5.76 7.33 -9.23
N GLN B 332 5.38 8.39 -8.50
CA GLN B 332 4.23 8.29 -7.61
C GLN B 332 2.95 8.04 -8.40
N LEU B 333 2.77 8.75 -9.52
CA LEU B 333 1.60 8.53 -10.36
C LEU B 333 1.59 7.11 -10.92
N VAL B 334 2.75 6.63 -11.37
CA VAL B 334 2.84 5.29 -11.94
C VAL B 334 2.48 4.23 -10.90
N VAL B 335 2.90 4.38 -9.64
CA VAL B 335 2.50 3.31 -8.67
C VAL B 335 0.98 3.40 -8.39
N TYR B 336 0.44 4.57 -8.11
CA TYR B 336 -0.99 4.78 -7.81
C TYR B 336 -1.79 4.17 -8.95
N ILE B 337 -1.37 4.42 -10.20
CA ILE B 337 -2.07 3.84 -11.38
C ILE B 337 -2.26 2.33 -11.14
N GLY B 338 -1.16 1.60 -10.93
CA GLY B 338 -1.26 0.14 -10.72
C GLY B 338 -2.33 -0.22 -9.69
N SER B 339 -2.26 0.38 -8.50
CA SER B 339 -3.24 0.12 -7.43
C SER B 339 -4.66 0.32 -7.95
N THR B 340 -4.93 1.46 -8.62
CA THR B 340 -6.32 1.76 -9.07
C THR B 340 -6.71 0.78 -10.20
N LEU B 341 -5.77 0.43 -11.08
CA LEU B 341 -5.99 -0.52 -12.19
C LEU B 341 -6.53 -1.86 -11.72
N SER B 342 -6.14 -2.36 -10.56
CA SER B 342 -6.68 -3.70 -10.24
C SER B 342 -8.09 -3.60 -9.67
N TYR B 343 -8.42 -2.47 -9.08
CA TYR B 343 -9.75 -2.37 -8.42
C TYR B 343 -10.81 -2.74 -9.46
N PHE B 344 -10.66 -2.29 -10.70
CA PHE B 344 -11.68 -2.56 -11.75
C PHE B 344 -11.94 -4.07 -11.84
N GLY B 345 -10.91 -4.89 -11.68
CA GLY B 345 -11.05 -6.36 -11.82
C GLY B 345 -12.05 -6.95 -10.84
N LEU B 346 -12.29 -6.27 -9.71
CA LEU B 346 -13.21 -6.80 -8.66
C LEU B 346 -14.60 -7.02 -9.25
N ALA B 347 -14.97 -6.23 -10.27
CA ALA B 347 -16.31 -6.37 -10.92
C ALA B 347 -16.48 -7.81 -11.40
N ALA B 348 -15.46 -8.37 -12.06
CA ALA B 348 -15.56 -9.74 -12.60
C ALA B 348 -15.81 -10.74 -11.45
N VAL B 349 -15.02 -10.65 -10.38
CA VAL B 349 -15.17 -11.58 -9.23
C VAL B 349 -16.66 -11.64 -8.83
N PHE B 350 -17.26 -10.48 -8.58
CA PHE B 350 -18.68 -10.41 -8.17
C PHE B 350 -19.55 -11.16 -9.18
N ILE B 351 -19.46 -10.80 -10.46
CA ILE B 351 -20.38 -11.41 -11.46
C ILE B 351 -20.06 -12.90 -11.57
N ASP B 352 -18.78 -13.28 -11.59
CA ASP B 352 -18.38 -14.71 -11.67
C ASP B 352 -19.07 -15.46 -10.54
N PHE B 353 -19.15 -14.85 -9.35
CA PHE B 353 -19.84 -15.47 -8.20
C PHE B 353 -21.33 -15.60 -8.53
N LEU B 354 -21.95 -14.51 -9.00
CA LEU B 354 -23.39 -14.55 -9.34
C LEU B 354 -23.60 -15.63 -10.39
N ILE B 355 -22.59 -15.92 -11.21
CA ILE B 355 -22.75 -17.01 -12.17
C ILE B 355 -22.64 -18.36 -11.47
N ASP B 356 -21.65 -18.51 -10.59
CA ASP B 356 -21.46 -19.78 -9.91
C ASP B 356 -22.59 -20.08 -8.94
N THR B 357 -23.08 -19.06 -8.23
CA THR B 357 -24.15 -19.28 -7.27
C THR B 357 -25.47 -19.59 -7.97
N TYR B 358 -25.84 -18.79 -8.96
CA TYR B 358 -27.13 -18.96 -9.63
C TYR B 358 -27.13 -20.15 -10.57
N SER B 359 -26.09 -20.98 -10.56
CA SER B 359 -26.02 -22.16 -11.40
C SER B 359 -26.37 -23.41 -10.61
N SER B 360 -26.26 -23.30 -9.29
CA SER B 360 -26.54 -24.44 -8.39
C SER B 360 -28.03 -24.94 -8.57
N ASN B 361 -28.28 -26.23 -8.36
CA ASN B 361 -29.60 -26.80 -8.54
C ASN B 361 -30.52 -26.41 -7.38
N CYS B 362 -29.92 -25.94 -6.29
CA CYS B 362 -30.68 -25.51 -5.15
C CYS B 362 -31.49 -24.25 -5.41
N CYS B 363 -31.01 -23.48 -6.38
CA CYS B 363 -31.68 -22.28 -6.80
C CYS B 363 -33.01 -22.56 -7.47
N ARG B 364 -32.99 -23.62 -8.28
CA ARG B 364 -34.18 -24.05 -9.00
C ARG B 364 -35.08 -24.91 -8.12
N SER B 365 -34.45 -25.63 -7.18
CA SER B 365 -35.19 -26.55 -6.33
C SER B 365 -36.09 -25.80 -5.35
N HIS B 366 -35.54 -24.81 -4.65
CA HIS B 366 -36.25 -24.13 -3.57
C HIS B 366 -36.56 -22.67 -3.87
N ILE B 367 -35.55 -21.89 -4.22
CA ILE B 367 -35.71 -20.44 -4.30
C ILE B 367 -36.59 -20.04 -5.47
N TYR B 368 -36.42 -20.69 -6.63
CA TYR B 368 -37.19 -20.31 -7.81
C TYR B 368 -38.69 -20.52 -7.64
N PRO B 369 -39.18 -21.68 -7.17
CA PRO B 369 -40.64 -21.82 -7.00
C PRO B 369 -41.23 -20.92 -5.93
N TRP B 370 -40.41 -20.39 -5.02
CA TRP B 370 -40.93 -19.57 -3.93
C TRP B 370 -40.90 -18.08 -4.29
N CYS B 371 -39.73 -17.55 -4.59
CA CYS B 371 -39.61 -16.11 -4.88
C CYS B 371 -40.28 -15.76 -6.21
N LYS B 372 -40.04 -16.55 -7.25
CA LYS B 372 -40.64 -16.38 -8.58
C LYS B 372 -40.22 -15.06 -9.22
N CYS B 373 -39.33 -14.31 -8.58
CA CYS B 373 -38.88 -13.04 -9.13
C CYS B 373 -37.52 -13.19 -9.80
N CYS B 374 -36.76 -14.17 -9.36
CA CYS B 374 -35.46 -14.44 -9.93
C CYS B 374 -35.49 -15.58 -10.92
N GLN B 375 -36.66 -15.74 -11.54
CA GLN B 375 -36.88 -16.78 -12.54
C GLN B 375 -36.05 -16.58 -13.82
N PRO B 376 -35.98 -15.34 -14.36
CA PRO B 376 -35.15 -15.21 -15.56
C PRO B 376 -33.65 -15.28 -15.28
N CYS B 377 -33.28 -15.56 -14.04
CA CYS B 377 -31.90 -15.77 -13.69
C CYS B 377 -31.51 -17.23 -13.78
N VAL B 378 -32.15 -17.91 -14.73
CA VAL B 378 -31.93 -19.33 -14.96
C VAL B 378 -30.88 -19.50 -16.04
N VAL B 379 -30.60 -18.42 -16.77
CA VAL B 379 -29.57 -18.45 -17.80
C VAL B 379 -28.18 -18.63 -17.21
N ASN B 380 -28.04 -18.44 -15.89
CA ASN B 380 -26.75 -18.65 -15.26
C ASN B 380 -26.32 -20.10 -15.33
N GLU B 381 -27.27 -21.03 -15.40
CA GLU B 381 -26.92 -22.42 -15.65
C GLU B 381 -26.26 -22.57 -17.01
N TYR B 382 -26.80 -21.91 -18.04
CA TYR B 382 -26.18 -21.92 -19.36
C TYR B 382 -24.80 -21.30 -19.33
N TYR B 383 -24.64 -20.18 -18.63
CA TYR B 383 -23.34 -19.52 -18.55
C TYR B 383 -22.33 -20.42 -17.85
N TYR B 384 -22.74 -21.09 -16.78
CA TYR B 384 -21.83 -21.97 -16.06
C TYR B 384 -21.46 -23.16 -16.91
N ARG B 385 -22.43 -23.72 -17.65
CA ARG B 385 -22.14 -24.85 -18.53
C ARG B 385 -21.15 -24.46 -19.60
N LYS B 386 -21.29 -23.26 -20.15
CA LYS B 386 -20.39 -22.78 -21.21
C LYS B 386 -19.11 -22.17 -20.68
N LYS B 387 -18.95 -22.05 -19.36
CA LYS B 387 -17.74 -21.49 -18.79
C LYS B 387 -16.88 -22.51 -18.05
N CYS B 388 -17.45 -23.24 -17.10
CA CYS B 388 -16.69 -24.15 -16.25
C CYS B 388 -16.84 -25.59 -16.72
N GLU B 389 -15.72 -26.31 -16.75
CA GLU B 389 -15.68 -27.70 -17.14
C GLU B 389 -15.22 -28.54 -15.96
N SER B 390 -15.91 -29.65 -15.71
CA SER B 390 -15.60 -30.52 -14.58
C SER B 390 -14.62 -31.59 -15.02
N ILE B 391 -13.54 -31.75 -14.24
CA ILE B 391 -12.50 -32.77 -14.54
C ILE B 391 -12.18 -33.53 -13.24
N VAL B 392 -12.13 -34.86 -13.29
CA VAL B 392 -11.90 -35.67 -12.06
C VAL B 392 -10.48 -36.23 -12.09
N GLU B 393 -9.82 -36.31 -10.92
CA GLU B 393 -8.45 -36.87 -10.85
C GLU B 393 -8.43 -38.25 -11.50
N PRO B 394 -7.51 -38.52 -12.46
CA PRO B 394 -7.44 -39.82 -13.13
C PRO B 394 -6.65 -40.83 -12.29
N LYS B 395 -7.06 -41.02 -11.02
CA LYS B 395 -6.40 -42.03 -10.16
C LYS B 395 -6.69 -43.43 -10.73
N PRO B 396 -5.88 -44.45 -10.43
CA PRO B 396 -6.14 -45.81 -10.89
C PRO B 396 -7.52 -46.32 -10.42
N THR B 397 -7.93 -45.96 -9.21
CA THR B 397 -9.21 -46.46 -8.64
C THR B 397 -10.39 -45.85 -9.41
N LEU B 398 -10.16 -44.78 -10.17
CA LEU B 398 -11.27 -44.10 -10.90
C LEU B 398 -11.82 -45.07 -11.96
N LYS B 399 -13.13 -45.32 -11.92
CA LYS B 399 -13.78 -46.25 -12.89
C LYS B 399 -15.14 -45.69 -13.30
N TYR B 400 -15.73 -46.21 -14.39
CA TYR B 400 -17.05 -45.78 -14.80
C TYR B 400 -17.88 -46.99 -15.19
N VAL B 401 -19.14 -47.00 -14.78
CA VAL B 401 -20.05 -48.11 -15.04
C VAL B 401 -21.36 -47.55 -15.57
N SER B 402 -21.83 -48.09 -16.69
CA SER B 402 -23.11 -47.66 -17.25
C SER B 402 -24.01 -48.86 -17.49
N PHE B 403 -25.29 -48.70 -17.18
CA PHE B 403 -26.30 -49.72 -17.41
C PHE B 403 -27.33 -49.19 -18.40
N VAL B 404 -27.89 -50.12 -19.19
CA VAL B 404 -28.82 -49.74 -20.24
C VAL B 404 -30.08 -49.11 -19.66
N ASP B 405 -30.62 -49.71 -18.59
CA ASP B 405 -31.87 -49.25 -18.03
C ASP B 405 -31.77 -47.87 -17.40
N GLU B 406 -30.56 -47.35 -17.19
CA GLU B 406 -30.36 -46.07 -16.55
C GLU B 406 -29.85 -45.03 -17.56
N SER B 407 -29.97 -43.77 -17.18
CA SER B 407 -29.57 -42.65 -18.02
C SER B 407 -28.37 -41.89 -17.47
N HIS B 408 -27.67 -42.46 -16.49
CA HIS B 408 -26.52 -41.80 -15.88
C HIS B 408 -25.43 -42.83 -15.64
N ILE B 409 -24.19 -42.36 -15.60
CA ILE B 409 -23.02 -43.23 -15.47
C ILE B 409 -22.49 -43.12 -14.04
N ARG B 410 -22.30 -44.26 -13.39
CA ARG B 410 -21.79 -44.30 -12.04
C ARG B 410 -20.26 -44.29 -12.07
N MET B 411 -19.68 -43.19 -11.59
CA MET B 411 -18.25 -43.12 -11.35
C MET B 411 -17.94 -43.94 -10.09
N VAL B 412 -17.14 -44.99 -10.27
CA VAL B 412 -16.74 -45.86 -9.17
C VAL B 412 -15.36 -45.38 -8.72
N ASN B 413 -15.35 -44.46 -7.77
CA ASN B 413 -14.11 -43.92 -7.23
C ASN B 413 -13.55 -44.77 -6.09
N GLN B 414 -14.31 -45.73 -5.60
CA GLN B 414 -13.92 -46.53 -4.45
C GLN B 414 -13.25 -47.81 -4.90
N GLN B 415 -12.06 -48.08 -4.35
CA GLN B 415 -11.35 -49.31 -4.67
C GLN B 415 -12.15 -50.50 -4.15
N LEU B 416 -12.32 -51.51 -5.00
CA LEU B 416 -13.26 -52.58 -4.73
C LEU B 416 -12.79 -53.43 -3.55
N LEU B 417 -13.67 -53.59 -2.55
CA LEU B 417 -13.37 -54.36 -1.35
C LEU B 417 -13.80 -55.81 -1.54
N GLY B 418 -13.27 -56.44 -2.58
CA GLY B 418 -13.61 -57.82 -2.88
C GLY B 418 -15.07 -58.04 -3.19
N ARG B 419 -15.72 -57.07 -3.83
CA ARG B 419 -17.12 -57.16 -4.20
C ARG B 419 -17.25 -56.93 -5.70
N SER B 420 -18.21 -57.63 -6.32
CA SER B 420 -18.43 -57.49 -7.75
C SER B 420 -18.79 -56.05 -8.09
N LEU B 421 -18.24 -55.56 -9.20
CA LEU B 421 -18.47 -54.17 -9.59
C LEU B 421 -19.93 -53.89 -9.91
N GLN B 422 -20.70 -54.94 -10.22
CA GLN B 422 -22.13 -54.77 -10.42
C GLN B 422 -22.82 -54.25 -9.17
N ASP B 423 -22.43 -54.79 -8.02
CA ASP B 423 -23.05 -54.38 -6.75
C ASP B 423 -22.52 -53.02 -6.29
N VAL B 424 -21.28 -52.68 -6.67
CA VAL B 424 -20.65 -51.47 -6.17
C VAL B 424 -21.41 -50.25 -6.68
N LYS B 425 -21.68 -49.32 -5.77
CA LYS B 425 -22.37 -48.08 -6.09
C LYS B 425 -21.36 -46.95 -6.25
N GLY B 426 -21.65 -46.05 -7.19
CA GLY B 426 -20.77 -44.92 -7.45
C GLY B 426 -21.57 -43.63 -7.59
N GLN B 427 -20.83 -42.53 -7.69
CA GLN B 427 -21.46 -41.23 -7.82
C GLN B 427 -22.07 -41.08 -9.22
N GLU B 428 -23.30 -40.60 -9.28
CA GLU B 428 -23.97 -40.45 -10.57
C GLU B 428 -23.37 -39.30 -11.35
N VAL B 429 -23.30 -39.47 -12.67
CA VAL B 429 -22.79 -38.44 -13.58
C VAL B 429 -23.71 -38.40 -14.79
N PRO B 430 -24.25 -37.25 -15.16
CA PRO B 430 -25.05 -37.17 -16.41
C PRO B 430 -24.21 -37.54 -17.62
N ARG B 431 -24.83 -38.22 -18.57
CA ARG B 431 -24.14 -38.59 -19.80
C ARG B 431 -23.92 -37.35 -20.65
N PRO B 432 -22.67 -37.09 -21.11
CA PRO B 432 -22.36 -35.94 -21.95
C PRO B 432 -23.08 -35.97 -23.29
N SER B 473 -26.30 -68.54 -14.99
CA SER B 473 -25.71 -67.22 -15.10
C SER B 473 -25.12 -66.79 -13.74
N PRO B 474 -24.09 -65.94 -13.78
CA PRO B 474 -23.50 -65.46 -12.54
C PRO B 474 -24.50 -64.66 -11.71
N VAL B 475 -24.27 -64.61 -10.40
CA VAL B 475 -25.20 -63.95 -9.49
C VAL B 475 -25.32 -62.46 -9.84
N TRP B 476 -24.19 -61.81 -10.09
CA TRP B 476 -24.21 -60.39 -10.43
C TRP B 476 -24.85 -60.16 -11.79
N CYS B 477 -24.71 -61.12 -12.71
CA CYS B 477 -25.26 -60.95 -14.05
C CYS B 477 -26.77 -60.85 -14.01
N GLN B 478 -27.31 -59.91 -14.79
CA GLN B 478 -28.76 -59.72 -14.88
C GLN B 478 -29.26 -59.84 -16.32
N CYS B 479 -28.37 -60.09 -17.28
CA CYS B 479 -28.75 -60.22 -18.67
C CYS B 479 -28.78 -61.66 -19.17
N GLY B 480 -28.10 -62.58 -18.50
CA GLY B 480 -28.07 -63.97 -18.90
C GLY B 480 -26.99 -64.34 -19.89
N SER B 481 -26.24 -63.36 -20.40
CA SER B 481 -25.18 -63.62 -21.36
C SER B 481 -23.79 -63.39 -20.79
N CYS B 482 -23.68 -62.90 -19.55
CA CYS B 482 -22.38 -62.64 -18.96
C CYS B 482 -21.68 -63.95 -18.60
N LEU B 483 -20.40 -64.05 -18.95
CA LEU B 483 -19.60 -65.21 -18.65
C LEU B 483 -18.79 -65.01 -17.38
N PRO B 484 -18.47 -66.08 -16.66
CA PRO B 484 -17.62 -65.94 -15.46
C PRO B 484 -16.26 -65.38 -15.82
N SER B 485 -15.71 -64.58 -14.90
CA SER B 485 -14.43 -63.94 -15.14
C SER B 485 -13.30 -64.95 -15.09
N GLN B 486 -12.41 -64.88 -16.10
CA GLN B 486 -11.20 -65.69 -16.13
C GLN B 486 -10.07 -65.07 -15.34
N LEU B 487 -10.25 -63.82 -14.89
CA LEU B 487 -9.20 -63.08 -14.15
C LEU B 487 -9.02 -63.70 -12.76
N PRO B 488 -7.78 -63.76 -12.21
CA PRO B 488 -7.53 -64.40 -10.91
C PRO B 488 -7.67 -63.47 -9.71
N GLU B 489 -7.45 -63.99 -8.50
CA GLU B 489 -7.50 -63.16 -7.26
C GLU B 489 -8.80 -62.35 -7.22
N SER B 490 -8.73 -61.12 -6.72
CA SER B 490 -9.94 -60.25 -6.64
C SER B 490 -10.01 -59.32 -7.85
N HIS B 491 -9.06 -59.47 -8.79
CA HIS B 491 -9.06 -58.66 -10.02
C HIS B 491 -10.36 -58.95 -10.80
N ARG B 492 -10.86 -60.19 -10.67
CA ARG B 492 -12.11 -60.58 -11.38
C ARG B 492 -13.24 -59.62 -10.98
N CYS B 493 -13.29 -59.21 -9.72
CA CYS B 493 -14.36 -58.28 -9.24
C CYS B 493 -14.57 -57.17 -10.27
N LEU B 494 -13.49 -56.54 -10.73
CA LEU B 494 -13.62 -55.45 -11.70
C LEU B 494 -14.34 -55.92 -12.96
N GLU B 495 -13.99 -57.12 -13.45
CA GLU B 495 -14.60 -57.66 -14.66
C GLU B 495 -15.98 -58.27 -14.42
N GLU B 496 -16.39 -58.45 -13.16
CA GLU B 496 -17.70 -58.98 -12.84
C GLU B 496 -18.71 -57.83 -12.91
N LEU B 497 -19.17 -57.55 -14.11
CA LEU B 497 -20.07 -56.41 -14.36
C LEU B 497 -21.06 -56.82 -15.42
N CYS B 498 -22.35 -56.60 -15.16
CA CYS B 498 -23.41 -56.93 -16.10
C CYS B 498 -23.85 -55.67 -16.84
N CYS B 499 -24.45 -55.90 -18.02
CA CYS B 499 -24.83 -54.79 -18.88
C CYS B 499 -25.93 -53.92 -18.29
N ARG B 500 -26.71 -54.44 -17.33
CA ARG B 500 -27.81 -53.70 -16.76
C ARG B 500 -28.00 -54.07 -15.31
N LYS B 501 -28.54 -53.13 -14.52
CA LYS B 501 -28.74 -53.35 -13.09
C LYS B 501 -29.91 -54.28 -12.83
N LYS B 502 -31.02 -54.11 -13.55
CA LYS B 502 -32.22 -54.90 -13.35
C LYS B 502 -32.30 -56.02 -14.38
N PRO B 503 -32.94 -57.14 -14.04
CA PRO B 503 -33.07 -58.23 -15.01
C PRO B 503 -33.86 -57.80 -16.24
N GLY B 504 -33.49 -58.37 -17.38
CA GLY B 504 -34.16 -58.05 -18.63
C GLY B 504 -33.29 -58.46 -19.81
N ALA B 505 -33.63 -57.87 -20.97
CA ALA B 505 -32.91 -58.18 -22.19
C ALA B 505 -31.50 -57.59 -22.15
N CYS B 506 -30.57 -58.29 -22.79
CA CYS B 506 -29.17 -57.85 -22.84
C CYS B 506 -29.02 -56.72 -23.86
N ILE B 507 -27.80 -56.23 -24.01
CA ILE B 507 -27.52 -55.12 -24.93
C ILE B 507 -26.83 -55.64 -26.17
N THR B 508 -26.09 -56.74 -26.04
CA THR B 508 -25.39 -57.30 -27.20
C THR B 508 -26.33 -57.89 -28.21
N THR B 509 -27.60 -58.14 -27.84
CA THR B 509 -28.58 -58.64 -28.78
C THR B 509 -29.07 -57.58 -29.75
N SER B 510 -28.90 -56.30 -29.41
CA SER B 510 -29.28 -55.23 -30.33
C SER B 510 -28.38 -55.24 -31.56
N GLU B 511 -28.99 -55.00 -32.73
CA GLU B 511 -28.23 -55.01 -33.97
C GLU B 511 -27.22 -53.86 -34.03
N LEU B 512 -27.44 -52.79 -33.26
CA LEU B 512 -26.48 -51.70 -33.25
C LEU B 512 -25.14 -52.15 -32.70
N PHE B 513 -25.15 -52.95 -31.63
CA PHE B 513 -23.90 -53.51 -31.12
C PHE B 513 -23.26 -54.44 -32.14
N ARG B 514 -24.07 -55.11 -32.96
CA ARG B 514 -23.53 -56.03 -33.95
C ARG B 514 -22.84 -55.28 -35.08
N LYS B 515 -23.48 -54.24 -35.60
CA LYS B 515 -22.99 -53.54 -36.80
C LYS B 515 -22.21 -52.27 -36.47
N LEU B 516 -21.96 -52.01 -35.19
CA LEU B 516 -21.12 -50.88 -34.79
C LEU B 516 -19.88 -51.33 -34.06
N VAL B 517 -20.02 -52.16 -33.03
CA VAL B 517 -18.89 -52.64 -32.26
C VAL B 517 -18.30 -53.90 -32.86
N LEU B 518 -19.16 -54.88 -33.19
CA LEU B 518 -18.70 -56.15 -33.72
C LEU B 518 -18.41 -56.11 -35.22
N SER B 519 -18.88 -55.07 -35.92
CA SER B 519 -18.72 -55.02 -37.37
C SER B 519 -17.25 -54.89 -37.72
N ARG B 520 -16.72 -55.90 -38.43
CA ARG B 520 -15.31 -55.86 -38.82
C ARG B 520 -15.04 -54.77 -39.85
N HIS B 521 -16.05 -54.41 -40.65
CA HIS B 521 -15.83 -53.41 -41.70
C HIS B 521 -15.54 -52.03 -41.11
N VAL B 522 -16.38 -51.58 -40.17
CA VAL B 522 -16.19 -50.24 -39.62
C VAL B 522 -14.92 -50.18 -38.78
N LEU B 523 -14.63 -51.23 -38.02
CA LEU B 523 -13.40 -51.27 -37.24
C LEU B 523 -12.17 -51.25 -38.15
N GLN B 524 -12.22 -52.01 -39.24
CA GLN B 524 -11.10 -52.04 -40.17
C GLN B 524 -10.94 -50.69 -40.85
N PHE B 525 -12.06 -50.04 -41.20
CA PHE B 525 -12.02 -48.71 -41.78
C PHE B 525 -11.39 -47.69 -40.82
N LEU B 526 -11.74 -47.78 -39.53
CA LEU B 526 -11.14 -46.87 -38.57
C LEU B 526 -9.65 -47.14 -38.40
N LEU B 527 -9.24 -48.41 -38.44
CA LEU B 527 -7.83 -48.73 -38.38
C LEU B 527 -7.07 -48.17 -39.58
N LEU B 528 -7.68 -48.28 -40.77
CA LEU B 528 -7.04 -47.73 -41.99
C LEU B 528 -6.91 -46.22 -41.86
N TYR B 529 -7.88 -45.57 -41.21
CA TYR B 529 -7.86 -44.09 -41.08
C TYR B 529 -6.59 -43.67 -40.35
N GLN B 530 -6.29 -44.31 -39.22
CA GLN B 530 -5.09 -43.95 -38.43
C GLN B 530 -3.83 -44.38 -39.21
N GLU B 531 -3.81 -45.61 -39.70
CA GLU B 531 -2.63 -46.13 -40.47
C GLU B 531 -3.08 -46.50 -41.87
N PRO B 532 -2.88 -45.65 -42.90
CA PRO B 532 -3.39 -45.92 -44.25
C PRO B 532 -2.68 -47.11 -44.91
N LEU B 533 -1.62 -47.63 -44.28
CA LEU B 533 -0.86 -48.75 -44.85
C LEU B 533 -0.59 -49.80 -43.79
N LEU B 534 -1.62 -50.17 -43.04
CA LEU B 534 -1.49 -51.22 -42.03
C LEU B 534 -1.57 -52.59 -42.68
N ALA B 535 -0.80 -53.53 -42.15
CA ALA B 535 -0.84 -54.91 -42.61
C ALA B 535 -2.04 -55.62 -41.99
N LEU B 536 -2.98 -56.05 -42.83
CA LEU B 536 -4.23 -56.62 -42.37
C LEU B 536 -4.23 -58.14 -42.31
N ASP B 537 -3.10 -58.78 -42.63
CA ASP B 537 -3.03 -60.24 -42.68
C ASP B 537 -2.38 -60.85 -41.45
N VAL B 538 -2.10 -60.05 -40.42
CA VAL B 538 -1.44 -60.54 -39.23
C VAL B 538 -2.49 -60.68 -38.12
N ASP B 539 -2.20 -61.57 -37.16
CA ASP B 539 -3.07 -61.68 -36.00
C ASP B 539 -3.05 -60.41 -35.14
N SER B 540 -2.01 -59.58 -35.27
CA SER B 540 -2.03 -58.28 -34.63
C SER B 540 -3.15 -57.41 -35.17
N THR B 541 -3.54 -57.62 -36.43
CA THR B 541 -4.72 -56.94 -36.96
C THR B 541 -5.97 -57.33 -36.19
N ASN B 542 -6.13 -58.62 -35.89
CA ASN B 542 -7.25 -59.05 -35.07
C ASN B 542 -7.14 -58.48 -33.65
N SER B 543 -5.94 -58.42 -33.06
CA SER B 543 -5.77 -57.81 -31.72
C SER B 543 -6.13 -56.33 -31.73
N ARG B 544 -5.69 -55.59 -32.77
CA ARG B 544 -6.05 -54.15 -32.88
C ARG B 544 -7.54 -54.06 -33.13
N LEU B 545 -8.11 -54.99 -33.92
CA LEU B 545 -9.59 -54.97 -34.12
C LEU B 545 -10.27 -55.07 -32.75
N ARG B 546 -9.86 -56.00 -31.88
CA ARG B 546 -10.41 -56.18 -30.52
C ARG B 546 -10.24 -54.95 -29.65
N HIS B 547 -9.05 -54.35 -29.62
CA HIS B 547 -8.81 -53.09 -28.89
C HIS B 547 -9.76 -51.97 -29.35
N CYS B 548 -10.00 -51.86 -30.66
CA CYS B 548 -10.89 -50.79 -31.19
C CYS B 548 -12.33 -51.08 -30.76
N ALA B 549 -12.72 -52.36 -30.74
CA ALA B 549 -14.09 -52.72 -30.30
C ALA B 549 -14.27 -52.28 -28.84
N TYR B 550 -13.28 -52.47 -27.98
CA TYR B 550 -13.39 -51.99 -26.57
C TYR B 550 -13.54 -50.48 -26.55
N ARG B 551 -12.65 -49.76 -27.23
CA ARG B 551 -12.64 -48.29 -27.28
C ARG B 551 -13.90 -47.72 -27.92
N CYS B 552 -14.51 -48.40 -28.89
CA CYS B 552 -15.75 -47.89 -29.52
C CYS B 552 -16.93 -48.15 -28.58
N TYR B 553 -16.99 -49.34 -27.97
CA TYR B 553 -18.08 -49.56 -26.99
C TYR B 553 -17.93 -48.50 -25.91
N ALA B 554 -16.70 -48.22 -25.46
CA ALA B 554 -16.45 -47.24 -24.43
C ALA B 554 -16.88 -45.85 -24.89
N THR B 555 -16.61 -45.43 -26.13
CA THR B 555 -16.98 -44.09 -26.65
C THR B 555 -18.45 -44.09 -27.09
N TRP B 556 -18.94 -45.17 -27.72
CA TRP B 556 -20.38 -45.23 -28.07
C TRP B 556 -21.19 -45.09 -26.78
N ARG B 557 -20.79 -45.81 -25.73
CA ARG B 557 -21.58 -45.76 -24.50
C ARG B 557 -21.25 -44.53 -23.66
N PHE B 558 -19.97 -44.18 -23.54
CA PHE B 558 -19.54 -43.02 -22.77
C PHE B 558 -19.15 -41.92 -23.76
N GLY B 559 -19.90 -40.81 -23.75
CA GLY B 559 -19.71 -39.80 -24.76
C GLY B 559 -18.31 -39.21 -24.76
N SER B 560 -17.82 -38.85 -23.58
CA SER B 560 -16.53 -38.17 -23.48
C SER B 560 -15.39 -39.15 -23.73
N GLN B 561 -14.28 -38.62 -24.23
CA GLN B 561 -13.09 -39.44 -24.43
C GLN B 561 -12.39 -39.72 -23.10
N ASP B 562 -12.31 -38.72 -22.23
CA ASP B 562 -11.68 -38.94 -20.93
C ASP B 562 -12.55 -39.81 -20.03
N MET B 563 -13.87 -39.80 -20.24
CA MET B 563 -14.75 -40.71 -19.52
C MET B 563 -14.67 -42.13 -20.08
N ALA B 564 -14.42 -42.27 -21.38
CA ALA B 564 -14.24 -43.59 -21.97
C ALA B 564 -12.84 -44.13 -21.76
N ASP B 565 -11.90 -43.30 -21.31
CA ASP B 565 -10.57 -43.78 -21.00
C ASP B 565 -10.59 -44.75 -19.82
N PHE B 566 -11.48 -44.52 -18.86
CA PHE B 566 -11.59 -45.34 -17.66
C PHE B 566 -12.80 -46.26 -17.70
N ALA B 567 -13.31 -46.54 -18.89
CA ALA B 567 -14.47 -47.40 -19.04
C ALA B 567 -14.14 -48.84 -18.63
N ILE B 568 -15.13 -49.51 -18.05
CA ILE B 568 -15.08 -50.95 -17.83
C ILE B 568 -16.30 -51.55 -18.49
N LEU B 569 -16.08 -52.42 -19.47
CA LEU B 569 -17.16 -52.94 -20.27
C LEU B 569 -17.91 -54.04 -19.51
N PRO B 570 -19.17 -54.27 -19.86
CA PRO B 570 -19.89 -55.40 -19.27
C PRO B 570 -19.27 -56.72 -19.69
N SER B 571 -19.44 -57.74 -18.83
CA SER B 571 -18.88 -59.04 -19.11
C SER B 571 -19.46 -59.62 -20.40
N CYS B 572 -20.76 -59.43 -20.63
CA CYS B 572 -21.38 -59.96 -21.84
C CYS B 572 -20.76 -59.34 -23.09
N CYS B 573 -20.67 -58.02 -23.14
CA CYS B 573 -20.10 -57.36 -24.32
C CYS B 573 -18.63 -57.69 -24.47
N ARG B 574 -17.84 -57.69 -23.38
CA ARG B 574 -16.40 -58.00 -23.41
C ARG B 574 -16.17 -59.40 -23.94
N TRP B 575 -16.95 -60.38 -23.48
CA TRP B 575 -16.73 -61.74 -23.93
C TRP B 575 -17.26 -61.97 -25.34
N ARG B 576 -18.33 -61.26 -25.73
CA ARG B 576 -18.77 -61.31 -27.11
C ARG B 576 -17.70 -60.77 -28.05
N ILE B 577 -17.06 -59.66 -27.65
CA ILE B 577 -15.96 -59.11 -28.45
C ILE B 577 -14.80 -60.10 -28.53
N ARG B 578 -14.46 -60.71 -27.39
CA ARG B 578 -13.31 -61.66 -27.36
C ARG B 578 -13.62 -62.87 -28.25
N LYS B 579 -14.87 -63.35 -28.25
CA LYS B 579 -15.24 -64.44 -29.15
C LYS B 579 -15.17 -64.00 -30.60
N GLU B 580 -15.64 -62.79 -30.91
CA GLU B 580 -15.62 -62.31 -32.28
C GLU B 580 -14.20 -62.02 -32.76
N PHE B 581 -13.28 -61.70 -31.84
CA PHE B 581 -11.89 -61.43 -32.16
C PHE B 581 -11.02 -62.24 -31.22
N PRO B 582 -10.89 -63.54 -31.47
CA PRO B 582 -10.18 -64.41 -30.53
C PRO B 582 -8.68 -64.19 -30.54
N LYS B 583 -8.09 -64.32 -29.35
CA LYS B 583 -6.66 -64.43 -29.06
C LYS B 583 -6.46 -65.81 -28.46
N SER B 584 -5.67 -66.67 -29.08
CA SER B 584 -5.35 -67.94 -28.44
C SER B 584 -3.92 -68.00 -27.89
N GLU B 585 -3.17 -66.90 -27.97
CA GLU B 585 -1.79 -66.92 -27.50
C GLU B 585 -1.72 -67.15 -26.00
N GLY B 586 -2.61 -66.53 -25.24
CA GLY B 586 -2.57 -66.69 -23.80
C GLY B 586 -3.82 -66.15 -23.16
N GLN B 587 -3.77 -65.93 -21.84
CA GLN B 587 -4.82 -65.22 -21.12
C GLN B 587 -5.02 -63.80 -21.68
N TYR B 588 -6.28 -63.35 -21.73
CA TYR B 588 -6.59 -61.96 -22.00
C TYR B 588 -6.23 -61.06 -20.80
N SER B 589 -5.79 -59.82 -21.03
CA SER B 589 -5.50 -58.88 -19.95
C SER B 589 -6.76 -58.21 -19.41
N GLY B 590 -6.70 -57.68 -18.19
CA GLY B 590 -7.81 -56.92 -17.60
C GLY B 590 -7.95 -55.50 -18.14
N PHE B 591 -8.90 -54.74 -17.59
CA PHE B 591 -8.82 -53.29 -17.66
C PHE B 591 -7.59 -52.81 -16.89
N LYS B 592 -6.71 -52.05 -17.54
CA LYS B 592 -5.57 -51.37 -16.92
C LYS B 592 -5.69 -49.86 -17.11
N SER B 593 -5.61 -49.12 -16.01
CA SER B 593 -5.74 -47.66 -16.05
C SER B 593 -4.53 -47.04 -16.76
N PRO B 594 -4.74 -46.04 -17.60
CA PRO B 594 -3.61 -45.37 -18.25
C PRO B 594 -2.69 -44.67 -17.27
N TYR B 595 -3.16 -44.34 -16.08
CA TYR B 595 -2.34 -43.63 -15.09
C TYR B 595 -2.12 -44.50 -13.86
N CYS C 4 -26.75 -29.54 -0.89
CA CYS C 4 -26.07 -29.47 -2.20
C CYS C 4 -24.55 -29.58 -2.01
N CYS C 5 -24.07 -29.28 -0.80
CA CYS C 5 -22.61 -29.29 -0.53
C CYS C 5 -22.14 -30.73 -0.28
N SER C 6 -20.86 -31.01 -0.53
CA SER C 6 -20.30 -32.36 -0.30
C SER C 6 -18.79 -32.25 -0.11
N CYS C 7 -18.16 -33.27 0.47
CA CYS C 7 -16.68 -33.25 0.58
C CYS C 7 -16.11 -33.12 -0.84
N SER C 8 -16.91 -33.44 -1.85
CA SER C 8 -16.45 -33.25 -3.22
C SER C 8 -16.45 -31.79 -3.61
N ASP C 9 -17.51 -31.06 -3.25
CA ASP C 9 -17.55 -29.62 -3.50
C ASP C 9 -16.47 -28.90 -2.72
N VAL C 10 -16.17 -29.36 -1.51
CA VAL C 10 -15.13 -28.73 -0.70
C VAL C 10 -13.77 -28.88 -1.37
N PHE C 11 -13.46 -30.08 -1.85
CA PHE C 11 -12.12 -30.36 -2.37
C PHE C 11 -12.12 -30.29 -3.90
N GLN C 12 -12.19 -29.07 -4.40
CA GLN C 12 -12.25 -28.81 -5.83
C GLN C 12 -11.49 -27.53 -6.15
N TYR C 13 -10.67 -27.59 -7.18
CA TYR C 13 -9.76 -26.49 -7.51
C TYR C 13 -10.14 -25.88 -8.86
N GLU C 14 -10.14 -24.55 -8.92
CA GLU C 14 -10.47 -23.80 -10.12
C GLU C 14 -9.19 -23.31 -10.76
N THR C 15 -8.93 -23.75 -11.99
CA THR C 15 -7.79 -23.26 -12.75
C THR C 15 -8.26 -22.79 -14.13
N ASN C 16 -7.75 -21.66 -14.56
CA ASN C 16 -8.20 -21.04 -15.80
C ASN C 16 -7.65 -21.80 -17.00
N LYS C 17 -8.49 -21.98 -18.01
CA LYS C 17 -8.03 -22.50 -19.29
C LYS C 17 -7.24 -21.43 -20.02
N VAL C 18 -6.02 -21.77 -20.43
CA VAL C 18 -5.15 -20.85 -21.14
C VAL C 18 -4.78 -21.46 -22.49
N THR C 19 -4.49 -20.60 -23.45
CA THR C 19 -3.96 -21.00 -24.74
C THR C 19 -2.58 -20.40 -24.87
N ARG C 20 -1.57 -21.29 -24.95
CA ARG C 20 -0.16 -20.83 -24.97
C ARG C 20 0.23 -20.38 -26.38
N ILE C 21 0.27 -19.07 -26.60
CA ILE C 21 0.66 -18.52 -27.93
C ILE C 21 2.18 -18.65 -28.08
N GLN C 22 2.65 -19.10 -29.26
CA GLN C 22 4.11 -19.29 -29.49
C GLN C 22 4.68 -18.03 -30.14
N SER C 23 3.90 -16.96 -30.22
CA SER C 23 4.36 -15.71 -30.88
C SER C 23 5.68 -15.24 -30.25
N MET C 24 6.71 -15.04 -31.07
CA MET C 24 8.01 -14.53 -30.56
C MET C 24 7.82 -13.07 -30.11
N ASN C 25 7.07 -12.29 -30.89
CA ASN C 25 6.84 -10.85 -30.56
C ASN C 25 6.21 -10.76 -29.17
N TYR C 26 5.17 -11.56 -28.92
CA TYR C 26 4.46 -11.54 -27.61
C TYR C 26 5.43 -12.01 -26.53
N GLY C 27 6.29 -12.99 -26.85
CA GLY C 27 7.30 -13.42 -25.90
C GLY C 27 8.30 -12.33 -25.58
N THR C 28 8.74 -11.59 -26.60
CA THR C 28 9.61 -10.44 -26.37
C THR C 28 8.96 -9.44 -25.43
N ILE C 29 7.70 -9.08 -25.72
CA ILE C 29 7.02 -8.06 -24.91
C ILE C 29 6.85 -8.54 -23.48
N LYS C 30 6.41 -9.80 -23.31
CA LYS C 30 6.18 -10.33 -21.98
C LYS C 30 7.47 -10.40 -21.17
N TRP C 31 8.56 -10.88 -21.79
CA TRP C 31 9.81 -11.00 -21.06
C TRP C 31 10.39 -9.63 -20.74
N PHE C 32 10.25 -8.67 -21.66
CA PHE C 32 10.72 -7.32 -21.38
C PHE C 32 9.97 -6.73 -20.18
N PHE C 33 8.64 -6.86 -20.17
CA PHE C 33 7.86 -6.32 -19.05
C PHE C 33 8.26 -6.99 -17.74
N HIS C 34 8.37 -8.32 -17.75
CA HIS C 34 8.70 -9.05 -16.51
C HIS C 34 10.10 -8.65 -16.03
N VAL C 35 11.07 -8.55 -16.95
CA VAL C 35 12.43 -8.23 -16.56
C VAL C 35 12.51 -6.83 -15.99
N ILE C 36 11.87 -5.84 -16.63
CA ILE C 36 11.98 -4.48 -16.12
C ILE C 36 11.25 -4.35 -14.79
N ILE C 37 10.10 -5.02 -14.63
CA ILE C 37 9.40 -4.98 -13.32
C ILE C 37 10.29 -5.63 -12.25
N PHE C 38 10.82 -6.81 -12.54
CA PHE C 38 11.71 -7.50 -11.55
C PHE C 38 12.95 -6.65 -11.28
N SER C 39 13.57 -6.10 -12.31
CA SER C 39 14.81 -5.31 -12.11
C SER C 39 14.49 -4.09 -11.27
N TYR C 40 13.37 -3.43 -11.54
CA TYR C 40 12.95 -2.23 -10.74
C TYR C 40 12.63 -2.64 -9.30
N VAL C 41 11.77 -3.65 -9.10
CA VAL C 41 11.34 -4.01 -7.72
C VAL C 41 12.53 -4.55 -6.91
N CYS C 42 13.43 -5.31 -7.54
CA CYS C 42 14.64 -5.78 -6.82
C CYS C 42 15.45 -4.56 -6.36
N PHE C 43 15.55 -3.53 -7.21
CA PHE C 43 16.26 -2.29 -6.83
C PHE C 43 15.56 -1.66 -5.62
N ALA C 44 14.28 -1.35 -5.75
CA ALA C 44 13.51 -0.74 -4.64
C ALA C 44 13.80 -1.49 -3.34
N LEU C 45 14.02 -2.81 -3.41
CA LEU C 45 14.25 -3.62 -2.19
C LEU C 45 15.66 -3.31 -1.69
N VAL C 46 16.63 -3.30 -2.59
CA VAL C 46 18.01 -3.07 -2.16
C VAL C 46 18.22 -1.62 -1.76
N SER C 47 17.76 -0.68 -2.56
CA SER C 47 18.03 0.73 -2.33
C SER C 47 17.27 1.26 -1.12
N ASP C 48 15.97 0.97 -1.03
CA ASP C 48 15.14 1.52 0.02
C ASP C 48 15.06 0.63 1.25
N LYS C 49 15.74 -0.51 1.24
CA LYS C 49 15.77 -1.43 2.38
C LYS C 49 14.35 -1.80 2.80
N LEU C 50 13.51 -2.13 1.82
CA LEU C 50 12.12 -2.47 2.08
C LEU C 50 11.97 -3.82 2.77
N TYR C 51 13.04 -4.59 2.89
CA TYR C 51 13.03 -5.85 3.60
C TYR C 51 13.24 -5.70 5.10
N GLN C 52 13.50 -4.48 5.58
CA GLN C 52 13.77 -4.23 6.99
C GLN C 52 12.60 -3.52 7.64
N ARG C 53 12.38 -3.83 8.92
CA ARG C 53 11.54 -3.00 9.77
C ARG C 53 12.37 -1.82 10.25
N LYS C 54 11.81 -0.62 10.11
CA LYS C 54 12.54 0.61 10.38
C LYS C 54 11.87 1.38 11.51
N GLU C 55 12.69 1.94 12.38
CA GLU C 55 12.22 2.69 13.53
C GLU C 55 12.91 4.05 13.58
N PRO C 56 12.17 5.11 13.92
CA PRO C 56 12.81 6.43 14.06
C PRO C 56 13.63 6.53 15.33
N VAL C 57 14.59 7.45 15.32
CA VAL C 57 15.48 7.65 16.45
C VAL C 57 14.73 8.35 17.58
N ILE C 58 15.21 8.14 18.80
CA ILE C 58 14.76 8.87 19.98
C ILE C 58 15.98 9.64 20.48
N SER C 59 16.13 10.87 20.00
CA SER C 59 17.35 11.63 20.23
C SER C 59 17.26 12.48 21.49
N SER C 60 18.43 12.93 21.95
CA SER C 60 18.54 13.80 23.11
C SER C 60 19.87 14.55 22.98
N VAL C 61 19.80 15.84 22.71
CA VAL C 61 20.97 16.66 22.39
C VAL C 61 21.36 17.50 23.60
N HIS C 62 22.66 17.54 23.89
CA HIS C 62 23.20 18.46 24.87
C HIS C 62 24.36 19.21 24.25
N THR C 63 24.32 20.54 24.32
CA THR C 63 25.29 21.39 23.64
C THR C 63 26.04 22.24 24.65
N LYS C 64 27.33 22.45 24.45
CA LYS C 64 28.13 23.37 25.25
C LYS C 64 28.95 24.23 24.31
N VAL C 65 28.87 25.54 24.46
CA VAL C 65 29.63 26.49 23.64
C VAL C 65 30.83 26.94 24.45
N LYS C 66 32.02 26.90 23.86
CA LYS C 66 33.25 27.44 24.43
C LYS C 66 33.76 28.55 23.54
N GLY C 67 34.36 29.54 24.17
CA GLY C 67 34.94 30.68 23.48
C GLY C 67 34.62 31.93 24.28
N ILE C 68 35.48 32.91 24.16
CA ILE C 68 35.35 34.19 24.85
C ILE C 68 35.53 35.32 23.84
N ALA C 69 34.88 36.44 24.11
CA ALA C 69 34.91 37.57 23.17
C ALA C 69 35.33 38.83 23.91
N GLU C 70 36.16 39.63 23.25
CA GLU C 70 36.57 40.94 23.76
C GLU C 70 35.62 41.98 23.19
N VAL C 71 34.68 42.44 23.99
CA VAL C 71 33.67 43.39 23.55
C VAL C 71 34.15 44.80 23.88
N LYS C 72 34.11 45.68 22.88
CA LYS C 72 34.58 47.05 22.99
C LYS C 72 33.36 47.96 23.00
N GLU C 73 32.84 48.21 24.20
CA GLU C 73 31.62 49.00 24.36
C GLU C 73 31.89 50.31 25.10
N VAL C 84 35.78 51.45 27.16
CA VAL C 84 35.79 50.34 28.10
C VAL C 84 35.74 49.01 27.36
N HIS C 85 36.57 48.07 27.79
CA HIS C 85 36.65 46.75 27.18
C HIS C 85 36.24 45.70 28.20
N SER C 86 35.33 44.82 27.81
CA SER C 86 34.86 43.75 28.68
C SER C 86 35.06 42.40 27.98
N VAL C 87 34.93 41.33 28.75
CA VAL C 87 35.16 39.98 28.26
C VAL C 87 33.91 39.15 28.49
N PHE C 88 33.48 38.45 27.44
CA PHE C 88 32.26 37.66 27.47
C PHE C 88 32.61 36.18 27.42
N ASP C 89 32.16 35.42 28.42
CA ASP C 89 32.36 33.99 28.54
C ASP C 89 31.10 33.27 28.12
N THR C 90 31.07 31.95 28.32
CA THR C 90 29.90 31.16 27.95
C THR C 90 28.66 31.65 28.67
N ALA C 91 28.77 31.94 29.96
CA ALA C 91 27.64 32.40 30.74
C ALA C 91 27.10 33.75 30.31
N ASP C 92 27.84 34.47 29.46
CA ASP C 92 27.48 35.82 29.05
C ASP C 92 26.73 35.89 27.74
N TYR C 93 27.10 35.09 26.74
CA TYR C 93 26.43 35.14 25.45
C TYR C 93 25.43 34.02 25.22
N THR C 94 25.58 32.88 25.88
CA THR C 94 24.62 31.79 25.74
C THR C 94 23.48 31.97 26.72
N PHE C 95 22.28 31.69 26.27
CA PHE C 95 21.07 31.88 27.03
C PHE C 95 20.46 30.54 27.39
N PRO C 96 19.66 30.47 28.47
CA PRO C 96 19.22 29.17 28.98
C PRO C 96 18.27 28.44 28.03
N LEU C 97 18.82 27.95 26.92
CA LEU C 97 18.09 27.12 25.97
C LEU C 97 18.67 25.72 26.05
N GLN C 98 18.02 24.85 26.83
CA GLN C 98 18.43 23.46 26.95
C GLN C 98 17.64 22.62 25.97
N GLY C 99 18.34 21.75 25.24
CA GLY C 99 17.68 20.89 24.29
C GLY C 99 18.26 20.99 22.89
N ASN C 100 17.39 20.91 21.89
CA ASN C 100 17.86 20.88 20.51
C ASN C 100 18.46 22.22 20.09
N SER C 101 17.77 23.31 20.35
CA SER C 101 18.25 24.62 19.93
C SER C 101 19.16 25.23 20.98
N PHE C 102 20.07 26.09 20.52
CA PHE C 102 20.86 26.91 21.42
C PHE C 102 21.11 28.26 20.75
N PHE C 103 21.37 29.26 21.57
CA PHE C 103 21.48 30.64 21.13
C PHE C 103 22.85 31.20 21.51
N VAL C 104 23.45 31.97 20.61
CA VAL C 104 24.73 32.61 20.83
C VAL C 104 24.58 34.09 20.48
N MET C 105 24.60 34.95 21.48
CA MET C 105 24.44 36.38 21.25
C MET C 105 25.66 36.94 20.55
N THR C 106 25.44 37.67 19.46
CA THR C 106 26.52 38.30 18.72
C THR C 106 26.41 39.81 18.66
N ASN C 107 25.42 40.41 19.31
CA ASN C 107 25.25 41.85 19.30
C ASN C 107 24.24 42.21 20.39
N PHE C 108 24.30 43.44 20.89
CA PHE C 108 23.34 43.84 21.90
C PHE C 108 23.24 45.35 21.94
N LEU C 109 22.18 45.82 22.59
CA LEU C 109 21.95 47.25 22.88
C LEU C 109 21.36 47.34 24.27
N LYS C 110 22.16 47.74 25.25
CA LYS C 110 21.70 47.77 26.65
C LYS C 110 21.36 49.19 27.06
N THR C 111 20.23 49.34 27.74
CA THR C 111 19.78 50.61 28.32
C THR C 111 19.76 50.41 29.82
N GLU C 112 20.89 50.66 30.46
CA GLU C 112 21.07 50.32 31.87
C GLU C 112 20.58 51.44 32.78
N GLY C 113 20.33 51.07 34.03
CA GLY C 113 19.87 52.02 35.03
C GLY C 113 18.43 52.42 34.93
N GLN C 114 17.61 51.67 34.21
CA GLN C 114 16.21 52.03 34.04
C GLN C 114 15.47 51.89 35.36
N GLU C 115 14.72 52.92 35.73
CA GLU C 115 13.97 52.94 36.98
C GLU C 115 12.52 53.30 36.68
N GLN C 116 11.61 52.78 37.48
CA GLN C 116 10.18 52.95 37.24
C GLN C 116 9.77 54.37 37.64
N ARG C 117 9.55 55.23 36.65
CA ARG C 117 9.25 56.63 36.93
C ARG C 117 8.63 57.26 35.68
N LEU C 118 8.46 58.58 35.71
CA LEU C 118 7.95 59.34 34.59
C LEU C 118 9.10 59.99 33.83
N CYS C 119 9.01 59.99 32.51
CA CYS C 119 10.08 60.49 31.66
C CYS C 119 9.49 60.91 30.33
N PRO C 120 10.18 61.79 29.59
CA PRO C 120 9.73 62.12 28.23
C PRO C 120 9.98 60.94 27.29
N GLU C 121 9.03 60.74 26.38
CA GLU C 121 9.17 59.70 25.38
C GLU C 121 10.34 60.03 24.45
N TYR C 122 10.93 59.00 23.86
CA TYR C 122 11.93 59.21 22.83
C TYR C 122 11.27 59.87 21.62
N PRO C 123 11.95 60.82 20.96
CA PRO C 123 11.30 61.57 19.88
C PRO C 123 11.05 60.77 18.62
N THR C 124 10.20 59.75 18.71
CA THR C 124 9.69 59.07 17.53
C THR C 124 8.67 59.97 16.84
N ARG C 125 8.53 59.80 15.53
CA ARG C 125 7.62 60.65 14.76
C ARG C 125 6.20 60.58 15.27
N ARG C 126 5.83 59.48 15.92
CA ARG C 126 4.48 59.32 16.48
C ARG C 126 4.36 59.84 17.90
N THR C 127 5.40 60.43 18.47
CA THR C 127 5.37 60.93 19.83
C THR C 127 5.61 62.43 19.96
N LEU C 128 5.88 63.13 18.86
CA LEU C 128 6.07 64.57 18.93
C LEU C 128 4.74 65.27 19.17
N CYS C 129 4.78 66.34 19.97
CA CYS C 129 3.62 67.17 20.24
C CYS C 129 3.93 68.62 19.95
N SER C 130 2.87 69.39 19.71
CA SER C 130 2.96 70.85 19.70
C SER C 130 2.48 71.47 20.99
N SER C 131 1.59 70.78 21.71
CA SER C 131 1.10 71.20 23.01
C SER C 131 0.56 69.97 23.72
N ASP C 132 0.11 70.16 24.97
CA ASP C 132 -0.43 69.05 25.73
C ASP C 132 -1.71 68.50 25.12
N ARG C 133 -2.34 69.23 24.21
CA ARG C 133 -3.55 68.73 23.55
C ARG C 133 -3.23 67.56 22.63
N GLY C 134 -2.01 67.53 22.08
CA GLY C 134 -1.66 66.45 21.17
C GLY C 134 -1.59 65.09 21.83
N CYS C 135 -1.07 65.05 23.06
CA CYS C 135 -0.85 63.79 23.76
C CYS C 135 -2.05 63.47 24.66
N LYS C 136 -2.54 62.24 24.55
CA LYS C 136 -3.66 61.77 25.35
C LYS C 136 -3.15 61.12 26.63
N LYS C 137 -4.04 60.98 27.61
CA LYS C 137 -3.71 60.37 28.88
C LYS C 137 -4.14 58.91 28.85
N GLY C 138 -3.23 58.01 29.22
CA GLY C 138 -3.50 56.60 29.22
C GLY C 138 -3.40 55.93 27.86
N TRP C 139 -3.01 56.65 26.82
CA TRP C 139 -2.95 56.08 25.48
C TRP C 139 -1.82 55.06 25.38
N MET C 140 -2.09 53.96 24.68
CA MET C 140 -1.10 52.91 24.47
C MET C 140 -1.27 52.34 23.07
N ASP C 141 -0.14 52.13 22.39
CA ASP C 141 -0.10 51.47 21.10
C ASP C 141 1.13 50.57 21.07
N PRO C 142 1.18 49.52 20.23
CA PRO C 142 2.25 48.53 20.24
C PRO C 142 3.67 49.09 20.11
N GLN C 143 3.85 50.23 19.45
CA GLN C 143 5.15 50.90 19.37
C GLN C 143 5.43 51.85 20.55
N SER C 144 4.52 51.98 21.52
CA SER C 144 4.72 52.86 22.67
C SER C 144 5.43 52.12 23.78
N LYS C 145 6.38 52.80 24.43
CA LYS C 145 7.17 52.22 25.50
C LYS C 145 6.73 52.70 26.88
N GLY C 146 5.60 53.38 26.98
CA GLY C 146 5.08 53.80 28.27
C GLY C 146 3.69 54.38 28.13
N ILE C 147 2.94 54.30 29.22
CA ILE C 147 1.60 54.88 29.23
C ILE C 147 1.71 56.39 29.19
N GLN C 148 1.08 57.01 28.19
CA GLN C 148 1.19 58.45 28.03
C GLN C 148 0.46 59.17 29.16
N THR C 149 1.02 60.32 29.53
CA THR C 149 0.41 61.24 30.48
C THR C 149 -0.01 62.50 29.72
N GLY C 150 -1.04 63.17 30.23
CA GLY C 150 -1.58 64.34 29.56
C GLY C 150 -0.57 65.46 29.34
N ARG C 151 0.52 65.47 30.10
CA ARG C 151 1.55 66.48 29.95
C ARG C 151 2.51 66.11 28.83
N CYS C 152 3.11 67.12 28.21
CA CYS C 152 4.11 66.94 27.16
C CYS C 152 5.37 67.67 27.63
N VAL C 153 6.35 66.89 28.08
CA VAL C 153 7.55 67.45 28.66
C VAL C 153 8.63 67.59 27.58
N VAL C 154 9.58 68.49 27.82
CA VAL C 154 10.73 68.64 26.95
C VAL C 154 11.70 67.49 27.18
N TYR C 155 12.09 66.83 26.09
CA TYR C 155 13.16 65.83 26.15
C TYR C 155 14.52 66.49 26.29
N GLU C 156 14.89 67.32 25.33
CA GLU C 156 16.20 67.95 25.29
C GLU C 156 16.15 69.14 24.34
N GLY C 157 16.72 70.27 24.77
CA GLY C 157 16.66 71.47 23.97
C GLY C 157 15.24 71.94 23.72
N ASN C 158 14.84 72.01 22.45
CA ASN C 158 13.50 72.42 22.05
C ASN C 158 12.64 71.24 21.61
N GLN C 159 13.10 70.02 21.83
CA GLN C 159 12.35 68.82 21.46
C GLN C 159 11.30 68.56 22.54
N LYS C 160 10.02 68.62 22.14
CA LYS C 160 8.91 68.40 23.10
C LYS C 160 8.26 67.05 22.80
N THR C 161 8.36 66.10 23.74
CA THR C 161 7.83 64.76 23.53
C THR C 161 6.87 64.41 24.67
N CYS C 162 5.81 63.68 24.34
CA CYS C 162 4.78 63.35 25.32
C CYS C 162 5.38 62.56 26.48
N GLU C 163 5.10 63.02 27.70
CA GLU C 163 5.61 62.37 28.88
C GLU C 163 4.84 61.08 29.15
N VAL C 164 5.56 60.07 29.66
CA VAL C 164 4.99 58.76 29.93
C VAL C 164 5.48 58.27 31.27
N SER C 165 4.79 57.27 31.80
CA SER C 165 5.23 56.54 32.98
C SER C 165 5.70 55.16 32.54
N ALA C 166 6.96 54.86 32.79
CA ALA C 166 7.57 53.62 32.28
C ALA C 166 8.90 53.42 32.99
N TRP C 167 9.67 52.45 32.52
CA TRP C 167 11.07 52.33 32.91
C TRP C 167 11.88 53.38 32.16
N CYS C 168 12.49 54.29 32.90
CA CYS C 168 13.17 55.44 32.32
C CYS C 168 14.65 55.42 32.67
N PRO C 169 15.52 55.89 31.76
CA PRO C 169 15.22 56.48 30.46
C PRO C 169 14.74 55.48 29.42
N ILE C 170 13.77 55.90 28.60
CA ILE C 170 13.24 55.03 27.56
C ILE C 170 14.33 54.69 26.56
N GLU C 171 14.42 53.43 26.19
CA GLU C 171 15.49 52.99 25.31
C GLU C 171 15.38 53.67 23.96
N ALA C 172 16.52 54.13 23.45
CA ALA C 172 16.55 54.84 22.19
C ALA C 172 16.25 53.91 21.02
N VAL C 173 15.56 54.44 20.02
CA VAL C 173 15.35 53.72 18.77
C VAL C 173 16.67 53.78 18.00
N GLU C 174 17.47 52.73 18.12
CA GLU C 174 18.84 52.71 17.65
C GLU C 174 19.06 51.53 16.72
N GLU C 175 19.80 51.77 15.64
CA GLU C 175 20.15 50.70 14.72
C GLU C 175 21.10 49.72 15.39
N ALA C 176 21.07 48.47 14.94
CA ALA C 176 21.97 47.46 15.48
C ALA C 176 23.41 47.87 15.25
N PRO C 177 24.26 47.85 16.29
CA PRO C 177 25.63 48.37 16.15
C PRO C 177 26.46 47.49 15.23
N ARG C 178 26.89 48.06 14.11
CA ARG C 178 27.76 47.37 13.16
C ARG C 178 29.13 48.01 13.16
N PRO C 179 30.22 47.23 13.20
CA PRO C 179 30.25 45.76 13.22
C PRO C 179 29.74 45.16 14.52
N ALA C 180 29.36 43.89 14.48
CA ALA C 180 28.81 43.24 15.65
C ALA C 180 29.78 43.32 16.81
N LEU C 181 29.25 43.59 18.01
CA LEU C 181 30.10 43.70 19.19
C LEU C 181 30.77 42.38 19.49
N LEU C 182 30.12 41.26 19.21
CA LEU C 182 30.69 39.95 19.45
C LEU C 182 30.91 39.22 18.13
N ASN C 183 31.46 39.90 17.13
CA ASN C 183 31.76 39.25 15.86
C ASN C 183 32.85 38.20 16.00
N SER C 184 33.54 38.16 17.15
CA SER C 184 34.44 37.06 17.48
C SER C 184 33.71 35.74 17.67
N ALA C 185 32.37 35.76 17.66
CA ALA C 185 31.59 34.55 17.88
C ALA C 185 31.77 33.52 16.77
N GLU C 186 32.38 33.90 15.65
CA GLU C 186 32.69 32.90 14.63
C GLU C 186 33.81 31.98 15.07
N ASN C 187 34.53 32.33 16.13
CA ASN C 187 35.62 31.50 16.65
C ASN C 187 35.16 30.59 17.78
N PHE C 188 33.90 30.65 18.18
CA PHE C 188 33.39 29.81 19.24
C PHE C 188 33.14 28.39 18.71
N THR C 189 33.32 27.40 19.55
CA THR C 189 33.09 26.01 19.20
C THR C 189 31.94 25.48 20.02
N VAL C 190 31.07 24.66 19.43
CA VAL C 190 30.03 23.94 20.18
C VAL C 190 30.29 22.44 20.16
N LEU C 191 30.38 21.80 21.32
CA LEU C 191 30.31 20.36 21.47
C LEU C 191 28.84 19.96 21.49
N ILE C 192 28.43 19.03 20.63
CA ILE C 192 27.08 18.48 20.54
C ILE C 192 27.16 17.01 20.90
N LYS C 193 26.56 16.62 22.03
CA LYS C 193 26.47 15.26 22.51
C LYS C 193 25.08 14.77 22.11
N ASN C 194 24.97 13.72 21.30
CA ASN C 194 23.69 13.24 20.80
C ASN C 194 23.59 11.75 21.06
N ASN C 195 22.53 11.32 21.74
CA ASN C 195 22.25 9.92 22.00
C ASN C 195 20.98 9.53 21.26
N ILE C 196 21.07 8.48 20.44
CA ILE C 196 19.88 7.95 19.80
C ILE C 196 19.55 6.61 20.44
N ASP C 197 18.27 6.27 20.42
CA ASP C 197 17.76 5.03 20.97
C ASP C 197 16.70 4.50 20.03
N PHE C 198 16.82 3.21 19.70
CA PHE C 198 15.77 2.47 19.00
C PHE C 198 15.16 1.51 20.01
N PRO C 199 13.95 1.79 20.51
CA PRO C 199 13.38 0.91 21.54
C PRO C 199 12.91 -0.42 21.00
N GLY C 200 12.25 -0.42 19.84
CA GLY C 200 11.83 -1.69 19.26
C GLY C 200 12.99 -2.57 18.88
N HIS C 201 14.03 -1.98 18.29
CA HIS C 201 15.24 -2.74 17.96
C HIS C 201 16.19 -2.87 19.15
N ASN C 202 15.96 -2.12 20.23
CA ASN C 202 16.78 -2.17 21.43
C ASN C 202 18.25 -1.89 21.12
N TYR C 203 18.49 -0.68 20.60
CA TYR C 203 19.85 -0.27 20.24
C TYR C 203 20.07 1.18 20.60
N THR C 204 21.00 1.44 21.51
CA THR C 204 21.32 2.79 21.95
C THR C 204 22.75 3.12 21.57
N THR C 205 22.98 4.34 21.08
CA THR C 205 24.35 4.74 20.75
C THR C 205 24.46 6.26 20.81
N ARG C 206 25.70 6.73 20.78
CA ARG C 206 26.02 8.15 20.89
C ARG C 206 26.97 8.54 19.77
N ASN C 207 26.90 9.80 19.35
CA ASN C 207 27.76 10.30 18.28
C ASN C 207 29.19 10.53 18.75
N ILE C 208 29.47 10.45 20.04
CA ILE C 208 30.81 10.59 20.58
C ILE C 208 31.37 9.18 20.80
N LEU C 209 32.52 8.90 20.23
CA LEU C 209 33.11 7.58 20.24
C LEU C 209 34.30 7.52 21.19
N PRO C 210 34.65 6.34 21.68
CA PRO C 210 35.85 6.21 22.51
C PRO C 210 37.10 6.61 21.74
N GLY C 211 38.06 7.14 22.47
CA GLY C 211 39.27 7.66 21.84
C GLY C 211 39.02 8.87 20.96
N LEU C 212 38.21 9.81 21.45
CA LEU C 212 37.88 11.02 20.70
C LEU C 212 38.74 12.16 21.23
N ASN C 213 39.65 12.66 20.41
CA ASN C 213 40.38 13.86 20.76
C ASN C 213 39.42 15.04 20.84
N ILE C 214 39.62 15.90 21.83
CA ILE C 214 38.78 17.09 21.95
C ILE C 214 39.40 18.32 21.30
N THR C 215 40.68 18.25 20.94
CA THR C 215 41.31 19.35 20.22
C THR C 215 40.83 19.44 18.77
N CYS C 216 40.12 18.42 18.29
CA CYS C 216 39.59 18.40 16.94
C CYS C 216 38.51 19.45 16.76
N THR C 217 38.27 19.78 15.49
CA THR C 217 37.13 20.58 15.06
C THR C 217 36.56 19.91 13.82
N PHE C 218 35.23 19.85 13.73
CA PHE C 218 34.59 19.15 12.61
C PHE C 218 35.07 19.71 11.28
N HIS C 219 35.43 18.82 10.37
CA HIS C 219 35.71 19.15 8.99
C HIS C 219 34.93 18.21 8.09
N LYS C 220 34.42 18.74 6.99
CA LYS C 220 33.54 17.97 6.13
C LYS C 220 34.20 16.69 5.63
N THR C 221 35.51 16.72 5.38
CA THR C 221 36.24 15.56 4.89
C THR C 221 37.33 15.10 5.84
N GLN C 222 38.16 16.02 6.34
CA GLN C 222 39.30 15.62 7.16
C GLN C 222 38.86 14.94 8.45
N ASN C 223 37.93 15.56 9.17
CA ASN C 223 37.47 15.07 10.47
C ASN C 223 35.95 15.14 10.52
N PRO C 224 35.27 14.24 9.81
CA PRO C 224 33.82 14.34 9.70
C PRO C 224 33.05 13.90 10.92
N GLN C 225 33.67 13.22 11.88
CA GLN C 225 32.98 12.67 13.03
C GLN C 225 33.32 13.38 14.33
N CYS C 226 34.04 14.50 14.27
CA CYS C 226 34.33 15.26 15.46
C CYS C 226 33.15 16.17 15.77
N PRO C 227 32.50 16.05 16.93
CA PRO C 227 31.28 16.79 17.20
C PRO C 227 31.49 18.20 17.72
N ILE C 228 32.69 18.75 17.62
CA ILE C 228 32.97 20.12 18.04
C ILE C 228 33.00 20.98 16.79
N PHE C 229 31.96 21.77 16.60
CA PHE C 229 31.78 22.58 15.41
C PHE C 229 32.13 24.03 15.70
N ARG C 230 33.02 24.60 14.90
CA ARG C 230 33.27 26.03 14.96
C ARG C 230 32.15 26.77 14.25
N LEU C 231 31.64 27.83 14.86
CA LEU C 231 30.48 28.52 14.30
C LEU C 231 30.80 29.18 12.98
N GLY C 232 31.98 29.80 12.88
CA GLY C 232 32.38 30.40 11.61
C GLY C 232 32.47 29.38 10.49
N ASP C 233 32.96 28.17 10.81
CA ASP C 233 33.01 27.10 9.83
C ASP C 233 31.61 26.62 9.46
N ILE C 234 30.71 26.56 10.43
CA ILE C 234 29.32 26.23 10.14
C ILE C 234 28.75 27.21 9.12
N PHE C 235 29.06 28.49 9.28
CA PHE C 235 28.51 29.49 8.36
C PHE C 235 29.20 29.46 7.01
N ARG C 236 30.51 29.21 6.97
CA ARG C 236 31.20 29.16 5.68
C ARG C 236 30.93 27.87 4.92
N GLU C 237 30.41 26.84 5.59
CA GLU C 237 30.02 25.63 4.88
C GLU C 237 28.65 25.74 4.22
N THR C 238 27.93 26.83 4.45
CA THR C 238 26.68 27.11 3.76
C THR C 238 26.74 28.37 2.91
N GLY C 239 27.94 28.90 2.67
CA GLY C 239 28.08 30.10 1.88
C GLY C 239 27.47 31.33 2.51
N ASP C 240 27.47 31.41 3.83
CA ASP C 240 26.97 32.57 4.54
C ASP C 240 28.13 33.43 5.03
N ASN C 241 27.85 34.71 5.24
CA ASN C 241 28.82 35.65 5.77
C ASN C 241 28.49 35.85 7.24
N PHE C 242 29.33 35.30 8.12
CA PHE C 242 29.06 35.40 9.55
C PHE C 242 29.05 36.86 10.01
N SER C 243 29.93 37.69 9.45
CA SER C 243 30.01 39.08 9.89
C SER C 243 28.71 39.82 9.62
N ASP C 244 28.05 39.54 8.50
CA ASP C 244 26.76 40.16 8.23
C ASP C 244 25.65 39.55 9.07
N VAL C 245 25.67 38.22 9.25
CA VAL C 245 24.64 37.58 10.06
C VAL C 245 24.77 37.98 11.52
N ALA C 246 26.00 38.17 12.01
CA ALA C 246 26.18 38.49 13.43
C ALA C 246 25.57 39.84 13.78
N ILE C 247 25.54 40.78 12.84
CA ILE C 247 25.13 42.15 13.16
C ILE C 247 23.68 42.18 13.63
N GLN C 248 22.79 41.52 12.89
CA GLN C 248 21.36 41.55 13.19
C GLN C 248 20.81 40.21 13.63
N GLY C 249 21.54 39.12 13.44
CA GLY C 249 21.13 37.81 13.90
C GLY C 249 20.73 36.92 12.75
N GLY C 250 20.23 35.75 13.13
CA GLY C 250 19.77 34.79 12.15
C GLY C 250 19.40 33.49 12.84
N ILE C 251 18.93 32.55 12.03
CA ILE C 251 18.63 31.20 12.48
C ILE C 251 19.42 30.24 11.60
N MET C 252 20.12 29.31 12.26
CA MET C 252 20.94 28.32 11.51
C MET C 252 20.49 26.94 11.97
N GLY C 253 20.77 25.90 11.18
CA GLY C 253 20.30 24.58 11.50
C GLY C 253 21.34 23.51 11.27
N ILE C 254 21.57 22.69 12.29
CA ILE C 254 22.54 21.60 12.24
C ILE C 254 21.73 20.31 12.14
N GLU C 255 21.67 19.73 10.96
CA GLU C 255 21.02 18.45 10.78
C GLU C 255 21.99 17.32 11.13
N ILE C 256 21.50 16.34 11.88
CA ILE C 256 22.25 15.13 12.20
C ILE C 256 21.43 13.97 11.66
N TYR C 257 21.95 13.30 10.64
CA TYR C 257 21.25 12.21 9.98
C TYR C 257 21.83 10.88 10.47
N TRP C 258 20.97 10.05 11.04
CA TRP C 258 21.35 8.72 11.54
C TRP C 258 20.72 7.67 10.64
N ASP C 259 21.44 7.27 9.59
CA ASP C 259 21.00 6.18 8.72
C ASP C 259 21.67 4.91 9.23
N CYS C 260 20.92 4.07 9.94
CA CYS C 260 21.48 2.90 10.58
C CYS C 260 20.78 1.65 10.10
N ASN C 261 21.56 0.62 9.77
CA ASN C 261 21.05 -0.73 9.61
C ASN C 261 21.66 -1.61 10.70
N LEU C 262 20.81 -2.24 11.50
CA LEU C 262 21.24 -2.94 12.69
C LEU C 262 21.46 -4.43 12.45
N ASP C 263 21.79 -4.80 11.22
CA ASP C 263 22.14 -6.18 10.89
C ASP C 263 23.60 -6.40 11.24
N ARG C 264 23.87 -7.49 11.98
CA ARG C 264 25.23 -7.74 12.44
C ARG C 264 26.20 -7.94 11.29
N TRP C 265 25.73 -8.48 10.16
CA TRP C 265 26.60 -8.66 9.01
C TRP C 265 27.01 -7.31 8.42
N PHE C 266 26.05 -6.43 8.20
CA PHE C 266 26.29 -5.11 7.61
C PHE C 266 25.78 -4.08 8.60
N HIS C 267 26.64 -3.72 9.55
CA HIS C 267 26.27 -2.83 10.66
C HIS C 267 26.99 -1.51 10.50
N HIS C 268 26.22 -0.43 10.46
CA HIS C 268 26.80 0.92 10.51
C HIS C 268 25.73 1.87 11.01
N CYS C 269 26.00 2.51 12.15
CA CYS C 269 25.10 3.51 12.73
C CYS C 269 25.96 4.68 13.19
N ARG C 270 26.21 5.62 12.28
CA ARG C 270 27.03 6.78 12.57
C ARG C 270 26.32 8.03 12.06
N PRO C 271 26.54 9.18 12.70
CA PRO C 271 25.85 10.40 12.30
C PRO C 271 26.46 11.00 11.05
N LYS C 272 25.67 11.84 10.38
CA LYS C 272 26.11 12.62 9.24
C LYS C 272 25.66 14.05 9.46
N TYR C 273 26.61 14.97 9.58
CA TYR C 273 26.31 16.35 9.94
C TYR C 273 26.16 17.21 8.69
N SER C 274 25.04 17.90 8.59
CA SER C 274 24.76 18.83 7.51
C SER C 274 24.36 20.16 8.12
N PHE C 275 24.53 21.24 7.36
CA PHE C 275 24.22 22.57 7.85
C PHE C 275 23.34 23.29 6.84
N ARG C 276 22.33 24.00 7.36
CA ARG C 276 21.32 24.64 6.52
C ARG C 276 20.81 25.89 7.22
N ARG C 277 20.86 27.03 6.54
CA ARG C 277 20.32 28.23 7.14
C ARG C 277 18.79 28.17 7.13
N LEU C 278 18.18 28.30 8.30
CA LEU C 278 16.73 28.28 8.44
C LEU C 278 16.13 29.67 8.46
N ASP C 279 16.78 30.63 7.80
CA ASP C 279 16.37 32.02 7.83
C ASP C 279 16.56 32.61 6.44
N ASP C 280 15.93 33.75 6.20
CA ASP C 280 16.12 34.45 4.94
C ASP C 280 17.52 35.03 4.87
N LYS C 281 18.11 35.00 3.68
CA LYS C 281 19.47 35.52 3.50
C LYS C 281 19.51 37.01 3.81
N THR C 282 20.50 37.42 4.60
CA THR C 282 20.64 38.81 5.03
C THR C 282 21.35 39.59 3.93
N THR C 283 20.58 40.33 3.15
CA THR C 283 21.10 41.18 2.08
C THR C 283 21.00 42.64 2.51
N ASN C 284 21.35 43.54 1.57
CA ASN C 284 21.29 44.96 1.87
C ASN C 284 19.87 45.49 1.89
N VAL C 285 18.94 44.82 1.18
CA VAL C 285 17.57 45.29 1.06
C VAL C 285 16.60 44.22 1.55
N SER C 286 17.03 43.41 2.51
CA SER C 286 16.17 42.36 3.04
C SER C 286 15.00 42.97 3.80
N LEU C 287 13.91 42.20 3.92
CA LEU C 287 12.70 42.66 4.58
C LEU C 287 12.64 42.07 5.98
N TYR C 288 12.72 42.94 6.99
CA TYR C 288 12.66 42.55 8.39
C TYR C 288 13.61 41.39 8.72
N PRO C 289 14.92 41.57 8.54
CA PRO C 289 15.86 40.49 8.79
C PRO C 289 16.31 40.45 10.24
N GLY C 290 16.95 39.35 10.59
CA GLY C 290 17.62 39.24 11.88
C GLY C 290 16.87 38.34 12.84
N TYR C 291 17.41 38.31 14.07
CA TYR C 291 16.85 37.51 15.16
C TYR C 291 17.25 38.20 16.45
N ASN C 292 16.34 38.99 17.00
CA ASN C 292 16.59 39.71 18.22
C ASN C 292 15.45 39.58 19.20
N PHE C 293 15.73 39.73 20.49
CA PHE C 293 14.71 39.78 21.52
C PHE C 293 15.16 40.77 22.58
N ARG C 294 14.36 40.98 23.61
CA ARG C 294 14.68 41.85 24.75
C ARG C 294 14.59 41.10 26.05
N TYR C 295 15.55 41.32 26.94
CA TYR C 295 15.49 40.79 28.29
C TYR C 295 16.12 41.79 29.24
N ALA C 296 15.75 41.70 30.50
CA ALA C 296 16.17 42.68 31.49
C ALA C 296 16.88 42.01 32.65
N LYS C 297 17.90 42.68 33.17
CA LYS C 297 18.55 42.30 34.41
C LYS C 297 18.04 43.20 35.52
N TYR C 298 17.44 42.62 36.55
CA TYR C 298 16.83 43.39 37.62
C TYR C 298 17.74 43.38 38.84
N TYR C 299 18.14 44.56 39.31
CA TYR C 299 18.97 44.68 40.50
C TYR C 299 18.39 45.77 41.39
N LYS C 300 18.51 45.56 42.70
CA LYS C 300 18.08 46.56 43.68
C LYS C 300 19.31 47.31 44.19
N GLU C 301 19.30 48.63 44.00
CA GLU C 301 20.33 49.49 44.57
C GLU C 301 19.65 50.75 45.09
N ASN C 302 20.25 51.34 46.13
CA ASN C 302 19.67 52.48 46.83
C ASN C 302 18.25 52.16 47.30
N ASN C 303 18.02 50.89 47.66
CA ASN C 303 16.73 50.38 48.10
C ASN C 303 15.63 50.57 47.06
N VAL C 304 16.00 50.76 45.80
CA VAL C 304 15.03 50.87 44.71
C VAL C 304 15.43 49.89 43.62
N GLU C 305 14.43 49.37 42.91
CA GLU C 305 14.66 48.36 41.89
C GLU C 305 14.88 49.02 40.54
N LYS C 306 16.03 48.75 39.94
CA LYS C 306 16.36 49.22 38.60
C LYS C 306 16.56 48.00 37.70
N ARG C 307 16.47 48.24 36.40
CA ARG C 307 16.67 47.17 35.43
C ARG C 307 17.56 47.66 34.30
N THR C 308 18.34 46.74 33.75
CA THR C 308 19.13 46.95 32.55
C THR C 308 18.43 46.21 31.42
N LEU C 309 17.88 46.96 30.46
CA LEU C 309 17.14 46.38 29.36
C LEU C 309 18.08 46.18 28.18
N ILE C 310 18.21 44.95 27.73
CA ILE C 310 19.17 44.57 26.69
C ILE C 310 18.38 44.01 25.51
N LYS C 311 18.55 44.59 24.33
CA LYS C 311 18.06 44.05 23.05
C LYS C 311 19.16 43.17 22.48
N VAL C 312 19.00 41.86 22.49
CA VAL C 312 20.00 40.89 22.12
C VAL C 312 19.77 40.45 20.68
N PHE C 313 20.81 40.61 19.86
CA PHE C 313 20.76 40.13 18.47
C PHE C 313 21.76 38.98 18.37
N GLY C 314 21.34 37.82 17.86
CA GLY C 314 22.22 36.66 17.83
C GLY C 314 21.70 35.61 16.89
N ILE C 315 22.42 34.50 16.84
CA ILE C 315 22.13 33.39 15.94
C ILE C 315 21.61 32.23 16.77
N ARG C 316 20.43 31.74 16.42
CA ARG C 316 19.83 30.58 17.07
C ARG C 316 20.10 29.35 16.23
N PHE C 317 20.80 28.38 16.80
CA PHE C 317 21.15 27.15 16.09
C PHE C 317 20.17 26.06 16.50
N ASP C 318 19.28 25.68 15.59
CA ASP C 318 18.36 24.58 15.81
C ASP C 318 19.02 23.29 15.35
N ILE C 319 19.06 22.29 16.23
CA ILE C 319 19.67 21.01 15.92
C ILE C 319 18.58 20.01 15.59
N LEU C 320 18.58 19.53 14.36
CA LEU C 320 17.53 18.71 13.79
C LEU C 320 18.09 17.31 13.64
N VAL C 321 17.75 16.42 14.57
CA VAL C 321 18.25 15.05 14.55
C VAL C 321 17.18 14.18 13.94
N PHE C 322 17.47 13.62 12.77
CA PHE C 322 16.54 12.73 12.10
C PHE C 322 17.29 11.51 11.60
N GLY C 323 16.55 10.43 11.40
CA GLY C 323 17.16 9.22 10.90
C GLY C 323 16.24 8.04 11.14
N THR C 324 16.74 6.88 10.72
CA THR C 324 15.99 5.65 10.88
C THR C 324 16.96 4.49 11.06
N GLY C 325 16.58 3.55 11.91
CA GLY C 325 17.33 2.34 12.11
C GLY C 325 16.53 1.13 11.71
N GLY C 326 17.08 0.33 10.80
CA GLY C 326 16.37 -0.80 10.21
C GLY C 326 17.03 -2.11 10.57
N LYS C 327 16.20 -3.12 10.80
CA LYS C 327 16.67 -4.48 11.04
C LYS C 327 15.83 -5.45 10.22
N PHE C 328 16.46 -6.53 9.76
CA PHE C 328 15.78 -7.45 8.85
C PHE C 328 14.55 -8.07 9.51
N ASP C 329 13.45 -8.06 8.76
CA ASP C 329 12.18 -8.60 9.23
C ASP C 329 11.58 -9.48 8.14
N ILE C 330 11.10 -10.66 8.52
CA ILE C 330 10.50 -11.57 7.55
C ILE C 330 9.20 -11.03 7.02
N ILE C 331 8.35 -10.49 7.91
CA ILE C 331 7.00 -10.09 7.53
C ILE C 331 7.04 -8.96 6.51
N GLN C 332 7.94 -7.99 6.68
CA GLN C 332 8.02 -6.89 5.74
C GLN C 332 8.42 -7.37 4.35
N LEU C 333 9.40 -8.28 4.28
CA LEU C 333 9.78 -8.84 2.99
C LEU C 333 8.63 -9.61 2.35
N VAL C 334 7.92 -10.39 3.16
CA VAL C 334 6.82 -11.19 2.62
C VAL C 334 5.71 -10.30 2.08
N VAL C 335 5.40 -9.16 2.73
CA VAL C 335 4.33 -8.32 2.11
C VAL C 335 4.84 -7.68 0.81
N TYR C 336 6.03 -7.07 0.80
CA TYR C 336 6.61 -6.41 -0.38
C TYR C 336 6.60 -7.42 -1.52
N ILE C 337 7.00 -8.67 -1.23
CA ILE C 337 6.99 -9.72 -2.29
C ILE C 337 5.63 -9.70 -3.00
N GLY C 338 4.54 -9.88 -2.25
CA GLY C 338 3.19 -9.91 -2.84
C GLY C 338 2.97 -8.73 -3.78
N SER C 339 3.20 -7.51 -3.30
CA SER C 339 3.01 -6.29 -4.13
C SER C 339 3.81 -6.42 -5.43
N THR C 340 5.10 -6.80 -5.35
CA THR C 340 5.94 -6.84 -6.58
C THR C 340 5.47 -7.99 -7.48
N LEU C 341 5.05 -9.11 -6.90
CA LEU C 341 4.53 -10.28 -7.65
C LEU C 341 3.37 -9.94 -8.57
N SER C 342 2.51 -9.01 -8.21
CA SER C 342 1.39 -8.81 -9.16
C SER C 342 1.80 -7.90 -10.32
N TYR C 343 2.81 -7.07 -10.09
CA TYR C 343 3.16 -6.09 -11.16
C TYR C 343 3.44 -6.89 -12.44
N PHE C 344 4.11 -8.04 -12.33
CA PHE C 344 4.46 -8.84 -13.53
C PHE C 344 3.20 -9.13 -14.36
N GLY C 345 2.06 -9.37 -13.70
CA GLY C 345 0.81 -9.70 -14.41
C GLY C 345 0.37 -8.62 -15.38
N LEU C 346 0.79 -7.38 -15.16
CA LEU C 346 0.34 -6.24 -16.02
C LEU C 346 0.75 -6.52 -17.48
N ALA C 347 1.86 -7.26 -17.68
CA ALA C 347 2.32 -7.57 -19.04
C ALA C 347 1.19 -8.24 -19.84
N ALA C 348 0.50 -9.21 -19.22
CA ALA C 348 -0.58 -9.94 -19.92
C ALA C 348 -1.68 -8.96 -20.34
N VAL C 349 -2.13 -8.11 -19.41
CA VAL C 349 -3.20 -7.12 -19.71
C VAL C 349 -2.86 -6.40 -21.02
N PHE C 350 -1.66 -5.82 -21.09
CA PHE C 350 -1.23 -5.07 -22.29
C PHE C 350 -1.38 -5.96 -23.54
N ILE C 351 -0.76 -7.14 -23.52
CA ILE C 351 -0.78 -7.97 -24.75
C ILE C 351 -2.21 -8.41 -25.05
N ASP C 352 -2.98 -8.80 -24.02
CA ASP C 352 -4.38 -9.21 -24.22
C ASP C 352 -5.12 -8.09 -24.94
N PHE C 353 -4.83 -6.84 -24.59
CA PHE C 353 -5.45 -5.68 -25.28
C PHE C 353 -4.98 -5.65 -26.73
N LEU C 354 -3.68 -5.77 -26.96
CA LEU C 354 -3.15 -5.76 -28.34
C LEU C 354 -3.81 -6.90 -29.12
N ILE C 355 -4.20 -7.97 -28.44
CA ILE C 355 -4.90 -9.03 -29.15
C ILE C 355 -6.34 -8.62 -29.45
N ASP C 356 -7.02 -8.05 -28.45
CA ASP C 356 -8.42 -7.66 -28.64
C ASP C 356 -8.54 -6.51 -29.64
N THR C 357 -7.63 -5.53 -29.57
CA THR C 357 -7.71 -4.40 -30.48
C THR C 357 -7.38 -4.80 -31.92
N TYR C 358 -6.28 -5.52 -32.12
CA TYR C 358 -5.85 -5.88 -33.45
C TYR C 358 -6.70 -6.98 -34.07
N SER C 359 -7.80 -7.36 -33.42
CA SER C 359 -8.69 -8.38 -33.95
C SER C 359 -9.90 -7.75 -34.61
N SER C 360 -10.16 -6.49 -34.27
CA SER C 360 -11.34 -5.77 -34.80
C SER C 360 -11.26 -5.67 -36.37
N ASN C 361 -12.39 -5.63 -37.04
CA ASN C 361 -12.43 -5.57 -38.49
C ASN C 361 -12.05 -4.18 -38.99
N CYS C 362 -12.09 -3.20 -38.10
CA CYS C 362 -11.73 -1.85 -38.44
C CYS C 362 -10.25 -1.69 -38.74
N CYS C 363 -9.47 -2.61 -38.18
CA CYS C 363 -8.05 -2.63 -38.40
C CYS C 363 -7.70 -3.01 -39.83
N ARG C 364 -8.46 -3.96 -40.35
CA ARG C 364 -8.28 -4.44 -41.71
C ARG C 364 -8.99 -3.53 -42.71
N SER C 365 -10.08 -2.91 -42.25
CA SER C 365 -10.87 -2.08 -43.14
C SER C 365 -10.15 -0.79 -43.52
N HIS C 366 -9.59 -0.09 -42.53
CA HIS C 366 -9.00 1.23 -42.75
C HIS C 366 -7.50 1.26 -42.52
N ILE C 367 -7.04 0.81 -41.35
CA ILE C 367 -5.65 1.04 -40.98
C ILE C 367 -4.70 0.20 -41.82
N TYR C 368 -5.07 -1.06 -42.09
CA TYR C 368 -4.18 -1.94 -42.84
C TYR C 368 -3.91 -1.44 -44.27
N PRO C 369 -4.91 -1.08 -45.07
CA PRO C 369 -4.60 -0.59 -46.43
C PRO C 369 -3.85 0.73 -46.45
N TRP C 370 -3.86 1.49 -45.36
CA TRP C 370 -3.20 2.79 -45.34
C TRP C 370 -1.77 2.70 -44.81
N CYS C 371 -1.60 2.22 -43.59
CA CYS C 371 -0.27 2.16 -42.99
C CYS C 371 0.61 1.11 -43.68
N LYS C 372 0.05 -0.07 -43.93
CA LYS C 372 0.75 -1.16 -44.63
C LYS C 372 1.97 -1.67 -43.86
N CYS C 373 2.19 -1.15 -42.66
CA CYS C 373 3.34 -1.56 -41.85
C CYS C 373 2.92 -2.56 -40.78
N CYS C 374 1.66 -2.48 -40.38
CA CYS C 374 1.12 -3.37 -39.39
C CYS C 374 0.33 -4.53 -40.03
N GLN C 375 0.73 -4.85 -41.25
CA GLN C 375 0.11 -5.93 -42.00
C GLN C 375 0.33 -7.32 -41.38
N PRO C 376 1.56 -7.65 -40.93
CA PRO C 376 1.69 -8.98 -40.33
C PRO C 376 1.07 -9.08 -38.94
N CYS C 377 0.38 -8.03 -38.50
CA CYS C 377 -0.35 -8.07 -37.27
C CYS C 377 -1.79 -8.50 -37.48
N VAL C 378 -1.96 -9.36 -38.47
CA VAL C 378 -3.28 -9.87 -38.85
C VAL C 378 -3.52 -11.18 -38.12
N VAL C 379 -2.44 -11.77 -37.58
CA VAL C 379 -2.56 -13.01 -36.83
C VAL C 379 -3.33 -12.80 -35.53
N ASN C 380 -3.52 -11.55 -35.12
CA ASN C 380 -4.29 -11.29 -33.91
C ASN C 380 -5.75 -11.71 -34.08
N GLU C 381 -6.26 -11.71 -35.32
CA GLU C 381 -7.59 -12.27 -35.56
C GLU C 381 -7.61 -13.76 -35.23
N TYR C 382 -6.56 -14.49 -35.64
CA TYR C 382 -6.46 -15.91 -35.30
C TYR C 382 -6.36 -16.11 -33.80
N TYR C 383 -5.56 -15.28 -33.12
CA TYR C 383 -5.42 -15.41 -31.67
C TYR C 383 -6.75 -15.15 -30.98
N TYR C 384 -7.48 -14.13 -31.43
CA TYR C 384 -8.76 -13.81 -30.82
C TYR C 384 -9.77 -14.93 -31.07
N ARG C 385 -9.78 -15.48 -32.28
CA ARG C 385 -10.68 -16.59 -32.59
C ARG C 385 -10.38 -17.79 -31.71
N LYS C 386 -9.11 -18.08 -31.48
CA LYS C 386 -8.72 -19.22 -30.66
C LYS C 386 -8.72 -18.92 -29.17
N LYS C 387 -9.00 -17.68 -28.76
CA LYS C 387 -9.02 -17.31 -27.35
C LYS C 387 -10.42 -17.00 -26.84
N CYS C 388 -11.12 -16.08 -27.47
CA CYS C 388 -12.41 -15.60 -26.99
C CYS C 388 -13.55 -16.27 -27.74
N GLU C 389 -14.57 -16.69 -26.99
CA GLU C 389 -15.76 -17.31 -27.56
C GLU C 389 -16.97 -16.44 -27.26
N SER C 390 -17.81 -16.22 -28.27
CA SER C 390 -18.98 -15.36 -28.13
C SER C 390 -20.18 -16.20 -27.70
N ILE C 391 -20.88 -15.73 -26.66
CA ILE C 391 -22.08 -16.45 -26.15
C ILE C 391 -23.19 -15.41 -25.93
N VAL C 392 -24.41 -15.70 -26.39
CA VAL C 392 -25.53 -14.72 -26.29
C VAL C 392 -26.51 -15.19 -25.20
N GLU C 393 -27.08 -14.25 -24.45
CA GLU C 393 -28.06 -14.59 -23.39
C GLU C 393 -29.17 -15.46 -24.00
N PRO C 394 -29.48 -16.64 -23.43
CA PRO C 394 -30.52 -17.52 -23.96
C PRO C 394 -31.92 -17.09 -23.49
N LYS C 395 -32.26 -15.82 -23.72
CA LYS C 395 -33.61 -15.31 -23.36
C LYS C 395 -34.65 -16.02 -24.26
N PRO C 396 -35.93 -16.11 -23.85
CA PRO C 396 -36.97 -16.71 -24.68
C PRO C 396 -37.09 -16.02 -26.05
N THR C 397 -36.92 -14.69 -26.09
CA THR C 397 -37.08 -13.93 -27.35
C THR C 397 -35.94 -14.28 -28.33
N LEU C 398 -34.85 -14.87 -27.83
CA LEU C 398 -33.69 -15.20 -28.71
C LEU C 398 -34.13 -16.23 -29.74
N LYS C 399 -33.94 -15.93 -31.03
CA LYS C 399 -34.33 -16.86 -32.12
C LYS C 399 -33.27 -16.83 -33.23
N TYR C 400 -33.28 -17.81 -34.14
CA TYR C 400 -32.34 -17.82 -35.24
C TYR C 400 -33.07 -18.20 -36.52
N VAL C 401 -32.76 -17.50 -37.61
CA VAL C 401 -33.40 -17.72 -38.90
C VAL C 401 -32.33 -17.80 -39.97
N SER C 402 -32.38 -18.85 -40.80
CA SER C 402 -31.43 -19.01 -41.88
C SER C 402 -32.17 -19.22 -43.20
N PHE C 403 -31.67 -18.59 -44.24
CA PHE C 403 -32.20 -18.74 -45.59
C PHE C 403 -31.14 -19.35 -46.49
N VAL C 404 -31.60 -20.13 -47.48
CA VAL C 404 -30.68 -20.85 -48.35
C VAL C 404 -29.83 -19.88 -49.17
N ASP C 405 -30.46 -18.83 -49.71
CA ASP C 405 -29.76 -17.91 -50.59
C ASP C 405 -28.70 -17.10 -49.87
N GLU C 406 -28.69 -17.11 -48.55
CA GLU C 406 -27.74 -16.32 -47.77
C GLU C 406 -26.72 -17.24 -47.09
N SER C 407 -25.62 -16.62 -46.65
CA SER C 407 -24.53 -17.34 -46.01
C SER C 407 -24.37 -16.97 -44.53
N HIS C 408 -25.36 -16.30 -43.95
CA HIS C 408 -25.30 -15.88 -42.56
C HIS C 408 -26.66 -16.10 -41.91
N ILE C 409 -26.66 -16.27 -40.60
CA ILE C 409 -27.87 -16.57 -39.83
C ILE C 409 -28.29 -15.33 -39.08
N ARG C 410 -29.56 -14.94 -39.23
CA ARG C 410 -30.10 -13.78 -38.56
C ARG C 410 -30.58 -14.17 -37.16
N MET C 411 -29.89 -13.67 -36.14
CA MET C 411 -30.38 -13.76 -34.77
C MET C 411 -31.52 -12.80 -34.60
N VAL C 412 -32.70 -13.33 -34.30
CA VAL C 412 -33.91 -12.53 -34.08
C VAL C 412 -34.04 -12.35 -32.57
N ASN C 413 -33.43 -11.28 -32.05
CA ASN C 413 -33.49 -10.97 -30.63
C ASN C 413 -34.73 -10.17 -30.25
N GLN C 414 -35.47 -9.67 -31.24
CA GLN C 414 -36.62 -8.80 -30.99
C GLN C 414 -37.89 -9.63 -30.93
N GLN C 415 -38.67 -9.43 -29.86
CA GLN C 415 -39.95 -10.10 -29.75
C GLN C 415 -40.89 -9.61 -30.83
N LEU C 416 -41.54 -10.56 -31.50
CA LEU C 416 -42.27 -10.26 -32.72
C LEU C 416 -43.48 -9.38 -32.42
N LEU C 417 -43.58 -8.26 -33.12
CA LEU C 417 -44.69 -7.32 -32.93
C LEU C 417 -45.83 -7.63 -33.90
N GLY C 418 -46.31 -8.86 -33.83
CA GLY C 418 -47.38 -9.30 -34.71
C GLY C 418 -47.02 -9.28 -36.18
N ARG C 419 -45.75 -9.57 -36.50
CA ARG C 419 -45.29 -9.61 -37.88
C ARG C 419 -44.66 -10.97 -38.17
N SER C 420 -44.83 -11.44 -39.40
CA SER C 420 -44.27 -12.73 -39.78
C SER C 420 -42.75 -12.73 -39.62
N LEU C 421 -42.22 -13.85 -39.12
CA LEU C 421 -40.79 -13.92 -38.85
C LEU C 421 -39.98 -13.82 -40.14
N GLN C 422 -40.59 -14.11 -41.28
CA GLN C 422 -39.90 -13.94 -42.56
C GLN C 422 -39.51 -12.49 -42.78
N ASP C 423 -40.42 -11.56 -42.44
CA ASP C 423 -40.14 -10.14 -42.65
C ASP C 423 -39.21 -9.60 -41.58
N VAL C 424 -39.22 -10.19 -40.38
CA VAL C 424 -38.45 -9.67 -39.27
C VAL C 424 -36.96 -9.76 -39.58
N LYS C 425 -36.24 -8.67 -39.33
CA LYS C 425 -34.81 -8.60 -39.54
C LYS C 425 -34.07 -8.81 -38.22
N GLY C 426 -32.92 -9.47 -38.30
CA GLY C 426 -32.13 -9.75 -37.12
C GLY C 426 -30.67 -9.47 -37.38
N GLN C 427 -29.88 -9.55 -36.30
CA GLN C 427 -28.45 -9.31 -36.41
C GLN C 427 -27.76 -10.46 -37.14
N GLU C 428 -26.90 -10.15 -38.09
CA GLU C 428 -26.23 -11.19 -38.85
C GLU C 428 -25.19 -11.89 -37.99
N VAL C 429 -25.03 -13.20 -38.21
CA VAL C 429 -24.05 -14.01 -37.51
C VAL C 429 -23.41 -14.95 -38.53
N PRO C 430 -22.08 -14.98 -38.65
CA PRO C 430 -21.44 -15.95 -39.55
C PRO C 430 -21.77 -17.37 -39.11
N ARG C 431 -21.94 -18.25 -40.10
CA ARG C 431 -22.20 -19.64 -39.80
C ARG C 431 -20.94 -20.31 -39.28
N PRO C 432 -21.00 -21.00 -38.12
CA PRO C 432 -19.85 -21.69 -37.54
C PRO C 432 -19.32 -22.80 -38.43
N SER C 473 -49.93 -19.63 -52.31
CA SER C 473 -48.89 -19.65 -51.28
C SER C 473 -49.03 -18.43 -50.36
N PRO C 474 -48.59 -18.57 -49.11
CA PRO C 474 -48.66 -17.45 -48.18
C PRO C 474 -47.80 -16.28 -48.67
N VAL C 475 -48.15 -15.08 -48.22
CA VAL C 475 -47.47 -13.87 -48.66
C VAL C 475 -46.00 -13.92 -48.28
N TRP C 476 -45.71 -14.31 -47.03
CA TRP C 476 -44.34 -14.39 -46.59
C TRP C 476 -43.58 -15.50 -47.29
N CYS C 477 -44.26 -16.58 -47.67
CA CYS C 477 -43.59 -17.70 -48.33
C CYS C 477 -43.02 -17.27 -49.67
N GLN C 478 -41.79 -17.73 -49.93
CA GLN C 478 -41.10 -17.44 -51.20
C GLN C 478 -40.70 -18.71 -51.93
N CYS C 479 -40.99 -19.88 -51.38
CA CYS C 479 -40.63 -21.15 -52.00
C CYS C 479 -41.81 -21.86 -52.65
N GLY C 480 -43.04 -21.53 -52.26
CA GLY C 480 -44.22 -22.17 -52.83
C GLY C 480 -44.67 -23.43 -52.14
N SER C 481 -43.90 -23.94 -51.18
CA SER C 481 -44.26 -25.16 -50.46
C SER C 481 -44.65 -24.90 -49.01
N CYS C 482 -44.54 -23.66 -48.54
CA CYS C 482 -44.89 -23.37 -47.16
C CYS C 482 -46.40 -23.42 -46.95
N LEU C 483 -46.83 -24.08 -45.88
CA LEU C 483 -48.23 -24.19 -45.54
C LEU C 483 -48.62 -23.12 -44.52
N PRO C 484 -49.88 -22.70 -44.51
CA PRO C 484 -50.33 -21.74 -43.50
C PRO C 484 -50.19 -22.31 -42.09
N SER C 485 -49.87 -21.43 -41.15
CA SER C 485 -49.66 -21.87 -39.77
C SER C 485 -50.96 -22.26 -39.10
N GLN C 486 -50.95 -23.42 -38.45
CA GLN C 486 -52.07 -23.88 -37.65
C GLN C 486 -52.08 -23.30 -36.24
N LEU C 487 -51.00 -22.61 -35.88
CA LEU C 487 -50.87 -22.03 -34.52
C LEU C 487 -51.83 -20.85 -34.35
N PRO C 488 -52.43 -20.64 -33.17
CA PRO C 488 -53.41 -19.57 -32.98
C PRO C 488 -52.81 -18.22 -32.54
N GLU C 489 -53.66 -17.22 -32.35
CA GLU C 489 -53.19 -15.88 -31.88
C GLU C 489 -52.03 -15.38 -32.75
N SER C 490 -51.05 -14.72 -32.14
CA SER C 490 -49.89 -14.18 -32.90
C SER C 490 -48.73 -15.18 -32.81
N HIS C 491 -48.95 -16.32 -32.15
CA HIS C 491 -47.90 -17.37 -32.05
C HIS C 491 -47.55 -17.85 -33.46
N ARG C 492 -48.53 -17.81 -34.38
CA ARG C 492 -48.30 -18.26 -35.78
C ARG C 492 -47.14 -17.44 -36.39
N CYS C 493 -47.07 -16.15 -36.06
CA CYS C 493 -45.99 -15.28 -36.60
C CYS C 493 -44.65 -16.01 -36.55
N LEU C 494 -44.32 -16.62 -35.40
CA LEU C 494 -43.05 -17.33 -35.27
C LEU C 494 -42.94 -18.43 -36.30
N GLU C 495 -44.02 -19.19 -36.52
CA GLU C 495 -44.00 -20.29 -37.47
C GLU C 495 -44.16 -19.83 -38.92
N GLU C 496 -44.50 -18.57 -39.15
CA GLU C 496 -44.62 -18.03 -40.51
C GLU C 496 -43.23 -17.65 -41.00
N LEU C 497 -42.50 -18.65 -41.51
CA LEU C 497 -41.12 -18.47 -41.94
C LEU C 497 -40.90 -19.32 -43.18
N CYS C 498 -40.34 -18.71 -44.22
CA CYS C 498 -40.05 -19.41 -45.47
C CYS C 498 -38.57 -19.80 -45.52
N CYS C 499 -38.28 -20.82 -46.33
CA CYS C 499 -36.94 -21.37 -46.40
C CYS C 499 -35.93 -20.38 -46.98
N ARG C 500 -36.39 -19.37 -47.73
CA ARG C 500 -35.48 -18.43 -48.37
C ARG C 500 -36.12 -17.05 -48.44
N LYS C 501 -35.27 -16.03 -48.45
CA LYS C 501 -35.75 -14.65 -48.48
C LYS C 501 -36.28 -14.27 -49.86
N LYS C 502 -35.56 -14.65 -50.92
CA LYS C 502 -35.94 -14.31 -52.28
C LYS C 502 -36.69 -15.47 -52.94
N PRO C 503 -37.57 -15.18 -53.90
CA PRO C 503 -38.28 -16.27 -54.58
C PRO C 503 -37.33 -17.18 -55.35
N GLY C 504 -37.69 -18.45 -55.40
CA GLY C 504 -36.87 -19.43 -56.10
C GLY C 504 -37.23 -20.84 -55.66
N ALA C 505 -36.31 -21.76 -55.93
CA ALA C 505 -36.52 -23.16 -55.59
C ALA C 505 -36.46 -23.36 -54.08
N CYS C 506 -37.26 -24.31 -53.59
CA CYS C 506 -37.30 -24.62 -52.17
C CYS C 506 -36.08 -25.44 -51.77
N ILE C 507 -36.00 -25.79 -50.49
CA ILE C 507 -34.86 -26.55 -49.97
C ILE C 507 -35.26 -28.00 -49.74
N THR C 508 -36.54 -28.23 -49.45
CA THR C 508 -37.00 -29.61 -49.21
C THR C 508 -36.97 -30.45 -50.48
N THR C 509 -36.86 -29.82 -51.64
CA THR C 509 -36.77 -30.57 -52.90
C THR C 509 -35.40 -31.20 -53.10
N SER C 510 -34.37 -30.70 -52.40
CA SER C 510 -33.05 -31.31 -52.50
C SER C 510 -33.04 -32.69 -51.88
N GLU C 511 -32.34 -33.63 -52.54
CA GLU C 511 -32.30 -35.00 -52.04
C GLU C 511 -31.58 -35.11 -50.71
N LEU C 512 -30.72 -34.14 -50.38
CA LEU C 512 -30.04 -34.16 -49.08
C LEU C 512 -31.04 -34.05 -47.94
N PHE C 513 -32.03 -33.16 -48.07
CA PHE C 513 -33.08 -33.06 -47.07
C PHE C 513 -33.89 -34.36 -47.01
N ARG C 514 -34.03 -35.05 -48.13
CA ARG C 514 -34.80 -36.29 -48.15
C ARG C 514 -34.06 -37.41 -47.41
N LYS C 515 -32.77 -37.58 -47.69
CA LYS C 515 -32.01 -38.71 -47.18
C LYS C 515 -31.20 -38.38 -45.95
N LEU C 516 -31.35 -37.17 -45.40
CA LEU C 516 -30.70 -36.80 -44.14
C LEU C 516 -31.71 -36.49 -43.05
N VAL C 517 -32.67 -35.60 -43.34
CA VAL C 517 -33.68 -35.22 -42.36
C VAL C 517 -34.87 -36.14 -42.40
N LEU C 518 -35.39 -36.41 -43.60
CA LEU C 518 -36.57 -37.26 -43.76
C LEU C 518 -36.25 -38.75 -43.71
N SER C 519 -34.99 -39.14 -43.87
CA SER C 519 -34.64 -40.54 -43.94
C SER C 519 -34.92 -41.22 -42.61
N ARG C 520 -35.84 -42.19 -42.62
CA ARG C 520 -36.18 -42.90 -41.39
C ARG C 520 -35.02 -43.76 -40.89
N HIS C 521 -34.17 -44.22 -41.81
CA HIS C 521 -33.07 -45.10 -41.41
C HIS C 521 -32.06 -44.38 -40.53
N VAL C 522 -31.59 -43.20 -40.96
CA VAL C 522 -30.58 -42.49 -40.19
C VAL C 522 -31.15 -41.98 -38.88
N LEU C 523 -32.40 -41.51 -38.89
CA LEU C 523 -33.02 -41.07 -37.65
C LEU C 523 -33.19 -42.22 -36.68
N GLN C 524 -33.61 -43.39 -37.19
CA GLN C 524 -33.77 -44.55 -36.33
C GLN C 524 -32.43 -45.01 -35.78
N PHE C 525 -31.38 -44.95 -36.61
CA PHE C 525 -30.04 -45.30 -36.16
C PHE C 525 -29.57 -44.36 -35.06
N LEU C 526 -29.84 -43.06 -35.19
CA LEU C 526 -29.45 -42.13 -34.15
C LEU C 526 -30.23 -42.38 -32.87
N LEU C 527 -31.52 -42.74 -32.99
CA LEU C 527 -32.30 -43.07 -31.79
C LEU C 527 -31.74 -44.30 -31.09
N LEU C 528 -31.35 -45.31 -31.88
CA LEU C 528 -30.76 -46.55 -31.29
C LEU C 528 -29.45 -46.18 -30.58
N TYR C 529 -28.71 -45.22 -31.12
CA TYR C 529 -27.40 -44.85 -30.52
C TYR C 529 -27.62 -44.39 -29.08
N GLN C 530 -28.57 -43.49 -28.87
CA GLN C 530 -28.84 -42.97 -27.50
C GLN C 530 -29.45 -44.08 -26.65
N GLU C 531 -30.47 -44.78 -27.17
CA GLU C 531 -31.13 -45.87 -26.42
C GLU C 531 -30.99 -47.18 -27.20
N PRO C 532 -30.02 -48.06 -26.87
CA PRO C 532 -29.77 -49.27 -27.65
C PRO C 532 -30.93 -50.27 -27.56
N LEU C 533 -31.91 -50.02 -26.69
CA LEU C 533 -33.03 -50.94 -26.51
C LEU C 533 -34.34 -50.17 -26.49
N LEU C 534 -34.52 -49.27 -27.45
CA LEU C 534 -35.76 -48.52 -27.56
C LEU C 534 -36.83 -49.34 -28.26
N ALA C 535 -38.07 -49.19 -27.82
CA ALA C 535 -39.21 -49.85 -28.45
C ALA C 535 -39.59 -49.09 -29.71
N LEU C 536 -39.48 -49.74 -30.87
CA LEU C 536 -39.69 -49.09 -32.16
C LEU C 536 -41.09 -49.29 -32.71
N ASP C 537 -41.97 -49.98 -31.99
CA ASP C 537 -43.30 -50.29 -32.47
C ASP C 537 -44.38 -49.37 -31.91
N VAL C 538 -44.01 -48.34 -31.19
CA VAL C 538 -44.96 -47.43 -30.57
C VAL C 538 -45.01 -46.15 -31.39
N ASP C 539 -46.15 -45.45 -31.33
CA ASP C 539 -46.25 -44.14 -31.97
C ASP C 539 -45.31 -43.12 -31.34
N SER C 540 -44.87 -43.35 -30.10
CA SER C 540 -43.83 -42.51 -29.51
C SER C 540 -42.53 -42.61 -30.29
N THR C 541 -42.29 -43.75 -30.94
CA THR C 541 -41.14 -43.86 -31.84
C THR C 541 -41.28 -42.89 -33.00
N ASN C 542 -42.47 -42.79 -33.58
CA ASN C 542 -42.69 -41.80 -34.63
C ASN C 542 -42.56 -40.38 -34.09
N SER C 543 -43.04 -40.09 -32.87
CA SER C 543 -42.89 -38.75 -32.27
C SER C 543 -41.41 -38.42 -32.04
N ARG C 544 -40.62 -39.39 -31.53
CA ARG C 544 -39.17 -39.17 -31.33
C ARG C 544 -38.53 -39.03 -32.70
N LEU C 545 -38.98 -39.80 -33.68
CA LEU C 545 -38.43 -39.64 -35.06
C LEU C 545 -38.63 -38.18 -35.50
N ARG C 546 -39.83 -37.61 -35.33
CA ARG C 546 -40.15 -36.22 -35.68
C ARG C 546 -39.30 -35.20 -34.92
N HIS C 547 -39.15 -35.36 -33.61
CA HIS C 547 -38.27 -34.51 -32.80
C HIS C 547 -36.83 -34.53 -33.32
N CYS C 548 -36.32 -35.71 -33.70
CA CYS C 548 -34.92 -35.81 -34.19
C CYS C 548 -34.81 -35.11 -35.55
N ALA C 549 -35.84 -35.21 -36.39
CA ALA C 549 -35.83 -34.52 -37.70
C ALA C 549 -35.71 -33.01 -37.47
N TYR C 550 -36.44 -32.45 -36.48
CA TYR C 550 -36.32 -31.00 -36.18
C TYR C 550 -34.89 -30.68 -35.74
N ARG C 551 -34.36 -31.43 -34.77
CA ARG C 551 -33.02 -31.22 -34.21
C ARG C 551 -31.92 -31.44 -35.24
N CYS C 552 -32.10 -32.33 -36.21
CA CYS C 552 -31.07 -32.54 -37.26
C CYS C 552 -31.15 -31.41 -38.29
N TYR C 553 -32.36 -31.01 -38.69
CA TYR C 553 -32.43 -29.85 -39.60
C TYR C 553 -31.78 -28.66 -38.88
N ALA C 554 -32.06 -28.50 -37.59
CA ALA C 554 -31.50 -27.41 -36.82
C ALA C 554 -29.97 -27.51 -36.77
N THR C 555 -29.37 -28.68 -36.56
CA THR C 555 -27.91 -28.86 -36.48
C THR C 555 -27.30 -28.93 -37.89
N TRP C 556 -27.98 -29.59 -38.84
CA TRP C 556 -27.47 -29.59 -40.23
C TRP C 556 -27.38 -28.14 -40.71
N ARG C 557 -28.42 -27.35 -40.45
CA ARG C 557 -28.43 -25.98 -40.94
C ARG C 557 -27.62 -25.05 -40.05
N PHE C 558 -27.76 -25.19 -38.73
CA PHE C 558 -27.04 -24.36 -37.77
C PHE C 558 -25.92 -25.21 -37.18
N GLY C 559 -24.67 -24.82 -37.42
CA GLY C 559 -23.56 -25.67 -37.03
C GLY C 559 -23.49 -25.90 -35.53
N SER C 560 -23.61 -24.83 -34.76
CA SER C 560 -23.45 -24.93 -33.33
C SER C 560 -24.66 -25.62 -32.69
N GLN C 561 -24.42 -26.29 -31.56
CA GLN C 561 -25.52 -26.90 -30.81
C GLN C 561 -26.33 -25.85 -30.07
N ASP C 562 -25.67 -24.85 -29.47
CA ASP C 562 -26.39 -23.79 -28.77
C ASP C 562 -27.12 -22.87 -29.75
N MET C 563 -26.62 -22.77 -30.97
CA MET C 563 -27.33 -22.01 -32.00
C MET C 563 -28.51 -22.80 -32.55
N ALA C 564 -28.40 -24.14 -32.60
CA ALA C 564 -29.51 -24.97 -33.03
C ALA C 564 -30.53 -25.19 -31.93
N ASP C 565 -30.19 -24.86 -30.68
CA ASP C 565 -31.15 -24.96 -29.59
C ASP C 565 -32.32 -23.99 -29.79
N PHE C 566 -32.05 -22.82 -30.35
CA PHE C 566 -33.05 -21.79 -30.57
C PHE C 566 -33.48 -21.69 -32.03
N ALA C 567 -33.28 -22.76 -32.80
CA ALA C 567 -33.63 -22.76 -34.20
C ALA C 567 -35.14 -22.70 -34.38
N ILE C 568 -35.57 -22.02 -35.43
CA ILE C 568 -36.95 -22.06 -35.90
C ILE C 568 -36.94 -22.50 -37.35
N LEU C 569 -37.56 -23.64 -37.63
CA LEU C 569 -37.48 -24.23 -38.94
C LEU C 569 -38.41 -23.52 -39.91
N PRO C 570 -38.11 -23.58 -41.22
CA PRO C 570 -39.05 -23.03 -42.20
C PRO C 570 -40.35 -23.81 -42.20
N SER C 571 -41.43 -23.12 -42.60
CA SER C 571 -42.74 -23.74 -42.64
C SER C 571 -42.76 -24.94 -43.58
N CYS C 572 -42.10 -24.81 -44.73
CA CYS C 572 -42.07 -25.90 -45.70
C CYS C 572 -41.42 -27.14 -45.10
N CYS C 573 -40.22 -26.99 -44.53
CA CYS C 573 -39.52 -28.14 -43.95
C CYS C 573 -40.28 -28.70 -42.75
N ARG C 574 -40.80 -27.84 -41.87
CA ARG C 574 -41.55 -28.28 -40.67
C ARG C 574 -42.78 -29.07 -41.08
N TRP C 575 -43.52 -28.62 -42.08
CA TRP C 575 -44.73 -29.33 -42.48
C TRP C 575 -44.41 -30.59 -43.28
N ARG C 576 -43.32 -30.58 -44.04
CA ARG C 576 -42.87 -31.81 -44.69
C ARG C 576 -42.51 -32.86 -43.66
N ILE C 577 -41.81 -32.45 -42.59
CA ILE C 577 -41.48 -33.38 -41.51
C ILE C 577 -42.74 -33.91 -40.84
N ARG C 578 -43.70 -33.01 -40.58
CA ARG C 578 -44.95 -33.42 -39.88
C ARG C 578 -45.73 -34.40 -40.77
N LYS C 579 -45.74 -34.17 -42.09
CA LYS C 579 -46.39 -35.12 -42.99
C LYS C 579 -45.65 -36.47 -42.98
N GLU C 580 -44.33 -36.44 -43.01
CA GLU C 580 -43.55 -37.68 -43.03
C GLU C 580 -43.65 -38.42 -41.70
N PHE C 581 -43.89 -37.71 -40.61
CA PHE C 581 -44.02 -38.31 -39.27
C PHE C 581 -45.29 -37.76 -38.64
N PRO C 582 -46.46 -38.25 -39.05
CA PRO C 582 -47.72 -37.67 -38.58
C PRO C 582 -48.00 -38.01 -37.12
N LYS C 583 -48.61 -37.02 -36.46
CA LYS C 583 -49.27 -37.12 -35.14
C LYS C 583 -50.73 -36.82 -35.39
N SER C 584 -51.63 -37.76 -35.08
CA SER C 584 -53.05 -37.44 -35.18
C SER C 584 -53.71 -37.27 -33.81
N GLU C 585 -52.94 -37.34 -32.72
CA GLU C 585 -53.53 -37.23 -31.39
C GLU C 585 -54.14 -35.85 -31.17
N GLY C 586 -53.47 -34.80 -31.62
CA GLY C 586 -53.98 -33.47 -31.42
C GLY C 586 -53.22 -32.45 -32.25
N GLN C 587 -53.37 -31.17 -31.90
CA GLN C 587 -52.56 -30.10 -32.47
C GLN C 587 -51.05 -30.35 -32.20
N TYR C 588 -50.21 -30.02 -33.19
CA TYR C 588 -48.77 -29.97 -32.99
C TYR C 588 -48.38 -28.76 -32.13
N SER C 589 -47.34 -28.87 -31.30
CA SER C 589 -46.84 -27.75 -30.50
C SER C 589 -45.94 -26.81 -31.32
N GLY C 590 -45.78 -25.57 -30.86
CA GLY C 590 -44.87 -24.61 -31.49
C GLY C 590 -43.39 -24.86 -31.16
N PHE C 591 -42.52 -23.97 -31.66
CA PHE C 591 -41.20 -23.81 -31.05
C PHE C 591 -41.38 -23.29 -29.62
N LYS C 592 -40.81 -23.99 -28.63
CA LYS C 592 -40.73 -23.56 -27.23
C LYS C 592 -39.27 -23.45 -26.81
N SER C 593 -38.88 -22.30 -26.28
CA SER C 593 -37.52 -22.05 -25.85
C SER C 593 -37.19 -22.91 -24.63
N PRO C 594 -35.99 -23.51 -24.59
CA PRO C 594 -35.60 -24.29 -23.40
C PRO C 594 -35.50 -23.45 -22.14
N TYR C 595 -35.33 -22.14 -22.25
CA TYR C 595 -35.21 -21.28 -21.08
C TYR C 595 -36.38 -20.30 -21.00
#